data_6CZZ
#
_entry.id   6CZZ
#
_cell.length_a   189.668
_cell.length_b   53.288
_cell.length_c   137.921
_cell.angle_alpha   90.00
_cell.angle_beta   91.91
_cell.angle_gamma   90.00
#
_symmetry.space_group_name_H-M   'C 1 2 1'
#
loop_
_entity.id
_entity.type
_entity.pdbx_description
1 polymer 'Phosphoserine aminotransferase 1, chloroplastic'
2 non-polymer "PYRIDOXAL-5'-PHOSPHATE"
3 non-polymer PHOSPHOSERINE
4 non-polymer 'SODIUM ION'
5 water water
#
_entity_poly.entity_id   1
_entity_poly.type   'polypeptide(L)'
_entity_poly.pdbx_seq_one_letter_code
;SNARVFNFAAGPATLPENVLLKAQADLYNWRGSGMSVMEMSHRGKEFLSIIQKAESDLRQLLEIPQEYSVLFLQGGATTQ
FAALPLNLCKSDDTVDFVVTGSWGDKAVKEAKKYCKTNVIWSGKSEKYTKVPSFEELEQTPDAKYLHICANETIHGVEFK
DYPVPKNGFLVADMSSNFCSKPVDVSKFGVIYGGAQKNVGPSGVTIVIIRKDLIGNAQDITPVMLDYKIHDENSSLYNTP
PCFGIYMCGLVFEDLLEQGGLKEVEKKNQRKADLLYNAIEESNGFFRCPVEKSVRSLMNVPFTLEKSELEAEFIKEAAKE
KMVQLKGHRSVGGMRASIYNAMPLAGVEKLVAFMKDFQAKHA
;
_entity_poly.pdbx_strand_id   A,B,C,D
#
# COMPACT_ATOMS: atom_id res chain seq x y z
N ALA A 3 -29.31 30.19 15.86
CA ALA A 3 -29.19 29.15 14.84
C ALA A 3 -28.01 28.23 15.12
N ARG A 4 -28.06 27.01 14.61
CA ARG A 4 -26.89 26.14 14.70
C ARG A 4 -25.75 26.79 13.94
N VAL A 5 -24.54 26.59 14.43
CA VAL A 5 -23.35 27.15 13.83
C VAL A 5 -22.67 26.07 13.00
N PHE A 6 -21.71 26.48 12.17
CA PHE A 6 -20.76 25.52 11.61
C PHE A 6 -19.66 25.30 12.63
N ASN A 7 -19.54 24.08 13.10
CA ASN A 7 -18.75 23.77 14.27
C ASN A 7 -17.53 22.97 13.82
N PHE A 8 -16.36 23.63 13.81
CA PHE A 8 -15.14 23.07 13.25
C PHE A 8 -14.25 22.44 14.32
N ALA A 9 -14.84 22.10 15.46
CA ALA A 9 -14.09 21.48 16.54
C ALA A 9 -13.49 20.14 16.11
N ALA A 10 -12.31 19.84 16.68
CA ALA A 10 -11.58 18.62 16.37
C ALA A 10 -12.03 17.39 17.12
N GLY A 11 -12.99 17.48 18.06
CA GLY A 11 -13.36 16.30 18.79
C GLY A 11 -13.50 16.67 20.25
N PRO A 12 -14.71 16.50 20.84
CA PRO A 12 -15.97 16.11 20.21
C PRO A 12 -16.26 17.06 19.05
N ALA A 13 -17.24 16.72 18.23
CA ALA A 13 -17.30 17.33 16.92
C ALA A 13 -18.75 17.39 16.47
N THR A 14 -18.94 17.94 15.27
CA THR A 14 -20.27 18.09 14.70
C THR A 14 -20.86 16.73 14.32
N LEU A 15 -22.18 16.57 14.55
CA LEU A 15 -22.90 15.34 14.29
C LEU A 15 -24.02 15.62 13.30
N PRO A 16 -24.52 14.60 12.62
CA PRO A 16 -25.57 14.87 11.63
C PRO A 16 -26.85 15.34 12.29
N GLU A 17 -27.50 16.31 11.67
CA GLU A 17 -28.71 16.88 12.26
C GLU A 17 -29.85 15.88 12.31
N ASN A 18 -29.96 15.02 11.27
CA ASN A 18 -31.00 14.00 11.30
C ASN A 18 -30.76 12.99 12.40
N VAL A 19 -29.49 12.69 12.71
CA VAL A 19 -29.17 11.77 13.79
C VAL A 19 -29.51 12.41 15.13
N LEU A 20 -29.15 13.70 15.31
CA LEU A 20 -29.47 14.38 16.55
C LEU A 20 -30.98 14.44 16.77
N LEU A 21 -31.73 14.69 15.70
CA LEU A 21 -33.17 14.79 15.83
C LEU A 21 -33.83 13.45 16.06
N LYS A 22 -33.27 12.38 15.51
CA LYS A 22 -33.77 11.03 15.82
C LYS A 22 -33.58 10.74 17.31
N ALA A 23 -32.40 11.06 17.84
CA ALA A 23 -32.12 10.84 19.25
C ALA A 23 -33.07 11.65 20.11
N GLN A 24 -33.32 12.89 19.69
CA GLN A 24 -34.24 13.76 20.43
C GLN A 24 -35.65 13.19 20.49
N ALA A 25 -36.16 12.69 19.37
CA ALA A 25 -37.51 12.16 19.35
C ALA A 25 -37.64 10.82 20.08
N ASP A 26 -36.55 10.07 20.26
CA ASP A 26 -36.67 8.84 21.02
C ASP A 26 -36.19 8.96 22.47
N LEU A 27 -35.73 10.14 22.91
CA LEU A 27 -35.01 10.25 24.18
C LEU A 27 -35.88 9.86 25.38
N TYR A 28 -37.12 10.34 25.42
CA TYR A 28 -38.01 10.08 26.57
C TYR A 28 -38.52 8.64 26.59
N ASN A 29 -38.75 8.03 25.42
CA ASN A 29 -39.36 6.70 25.35
C ASN A 29 -38.94 6.10 24.00
N TRP A 30 -37.92 5.27 24.01
CA TRP A 30 -37.39 4.73 22.76
C TRP A 30 -38.38 3.74 22.16
N ARG A 31 -38.91 4.09 20.98
CA ARG A 31 -39.81 3.19 20.21
C ARG A 31 -40.93 2.62 21.07
N GLY A 32 -41.55 3.47 21.88
CA GLY A 32 -42.63 3.00 22.73
C GLY A 32 -42.29 1.87 23.67
N SER A 33 -41.01 1.60 23.90
CA SER A 33 -40.58 0.57 24.84
C SER A 33 -40.89 0.93 26.29
N GLY A 34 -41.17 2.19 26.57
CA GLY A 34 -41.54 2.61 27.91
C GLY A 34 -40.41 3.24 28.69
N MET A 35 -39.24 3.35 28.09
CA MET A 35 -38.10 3.97 28.78
C MET A 35 -37.14 4.58 27.76
N SER A 36 -36.25 5.43 28.28
CA SER A 36 -35.18 5.99 27.48
C SER A 36 -34.09 4.95 27.27
N VAL A 37 -33.33 5.07 26.18
CA VAL A 37 -32.08 4.29 26.09
C VAL A 37 -31.29 4.52 27.35
N MET A 38 -31.41 5.72 27.94
CA MET A 38 -30.55 6.05 29.06
C MET A 38 -30.95 5.31 30.32
N GLU A 39 -32.10 4.64 30.31
CA GLU A 39 -32.62 3.88 31.46
C GLU A 39 -32.61 2.39 31.24
N MET A 40 -32.14 1.91 30.10
CA MET A 40 -32.22 0.50 29.76
C MET A 40 -31.14 -0.30 30.46
N SER A 41 -31.52 -1.48 30.95
CA SER A 41 -30.51 -2.39 31.49
C SER A 41 -29.63 -2.89 30.34
N HIS A 42 -28.30 -2.88 30.54
CA HIS A 42 -27.41 -3.42 29.52
C HIS A 42 -27.60 -4.91 29.33
N ARG A 43 -28.24 -5.59 30.30
CA ARG A 43 -28.55 -7.02 30.21
C ARG A 43 -29.97 -7.28 29.68
N GLY A 44 -30.70 -6.27 29.21
CA GLY A 44 -32.03 -6.47 28.67
C GLY A 44 -32.05 -6.49 27.15
N LYS A 45 -33.19 -6.93 26.57
CA LYS A 45 -33.20 -7.21 25.12
C LYS A 45 -33.16 -5.94 24.27
N GLU A 46 -33.72 -4.85 24.77
CA GLU A 46 -33.69 -3.63 23.95
C GLU A 46 -32.25 -3.17 23.75
N PHE A 47 -31.47 -3.08 24.83
CA PHE A 47 -30.11 -2.62 24.64
C PHE A 47 -29.30 -3.66 23.85
N LEU A 48 -29.55 -4.95 24.08
CA LEU A 48 -28.84 -5.95 23.28
C LEU A 48 -29.08 -5.73 21.80
N SER A 49 -30.31 -5.37 21.45
CA SER A 49 -30.65 -5.17 20.06
C SER A 49 -29.88 -3.98 19.51
N ILE A 50 -29.68 -2.95 20.35
CA ILE A 50 -28.99 -1.74 19.90
C ILE A 50 -27.50 -2.02 19.70
N ILE A 51 -26.85 -2.64 20.67
CA ILE A 51 -25.40 -2.81 20.51
C ILE A 51 -25.11 -3.82 19.40
N GLN A 52 -25.99 -4.81 19.25
CA GLN A 52 -25.79 -5.80 18.18
C GLN A 52 -25.92 -5.16 16.81
N LYS A 53 -26.90 -4.27 16.61
CA LYS A 53 -27.01 -3.61 15.32
C LYS A 53 -25.89 -2.60 15.10
N ALA A 54 -25.44 -1.92 16.16
CA ALA A 54 -24.33 -1.00 15.96
C ALA A 54 -23.10 -1.78 15.50
N GLU A 55 -22.92 -2.99 16.03
CA GLU A 55 -21.75 -3.77 15.64
C GLU A 55 -21.91 -4.23 14.21
N SER A 56 -23.08 -4.76 13.84
CA SER A 56 -23.19 -5.27 12.47
C SER A 56 -23.16 -4.13 11.46
N ASP A 57 -23.74 -2.97 11.81
CA ASP A 57 -23.68 -1.84 10.88
C ASP A 57 -22.23 -1.40 10.64
N LEU A 58 -21.43 -1.35 11.71
CA LEU A 58 -20.02 -0.98 11.57
C LEU A 58 -19.26 -2.04 10.80
N ARG A 59 -19.59 -3.28 11.01
CA ARG A 59 -18.98 -4.32 10.24
C ARG A 59 -19.32 -4.16 8.74
N GLN A 60 -20.56 -3.89 8.41
CA GLN A 60 -20.92 -3.62 7.02
C GLN A 60 -20.12 -2.43 6.45
N LEU A 61 -20.05 -1.33 7.19
CA LEU A 61 -19.43 -0.10 6.70
C LEU A 61 -17.97 -0.29 6.37
N LEU A 62 -17.22 -0.89 7.30
CA LEU A 62 -15.80 -1.08 7.08
C LEU A 62 -15.46 -2.43 6.46
N GLU A 63 -16.44 -3.25 6.15
CA GLU A 63 -16.15 -4.56 5.57
C GLU A 63 -15.22 -5.38 6.47
N ILE A 64 -15.56 -5.39 7.75
CA ILE A 64 -14.79 -6.09 8.73
C ILE A 64 -14.94 -7.61 8.60
N PRO A 65 -13.81 -8.29 8.48
CA PRO A 65 -13.82 -9.74 8.35
C PRO A 65 -14.29 -10.43 9.60
N GLN A 66 -14.79 -11.63 9.37
CA GLN A 66 -15.36 -12.40 10.45
C GLN A 66 -14.35 -12.64 11.53
N GLU A 67 -13.07 -12.76 11.19
CA GLU A 67 -12.12 -13.17 12.20
C GLU A 67 -11.61 -12.03 13.03
N TYR A 68 -12.29 -10.89 13.01
CA TYR A 68 -12.00 -9.75 13.88
C TYR A 68 -13.14 -9.55 14.86
N SER A 69 -12.80 -9.19 16.08
CA SER A 69 -13.75 -8.73 17.08
C SER A 69 -13.89 -7.22 17.02
N VAL A 70 -15.09 -6.75 17.35
CA VAL A 70 -15.40 -5.32 17.50
C VAL A 70 -15.77 -5.07 18.98
N LEU A 71 -15.01 -4.22 19.66
CA LEU A 71 -15.26 -3.93 21.08
C LEU A 71 -15.67 -2.47 21.23
N PHE A 72 -16.67 -2.22 22.05
CA PHE A 72 -17.15 -0.87 22.36
C PHE A 72 -16.80 -0.60 23.81
N LEU A 73 -15.83 0.29 24.05
CA LEU A 73 -15.24 0.43 25.38
C LEU A 73 -15.30 1.87 25.87
N GLN A 74 -15.00 2.02 27.16
CA GLN A 74 -14.78 3.35 27.75
C GLN A 74 -13.30 3.68 27.85
N GLY A 75 -13.03 4.93 28.19
CA GLY A 75 -11.66 5.35 28.52
C GLY A 75 -10.97 6.18 27.46
N GLY A 76 -11.55 6.38 26.30
CA GLY A 76 -10.86 7.15 25.27
C GLY A 76 -9.77 6.37 24.55
N ALA A 77 -9.31 6.93 23.44
CA ALA A 77 -8.14 6.36 22.80
C ALA A 77 -6.94 6.38 23.74
N THR A 78 -6.87 7.36 24.66
CA THR A 78 -5.70 7.43 25.53
C THR A 78 -5.58 6.19 26.42
N THR A 79 -6.72 5.64 26.85
CA THR A 79 -6.70 4.39 27.57
C THR A 79 -6.11 3.26 26.71
N GLN A 80 -6.34 3.31 25.40
CA GLN A 80 -5.80 2.27 24.52
C GLN A 80 -4.27 2.38 24.39
N PHE A 81 -3.70 3.57 24.61
CA PHE A 81 -2.25 3.71 24.60
C PHE A 81 -1.62 2.80 25.64
N ALA A 82 -2.31 2.58 26.77
CA ALA A 82 -1.88 1.58 27.76
C ALA A 82 -2.37 0.18 27.42
N ALA A 83 -3.64 0.03 27.03
CA ALA A 83 -4.17 -1.33 26.82
C ALA A 83 -3.44 -2.09 25.70
N LEU A 84 -2.95 -1.40 24.69
CA LEU A 84 -2.37 -2.11 23.55
C LEU A 84 -1.14 -2.89 23.98
N PRO A 85 -0.12 -2.28 24.58
CA PRO A 85 1.04 -3.07 24.98
C PRO A 85 0.75 -3.98 26.16
N LEU A 86 -0.17 -3.59 27.06
CA LEU A 86 -0.49 -4.48 28.17
C LEU A 86 -1.07 -5.79 27.65
N ASN A 87 -1.90 -5.73 26.62
CA ASN A 87 -2.55 -6.93 26.12
C ASN A 87 -1.65 -7.70 25.17
N LEU A 88 -0.93 -6.99 24.30
CA LEU A 88 -0.30 -7.55 23.10
C LEU A 88 1.18 -7.89 23.31
N CYS A 89 1.79 -7.42 24.40
CA CYS A 89 3.20 -7.58 24.64
C CYS A 89 3.48 -8.17 26.03
N LYS A 90 4.58 -8.88 26.12
CA LYS A 90 5.20 -9.11 27.41
C LYS A 90 6.07 -7.90 27.72
N SER A 91 6.50 -7.78 28.97
CA SER A 91 7.22 -6.58 29.36
C SER A 91 8.60 -6.49 28.73
N ASP A 92 9.14 -7.60 28.23
CA ASP A 92 10.42 -7.53 27.54
C ASP A 92 10.27 -7.60 26.03
N ASP A 93 9.06 -7.42 25.50
CA ASP A 93 8.88 -7.30 24.06
C ASP A 93 9.15 -5.87 23.62
N THR A 94 9.26 -5.67 22.31
CA THR A 94 9.54 -4.38 21.70
C THR A 94 8.42 -4.05 20.73
N VAL A 95 7.99 -2.77 20.73
CA VAL A 95 7.01 -2.22 19.79
C VAL A 95 7.72 -1.16 18.94
N ASP A 96 7.56 -1.21 17.60
CA ASP A 96 8.01 -0.14 16.71
C ASP A 96 6.94 0.94 16.54
N PHE A 97 7.37 2.20 16.49
CA PHE A 97 6.49 3.33 16.23
C PHE A 97 7.03 4.11 15.04
N VAL A 98 6.13 4.46 14.14
CA VAL A 98 6.35 5.51 13.16
C VAL A 98 5.58 6.71 13.65
N VAL A 99 6.27 7.80 14.03
CA VAL A 99 5.63 8.96 14.66
C VAL A 99 5.50 10.08 13.63
N THR A 100 4.26 10.45 13.27
CA THR A 100 3.98 11.48 12.27
C THR A 100 3.31 12.70 12.89
N GLY A 101 3.16 12.70 14.22
CA GLY A 101 2.61 13.87 14.88
C GLY A 101 2.58 13.61 16.36
N SER A 102 1.92 14.49 17.11
CA SER A 102 2.01 14.38 18.56
C SER A 102 1.11 13.31 19.16
N TRP A 103 0.10 12.82 18.43
CA TRP A 103 -0.67 11.73 19.02
C TRP A 103 0.14 10.43 19.05
N GLY A 104 0.92 10.18 18.01
CA GLY A 104 1.81 9.06 18.02
C GLY A 104 2.84 9.17 19.13
N ASP A 105 3.33 10.39 19.35
CA ASP A 105 4.26 10.61 20.44
C ASP A 105 3.62 10.30 21.80
N LYS A 106 2.33 10.63 21.99
CA LYS A 106 1.71 10.28 23.27
C LYS A 106 1.57 8.78 23.42
N ALA A 107 1.35 8.07 22.32
CA ALA A 107 1.26 6.61 22.42
C ALA A 107 2.59 5.97 22.73
N VAL A 108 3.70 6.52 22.22
CA VAL A 108 5.03 6.00 22.61
C VAL A 108 5.25 6.14 24.11
N LYS A 109 5.01 7.33 24.64
CA LYS A 109 5.35 7.60 26.03
C LYS A 109 4.58 6.68 26.96
N GLU A 110 3.33 6.40 26.63
CA GLU A 110 2.56 5.52 27.50
C GLU A 110 3.02 4.07 27.36
N ALA A 111 3.33 3.63 26.14
CA ALA A 111 3.72 2.23 25.94
C ALA A 111 5.02 1.89 26.65
N LYS A 112 5.89 2.89 26.80
CA LYS A 112 7.17 2.67 27.47
C LYS A 112 7.02 2.24 28.93
N LYS A 113 5.84 2.48 29.53
CA LYS A 113 5.58 1.96 30.87
C LYS A 113 5.50 0.46 30.89
N TYR A 114 5.16 -0.15 29.74
CA TYR A 114 4.74 -1.54 29.72
C TYR A 114 5.59 -2.46 28.87
N CYS A 115 6.41 -1.95 27.96
CA CYS A 115 7.33 -2.76 27.18
C CYS A 115 8.41 -1.83 26.64
N LYS A 116 9.28 -2.36 25.77
CA LYS A 116 10.26 -1.52 25.10
C LYS A 116 9.67 -0.91 23.83
N THR A 117 10.15 0.29 23.48
CA THR A 117 9.66 1.01 22.31
C THR A 117 10.82 1.49 21.47
N ASN A 118 10.71 1.35 20.13
CA ASN A 118 11.66 1.92 19.19
C ASN A 118 10.89 2.85 18.26
N VAL A 119 11.29 4.12 18.23
CA VAL A 119 10.73 5.07 17.28
C VAL A 119 11.56 4.97 16.02
N ILE A 120 11.08 4.19 15.06
CA ILE A 120 11.92 3.93 13.91
C ILE A 120 11.89 5.08 12.91
N TRP A 121 10.88 5.92 12.97
CA TRP A 121 10.90 7.09 12.12
C TRP A 121 10.10 8.17 12.80
N SER A 122 10.58 9.41 12.76
CA SER A 122 9.83 10.50 13.36
C SER A 122 9.82 11.74 12.44
N GLY A 123 8.66 12.37 12.33
CA GLY A 123 8.55 13.54 11.49
C GLY A 123 8.85 14.86 12.18
N LYS A 124 9.29 14.81 13.44
CA LYS A 124 9.42 16.01 14.24
C LYS A 124 10.42 16.98 13.63
N SER A 125 11.54 16.47 13.10
CA SER A 125 12.59 17.33 12.57
C SER A 125 12.13 18.23 11.41
N GLU A 126 11.02 17.88 10.74
CA GLU A 126 10.44 18.74 9.70
C GLU A 126 9.04 19.19 10.09
N LYS A 127 8.83 19.29 11.41
CA LYS A 127 7.63 19.83 11.99
C LYS A 127 6.41 18.97 11.67
N TYR A 128 6.57 17.65 11.62
CA TYR A 128 5.43 16.76 11.44
C TYR A 128 4.63 17.14 10.20
N THR A 129 5.30 17.09 9.06
CA THR A 129 4.66 17.44 7.81
C THR A 129 4.67 16.35 6.75
N LYS A 130 5.21 15.17 7.03
CA LYS A 130 5.42 14.13 6.01
C LYS A 130 5.14 12.75 6.58
N VAL A 131 5.02 11.78 5.66
CA VAL A 131 4.93 10.34 5.96
C VAL A 131 6.17 9.70 5.34
N PRO A 132 6.80 8.73 6.01
CA PRO A 132 8.02 8.13 5.46
C PRO A 132 7.72 7.32 4.21
N SER A 133 8.78 7.08 3.43
CA SER A 133 8.75 6.04 2.40
C SER A 133 8.77 4.66 3.07
N PHE A 134 7.76 3.83 2.81
CA PHE A 134 7.63 2.63 3.64
C PHE A 134 8.78 1.65 3.42
N GLU A 135 9.24 1.48 2.15
CA GLU A 135 10.23 0.45 1.87
C GLU A 135 11.55 0.75 2.55
N GLU A 136 11.77 2.00 2.84
CA GLU A 136 12.99 2.41 3.46
C GLU A 136 12.98 2.36 4.98
N LEU A 137 11.85 2.07 5.57
CA LEU A 137 11.76 2.02 7.03
C LEU A 137 12.62 0.90 7.56
N GLU A 138 13.25 1.15 8.71
CA GLU A 138 14.14 0.17 9.33
C GLU A 138 13.40 -0.45 10.51
N GLN A 139 12.70 -1.54 10.25
CA GLN A 139 11.89 -2.12 11.31
C GLN A 139 12.71 -3.04 12.18
N THR A 140 12.33 -3.12 13.44
CA THR A 140 13.10 -3.93 14.37
C THR A 140 12.80 -5.40 14.14
N PRO A 141 13.82 -6.26 14.09
CA PRO A 141 13.60 -7.65 13.71
C PRO A 141 12.60 -8.41 14.55
N ASP A 142 12.48 -8.11 15.86
CA ASP A 142 11.59 -8.89 16.69
C ASP A 142 10.42 -8.06 17.20
N ALA A 143 10.11 -6.95 16.54
CA ALA A 143 9.05 -6.08 17.03
C ALA A 143 7.73 -6.83 16.99
N LYS A 144 7.01 -6.79 18.11
CA LYS A 144 5.70 -7.44 18.19
C LYS A 144 4.70 -6.80 17.25
N TYR A 145 4.73 -5.47 17.13
CA TYR A 145 3.83 -4.78 16.23
C TYR A 145 4.41 -3.40 15.91
N LEU A 146 3.84 -2.81 14.87
CA LEU A 146 4.23 -1.50 14.35
C LEU A 146 3.02 -0.59 14.53
N HIS A 147 3.20 0.50 15.27
CA HIS A 147 2.11 1.43 15.57
C HIS A 147 2.21 2.67 14.70
N ILE A 148 1.06 3.10 14.13
CA ILE A 148 0.94 4.35 13.39
C ILE A 148 -0.28 5.08 13.93
N CYS A 149 -0.29 6.38 13.77
CA CYS A 149 -1.51 7.18 13.97
C CYS A 149 -1.91 7.60 12.56
N ALA A 150 -3.03 7.06 12.08
CA ALA A 150 -3.38 7.14 10.66
C ALA A 150 -3.71 8.57 10.24
N ASN A 151 -4.25 9.37 11.16
CA ASN A 151 -4.58 10.76 10.90
C ASN A 151 -4.14 11.53 12.14
N GLU A 152 -3.07 12.29 12.01
CA GLU A 152 -2.55 13.09 13.12
C GLU A 152 -3.35 14.39 13.18
N THR A 153 -4.24 14.44 14.17
CA THR A 153 -5.36 15.40 14.24
C THR A 153 -4.87 16.83 14.37
N ILE A 154 -3.76 17.04 15.09
CA ILE A 154 -3.23 18.39 15.32
C ILE A 154 -2.38 18.84 14.14
N HIS A 155 -1.69 17.91 13.49
CA HIS A 155 -0.69 18.28 12.50
C HIS A 155 -1.18 18.11 11.08
N GLY A 156 -2.38 17.51 10.90
CA GLY A 156 -2.97 17.37 9.57
C GLY A 156 -2.31 16.39 8.63
N VAL A 157 -1.60 15.39 9.15
CA VAL A 157 -0.86 14.41 8.35
C VAL A 157 -1.68 13.13 8.33
N GLU A 158 -1.99 12.62 7.13
CA GLU A 158 -2.84 11.43 6.99
C GLU A 158 -2.21 10.41 6.08
N PHE A 159 -2.14 9.17 6.58
CA PHE A 159 -1.74 8.03 5.77
C PHE A 159 -2.78 7.76 4.69
N LYS A 160 -2.33 7.64 3.45
CA LYS A 160 -3.22 7.23 2.37
C LYS A 160 -3.10 5.75 2.05
N ASP A 161 -1.96 5.17 2.31
CA ASP A 161 -1.82 3.72 2.31
C ASP A 161 -0.93 3.39 3.48
N TYR A 162 -0.68 2.10 3.66
CA TYR A 162 -0.16 1.71 4.95
C TYR A 162 1.15 0.94 4.79
N PRO A 163 2.04 1.09 5.76
CA PRO A 163 3.24 0.24 5.80
C PRO A 163 2.90 -1.21 6.10
N VAL A 164 3.81 -2.09 5.70
CA VAL A 164 3.68 -3.52 5.90
C VAL A 164 4.60 -3.91 7.05
N PRO A 165 4.06 -4.37 8.18
CA PRO A 165 4.93 -4.72 9.32
C PRO A 165 5.81 -5.90 8.98
N LYS A 166 7.07 -5.82 9.39
CA LYS A 166 8.03 -6.88 9.05
C LYS A 166 7.81 -8.11 9.93
N ASN A 167 8.04 -7.99 11.24
CA ASN A 167 7.93 -9.16 12.10
C ASN A 167 6.53 -9.43 12.59
N GLY A 168 5.76 -8.38 12.93
CA GLY A 168 4.48 -8.57 13.60
C GLY A 168 3.34 -8.01 12.77
N PHE A 169 2.40 -7.37 13.44
CA PHE A 169 1.17 -6.86 12.82
C PHE A 169 1.12 -5.36 12.97
N LEU A 170 0.15 -4.76 12.28
CA LEU A 170 0.02 -3.31 12.21
C LEU A 170 -1.08 -2.84 13.16
N VAL A 171 -0.79 -1.81 13.95
CA VAL A 171 -1.76 -1.19 14.85
C VAL A 171 -1.89 0.25 14.39
N ALA A 172 -3.13 0.72 14.20
CA ALA A 172 -3.36 2.11 13.79
C ALA A 172 -4.40 2.79 14.68
N ASP A 173 -4.02 3.93 15.24
CA ASP A 173 -4.94 4.88 15.87
C ASP A 173 -5.64 5.61 14.74
N MET A 174 -6.92 5.29 14.51
CA MET A 174 -7.71 5.94 13.49
C MET A 174 -8.77 6.84 14.08
N SER A 175 -8.59 7.30 15.33
CA SER A 175 -9.55 8.18 15.96
C SER A 175 -10.11 9.26 15.02
N SER A 176 -9.25 10.05 14.38
CA SER A 176 -9.82 11.22 13.70
C SER A 176 -10.07 11.02 12.22
N ASN A 177 -9.95 9.81 11.69
CA ASN A 177 -10.47 9.58 10.34
C ASN A 177 -11.28 8.28 10.30
N PHE A 178 -11.79 7.85 11.46
CA PHE A 178 -12.54 6.59 11.57
C PHE A 178 -13.83 6.66 10.76
N CYS A 179 -14.06 5.64 9.93
CA CYS A 179 -15.21 5.59 9.03
C CYS A 179 -15.30 6.82 8.12
N SER A 180 -14.16 7.41 7.74
CA SER A 180 -14.13 8.41 6.68
C SER A 180 -13.93 7.82 5.27
N LYS A 181 -13.63 6.53 5.15
CA LYS A 181 -13.22 5.96 3.88
C LYS A 181 -13.06 4.46 4.08
N PRO A 182 -13.10 3.68 3.01
CA PRO A 182 -12.80 2.26 3.16
C PRO A 182 -11.40 2.04 3.69
N VAL A 183 -11.27 0.94 4.41
CA VAL A 183 -9.99 0.50 4.99
C VAL A 183 -9.96 -1.00 4.78
N ASP A 184 -8.85 -1.52 4.28
CA ASP A 184 -8.67 -2.97 4.22
C ASP A 184 -8.26 -3.44 5.62
N VAL A 185 -9.25 -3.85 6.42
CA VAL A 185 -8.99 -4.21 7.82
C VAL A 185 -8.01 -5.38 7.90
N SER A 186 -8.00 -6.27 6.90
CA SER A 186 -7.15 -7.45 6.98
C SER A 186 -5.66 -7.11 6.99
N LYS A 187 -5.29 -5.87 6.66
CA LYS A 187 -3.91 -5.40 6.75
C LYS A 187 -3.48 -5.12 8.18
N PHE A 188 -4.42 -5.05 9.11
CA PHE A 188 -4.17 -4.61 10.48
C PHE A 188 -4.37 -5.71 11.50
N GLY A 189 -3.59 -5.68 12.57
CA GLY A 189 -3.93 -6.49 13.71
C GLY A 189 -4.95 -5.77 14.60
N VAL A 190 -4.80 -4.45 14.78
CA VAL A 190 -5.72 -3.65 15.59
C VAL A 190 -5.91 -2.30 14.93
N ILE A 191 -7.18 -1.87 14.85
CA ILE A 191 -7.56 -0.48 14.56
C ILE A 191 -8.34 0.01 15.77
N TYR A 192 -8.05 1.22 16.24
CA TYR A 192 -8.83 1.75 17.35
C TYR A 192 -9.06 3.22 17.14
N GLY A 193 -10.06 3.75 17.84
CA GLY A 193 -10.39 5.16 17.70
C GLY A 193 -11.40 5.64 18.74
N GLY A 194 -11.17 6.78 19.37
CA GLY A 194 -12.24 7.44 20.07
C GLY A 194 -13.37 7.78 19.11
N ALA A 195 -14.60 7.57 19.54
CA ALA A 195 -15.73 7.84 18.64
C ALA A 195 -15.97 9.32 18.42
N GLN A 196 -15.51 10.18 19.32
CA GLN A 196 -15.99 11.56 19.33
C GLN A 196 -15.42 12.41 18.20
N LYS A 197 -14.38 11.97 17.53
CA LYS A 197 -13.87 12.78 16.42
C LYS A 197 -14.82 12.65 15.26
N ASN A 198 -15.06 11.45 14.75
CA ASN A 198 -15.81 11.31 13.51
C ASN A 198 -17.11 10.48 13.55
N VAL A 199 -17.45 9.71 14.62
CA VAL A 199 -18.58 8.77 14.64
C VAL A 199 -19.53 8.72 15.86
N GLY A 200 -19.55 9.74 16.73
CA GLY A 200 -20.47 9.76 17.86
C GLY A 200 -20.04 10.78 18.91
N PRO A 201 -20.63 10.70 20.10
CA PRO A 201 -20.25 11.58 21.20
C PRO A 201 -19.09 10.93 21.93
N SER A 202 -18.46 11.70 22.81
CA SER A 202 -17.37 11.06 23.53
CA SER A 202 -17.37 11.14 23.61
C SER A 202 -17.93 10.15 24.62
N GLY A 203 -17.09 9.21 25.03
CA GLY A 203 -17.48 8.22 26.02
C GLY A 203 -17.39 6.83 25.50
N VAL A 204 -17.21 6.69 24.18
CA VAL A 204 -17.03 5.40 23.50
C VAL A 204 -15.71 5.40 22.72
N THR A 205 -14.97 4.29 22.84
CA THR A 205 -13.81 4.00 22.03
C THR A 205 -14.04 2.67 21.33
N ILE A 206 -13.76 2.58 20.02
CA ILE A 206 -13.96 1.33 19.29
C ILE A 206 -12.62 0.66 19.07
N VAL A 207 -12.58 -0.65 19.28
CA VAL A 207 -11.36 -1.43 19.07
C VAL A 207 -11.74 -2.56 18.14
N ILE A 208 -11.09 -2.63 16.97
CA ILE A 208 -11.28 -3.74 16.02
C ILE A 208 -10.02 -4.56 16.09
N ILE A 209 -10.11 -5.84 16.52
CA ILE A 209 -8.89 -6.57 16.84
C ILE A 209 -8.99 -8.00 16.31
N ARG A 210 -7.95 -8.44 15.60
CA ARG A 210 -7.92 -9.79 15.04
C ARG A 210 -8.07 -10.83 16.14
N LYS A 211 -8.96 -11.82 15.97
CA LYS A 211 -9.32 -12.66 17.11
C LYS A 211 -8.12 -13.42 17.66
N ASP A 212 -7.16 -13.77 16.82
CA ASP A 212 -6.05 -14.55 17.34
C ASP A 212 -5.04 -13.72 18.13
N LEU A 213 -5.27 -12.43 18.27
CA LEU A 213 -4.41 -11.57 19.07
C LEU A 213 -4.97 -11.32 20.46
N ILE A 214 -6.19 -11.78 20.73
CA ILE A 214 -6.84 -11.60 22.01
C ILE A 214 -6.35 -12.65 23.01
N GLY A 215 -6.08 -12.21 24.23
CA GLY A 215 -5.71 -13.09 25.32
C GLY A 215 -4.27 -12.88 25.76
N ASN A 216 -3.97 -13.46 26.91
CA ASN A 216 -2.63 -13.42 27.46
C ASN A 216 -2.14 -11.99 27.68
N ALA A 217 -3.00 -11.13 28.22
CA ALA A 217 -2.52 -9.84 28.68
C ALA A 217 -1.56 -10.02 29.86
N GLN A 218 -0.75 -8.97 30.12
CA GLN A 218 0.14 -8.95 31.26
C GLN A 218 -0.64 -9.02 32.58
N ASP A 219 0.00 -9.61 33.59
CA ASP A 219 -0.72 -9.83 34.83
CA ASP A 219 -0.59 -9.81 34.92
C ASP A 219 -1.15 -8.52 35.48
N ILE A 220 -0.43 -7.41 35.25
CA ILE A 220 -0.79 -6.10 35.80
C ILE A 220 -1.92 -5.42 35.04
N THR A 221 -2.43 -6.02 33.96
CA THR A 221 -3.50 -5.38 33.17
C THR A 221 -4.78 -5.24 34.02
N PRO A 222 -5.27 -4.02 34.25
CA PRO A 222 -6.60 -3.87 34.88
C PRO A 222 -7.64 -4.67 34.12
N VAL A 223 -8.57 -5.30 34.86
CA VAL A 223 -9.57 -6.11 34.16
C VAL A 223 -10.31 -5.25 33.14
N MET A 224 -10.47 -3.96 33.43
CA MET A 224 -11.20 -3.11 32.51
C MET A 224 -10.40 -2.73 31.27
N LEU A 225 -9.11 -3.07 31.20
CA LEU A 225 -8.35 -2.86 29.98
C LEU A 225 -8.07 -4.16 29.23
N ASP A 226 -8.63 -5.28 29.67
CA ASP A 226 -8.31 -6.61 29.14
C ASP A 226 -9.18 -6.97 27.95
N TYR A 227 -8.58 -7.19 26.77
CA TYR A 227 -9.37 -7.46 25.57
C TYR A 227 -10.12 -8.77 25.67
N LYS A 228 -9.51 -9.85 26.18
CA LYS A 228 -10.26 -11.10 26.30
C LYS A 228 -11.50 -10.93 27.21
N ILE A 229 -11.40 -10.16 28.28
CA ILE A 229 -12.57 -9.94 29.14
C ILE A 229 -13.67 -9.29 28.32
N HIS A 230 -13.32 -8.24 27.61
CA HIS A 230 -14.32 -7.53 26.83
C HIS A 230 -14.86 -8.38 25.70
N ASP A 231 -13.98 -9.10 25.02
CA ASP A 231 -14.43 -9.92 23.89
C ASP A 231 -15.35 -11.03 24.38
N GLU A 232 -14.95 -11.74 25.44
CA GLU A 232 -15.77 -12.89 25.79
C GLU A 232 -17.10 -12.46 26.39
N ASN A 233 -17.22 -11.20 26.83
CA ASN A 233 -18.47 -10.69 27.36
C ASN A 233 -19.20 -9.78 26.39
N SER A 234 -18.70 -9.70 25.14
CA SER A 234 -19.33 -8.90 24.07
C SER A 234 -19.52 -7.46 24.49
N SER A 235 -18.49 -6.89 25.10
CA SER A 235 -18.44 -5.51 25.59
C SER A 235 -19.42 -5.23 26.72
N LEU A 236 -19.95 -6.26 27.36
CA LEU A 236 -20.85 -6.10 28.49
C LEU A 236 -20.25 -6.68 29.76
N TYR A 237 -18.93 -6.59 29.92
CA TYR A 237 -18.34 -7.12 31.14
C TYR A 237 -18.84 -6.34 32.36
N ASN A 238 -18.67 -5.01 32.32
CA ASN A 238 -19.33 -4.17 33.29
C ASN A 238 -20.42 -3.37 32.58
N THR A 239 -20.86 -2.29 33.20
CA THR A 239 -21.86 -1.46 32.53
C THR A 239 -21.25 -0.63 31.40
N PRO A 240 -21.68 -0.83 30.14
CA PRO A 240 -21.06 -0.14 29.01
C PRO A 240 -21.57 1.30 28.91
N PRO A 241 -20.98 2.12 28.01
CA PRO A 241 -21.49 3.49 27.76
C PRO A 241 -22.71 3.39 26.83
N CYS A 242 -23.84 2.96 27.43
CA CYS A 242 -25.01 2.54 26.62
C CYS A 242 -25.43 3.64 25.65
N PHE A 243 -25.64 4.85 26.18
CA PHE A 243 -26.18 5.89 25.31
C PHE A 243 -25.20 6.30 24.21
N GLY A 244 -23.88 6.30 24.48
CA GLY A 244 -22.91 6.62 23.42
C GLY A 244 -22.86 5.54 22.37
N ILE A 245 -23.00 4.27 22.79
CA ILE A 245 -23.08 3.16 21.84
C ILE A 245 -24.31 3.32 20.95
N TYR A 246 -25.45 3.65 21.56
CA TYR A 246 -26.67 3.89 20.79
C TYR A 246 -26.47 5.00 19.77
N MET A 247 -25.87 6.12 20.20
CA MET A 247 -25.59 7.21 19.27
C MET A 247 -24.65 6.79 18.14
N CYS A 248 -23.58 6.06 18.48
CA CYS A 248 -22.73 5.53 17.44
C CYS A 248 -23.55 4.71 16.46
N GLY A 249 -24.49 3.91 16.97
CA GLY A 249 -25.31 3.10 16.09
C GLY A 249 -26.15 3.96 15.15
N LEU A 250 -26.65 5.08 15.65
CA LEU A 250 -27.41 5.94 14.75
C LEU A 250 -26.52 6.51 13.66
N VAL A 251 -25.32 6.90 14.02
CA VAL A 251 -24.36 7.41 13.03
C VAL A 251 -24.05 6.34 11.98
N PHE A 252 -23.76 5.11 12.43
CA PHE A 252 -23.40 4.05 11.49
C PHE A 252 -24.56 3.77 10.52
N GLU A 253 -25.78 3.64 11.07
CA GLU A 253 -26.99 3.44 10.27
C GLU A 253 -27.11 4.51 9.19
N ASP A 254 -26.82 5.75 9.54
CA ASP A 254 -26.94 6.85 8.59
C ASP A 254 -25.80 6.87 7.58
N LEU A 255 -24.58 6.50 7.97
CA LEU A 255 -23.53 6.31 6.99
C LEU A 255 -23.90 5.22 5.99
N LEU A 256 -24.59 4.16 6.43
CA LEU A 256 -25.04 3.18 5.44
C LEU A 256 -26.07 3.80 4.51
N GLU A 257 -27.01 4.58 5.06
CA GLU A 257 -28.06 5.19 4.25
C GLU A 257 -27.47 6.18 3.24
N GLN A 258 -26.34 6.79 3.56
CA GLN A 258 -25.64 7.68 2.63
C GLN A 258 -24.93 6.94 1.52
N GLY A 259 -24.87 5.61 1.56
CA GLY A 259 -24.25 4.85 0.51
C GLY A 259 -22.95 4.19 0.89
N GLY A 260 -22.58 4.25 2.18
CA GLY A 260 -21.40 3.54 2.64
C GLY A 260 -20.15 4.36 2.45
N LEU A 261 -19.00 3.79 2.84
CA LEU A 261 -17.79 4.61 2.97
C LEU A 261 -17.19 5.04 1.62
N LYS A 262 -17.47 4.32 0.54
CA LYS A 262 -17.05 4.82 -0.77
C LYS A 262 -17.66 6.17 -1.05
N GLU A 263 -18.94 6.34 -0.72
CA GLU A 263 -19.56 7.63 -0.97
C GLU A 263 -19.16 8.66 0.06
N VAL A 264 -19.01 8.23 1.32
CA VAL A 264 -18.54 9.16 2.34
C VAL A 264 -17.19 9.72 1.93
N GLU A 265 -16.30 8.86 1.44
CA GLU A 265 -14.97 9.34 1.06
C GLU A 265 -15.04 10.35 -0.07
N LYS A 266 -15.92 10.12 -1.05
CA LYS A 266 -16.04 11.04 -2.17
C LYS A 266 -16.45 12.43 -1.69
N LYS A 267 -17.38 12.49 -0.74
CA LYS A 267 -17.80 13.79 -0.23
C LYS A 267 -16.70 14.44 0.58
N ASN A 268 -15.95 13.64 1.35
CA ASN A 268 -14.84 14.19 2.13
C ASN A 268 -13.77 14.76 1.22
N GLN A 269 -13.43 14.03 0.17
CA GLN A 269 -12.45 14.54 -0.80
C GLN A 269 -12.92 15.84 -1.44
N ARG A 270 -14.19 15.90 -1.83
CA ARG A 270 -14.72 17.10 -2.47
CA ARG A 270 -14.70 17.11 -2.47
C ARG A 270 -14.59 18.33 -1.56
N LYS A 271 -15.05 18.22 -0.31
CA LYS A 271 -15.04 19.42 0.51
C LYS A 271 -13.64 19.75 0.99
N ALA A 272 -12.79 18.74 1.24
CA ALA A 272 -11.41 19.05 1.57
C ALA A 272 -10.74 19.79 0.42
N ASP A 273 -10.95 19.34 -0.81
CA ASP A 273 -10.35 20.01 -1.97
C ASP A 273 -10.73 21.50 -2.02
N LEU A 274 -11.99 21.85 -1.74
CA LEU A 274 -12.34 23.28 -1.78
C LEU A 274 -11.46 24.10 -0.86
N LEU A 275 -11.25 23.61 0.37
CA LEU A 275 -10.46 24.36 1.35
C LEU A 275 -8.98 24.35 0.99
N TYR A 276 -8.44 23.18 0.61
CA TYR A 276 -7.03 23.14 0.27
C TYR A 276 -6.72 24.01 -0.95
N ASN A 277 -7.58 23.98 -1.95
CA ASN A 277 -7.36 24.80 -3.14
C ASN A 277 -7.44 26.29 -2.79
N ALA A 278 -8.36 26.66 -1.88
CA ALA A 278 -8.43 28.05 -1.46
C ALA A 278 -7.14 28.48 -0.80
N ILE A 279 -6.55 27.62 0.00
CA ILE A 279 -5.30 27.96 0.65
C ILE A 279 -4.20 28.11 -0.38
N GLU A 280 -4.05 27.11 -1.26
CA GLU A 280 -2.99 27.18 -2.26
C GLU A 280 -3.18 28.36 -3.21
N GLU A 281 -4.42 28.74 -3.49
CA GLU A 281 -4.65 29.87 -4.38
C GLU A 281 -4.51 31.23 -3.68
N SER A 282 -4.18 31.27 -2.40
CA SER A 282 -4.20 32.52 -1.66
C SER A 282 -2.91 33.31 -1.76
N ASN A 283 -1.98 32.89 -2.62
CA ASN A 283 -0.69 33.57 -2.78
C ASN A 283 -0.01 33.80 -1.44
N GLY A 284 0.03 32.75 -0.63
CA GLY A 284 0.77 32.81 0.61
C GLY A 284 0.04 33.42 1.78
N PHE A 285 -1.12 34.04 1.55
CA PHE A 285 -1.83 34.70 2.65
C PHE A 285 -2.21 33.69 3.71
N PHE A 286 -2.69 32.52 3.28
CA PHE A 286 -2.87 31.35 4.13
C PHE A 286 -1.85 30.29 3.72
N ARG A 287 -1.34 29.54 4.70
CA ARG A 287 -0.37 28.49 4.43
C ARG A 287 -0.76 27.18 5.11
N CYS A 288 -0.62 26.07 4.38
CA CYS A 288 -0.70 24.74 4.97
C CYS A 288 0.70 24.14 4.95
N PRO A 289 1.32 23.76 6.07
CA PRO A 289 2.69 23.25 6.01
C PRO A 289 2.79 21.80 5.55
N VAL A 290 1.71 21.05 5.49
CA VAL A 290 1.83 19.60 5.29
C VAL A 290 2.16 19.31 3.84
N GLU A 291 3.05 18.33 3.63
CA GLU A 291 3.34 17.85 2.28
C GLU A 291 2.06 17.41 1.56
N LYS A 292 1.95 17.82 0.29
CA LYS A 292 0.67 17.68 -0.44
C LYS A 292 0.10 16.28 -0.42
N SER A 293 0.91 15.25 -0.62
CA SER A 293 0.32 13.92 -0.78
C SER A 293 -0.26 13.34 0.50
N VAL A 294 0.06 13.87 1.68
CA VAL A 294 -0.45 13.31 2.92
C VAL A 294 -1.36 14.30 3.66
N ARG A 295 -1.85 15.31 2.95
CA ARG A 295 -2.76 16.27 3.58
C ARG A 295 -4.05 15.59 4.00
N SER A 296 -4.37 15.73 5.29
CA SER A 296 -5.57 15.09 5.84
C SER A 296 -6.84 15.63 5.21
N LEU A 297 -7.79 14.72 4.94
CA LEU A 297 -9.15 15.14 4.62
C LEU A 297 -9.98 15.57 5.85
N MET A 298 -9.51 15.33 7.07
CA MET A 298 -10.32 15.51 8.27
C MET A 298 -9.93 16.74 9.06
N ASN A 299 -8.64 17.02 9.16
CA ASN A 299 -8.17 18.13 9.97
C ASN A 299 -7.22 18.96 9.14
N VAL A 300 -7.53 20.24 8.95
CA VAL A 300 -6.77 21.09 8.06
C VAL A 300 -6.16 22.23 8.86
N PRO A 301 -4.89 22.08 9.27
CA PRO A 301 -4.20 23.17 9.98
C PRO A 301 -3.67 24.17 8.99
N PHE A 302 -3.82 25.44 9.32
CA PHE A 302 -3.25 26.44 8.45
C PHE A 302 -2.93 27.66 9.30
N THR A 303 -2.07 28.49 8.74
CA THR A 303 -1.61 29.69 9.40
C THR A 303 -1.78 30.87 8.46
N LEU A 304 -1.71 32.04 9.07
CA LEU A 304 -1.72 33.30 8.37
C LEU A 304 -0.29 33.81 8.20
N GLU A 305 0.03 34.27 7.00
CA GLU A 305 1.31 34.93 6.80
C GLU A 305 1.49 36.11 7.77
N LYS A 306 0.44 36.90 7.95
CA LYS A 306 0.42 37.93 9.00
C LYS A 306 -0.20 37.28 10.23
N SER A 307 0.66 36.68 11.06
CA SER A 307 0.13 35.85 12.14
C SER A 307 -0.63 36.68 13.18
N GLU A 308 -0.30 37.96 13.33
CA GLU A 308 -1.02 38.84 14.25
C GLU A 308 -2.51 38.98 13.92
N LEU A 309 -2.94 38.55 12.73
CA LEU A 309 -4.32 38.61 12.29
C LEU A 309 -5.13 37.40 12.73
N GLU A 310 -4.47 36.42 13.34
CA GLU A 310 -5.18 35.18 13.60
C GLU A 310 -6.33 35.39 14.60
N ALA A 311 -6.15 36.24 15.61
CA ALA A 311 -7.24 36.43 16.55
C ALA A 311 -8.45 37.11 15.89
N GLU A 312 -8.19 38.09 15.01
CA GLU A 312 -9.31 38.74 14.32
C GLU A 312 -9.99 37.79 13.36
N PHE A 313 -9.20 36.98 12.67
CA PHE A 313 -9.78 35.96 11.79
C PHE A 313 -10.74 35.08 12.56
N ILE A 314 -10.31 34.63 13.74
CA ILE A 314 -11.11 33.68 14.49
C ILE A 314 -12.34 34.38 15.03
N LYS A 315 -12.19 35.63 15.47
CA LYS A 315 -13.32 36.35 16.05
C LYS A 315 -14.36 36.69 14.97
N GLU A 316 -13.92 37.14 13.80
CA GLU A 316 -14.85 37.45 12.73
C GLU A 316 -15.54 36.18 12.21
N ALA A 317 -14.79 35.07 12.13
CA ALA A 317 -15.40 33.80 11.70
C ALA A 317 -16.52 33.39 12.63
N ALA A 318 -16.25 33.46 13.95
CA ALA A 318 -17.25 33.11 14.96
C ALA A 318 -18.48 34.02 14.86
N LYS A 319 -18.26 35.33 14.74
CA LYS A 319 -19.38 36.22 14.53
C LYS A 319 -20.18 35.85 13.29
N GLU A 320 -19.57 35.17 12.32
CA GLU A 320 -20.23 34.61 11.14
C GLU A 320 -20.67 33.15 11.33
N LYS A 321 -20.79 32.68 12.56
CA LYS A 321 -21.32 31.34 12.87
C LYS A 321 -20.39 30.23 12.38
N MET A 322 -19.08 30.46 12.39
CA MET A 322 -18.06 29.44 12.15
C MET A 322 -17.18 29.40 13.38
N VAL A 323 -17.35 28.37 14.21
CA VAL A 323 -16.72 28.38 15.53
C VAL A 323 -15.69 27.27 15.63
N GLN A 324 -14.83 27.39 16.67
CA GLN A 324 -13.81 26.38 17.01
C GLN A 324 -12.80 26.17 15.88
N LEU A 325 -12.41 27.28 15.24
CA LEU A 325 -11.38 27.31 14.20
C LEU A 325 -9.97 27.57 14.77
N LYS A 326 -9.82 27.85 16.05
CA LYS A 326 -8.46 28.03 16.58
C LYS A 326 -7.76 26.68 16.54
N GLY A 327 -6.46 26.69 16.27
CA GLY A 327 -5.72 25.43 16.32
C GLY A 327 -5.65 24.82 17.71
N HIS A 328 -5.29 23.54 17.74
CA HIS A 328 -4.95 22.93 19.03
C HIS A 328 -3.95 23.81 19.75
N ARG A 329 -4.14 23.92 21.08
CA ARG A 329 -3.36 24.83 21.91
C ARG A 329 -1.88 24.53 21.90
N SER A 330 -1.48 23.30 21.56
CA SER A 330 -0.05 22.93 21.50
C SER A 330 0.67 23.54 20.30
N VAL A 331 -0.07 23.99 19.29
CA VAL A 331 0.57 24.52 18.07
C VAL A 331 0.08 25.91 17.68
N GLY A 332 -1.11 26.34 18.10
CA GLY A 332 -1.61 27.62 17.66
C GLY A 332 -2.13 27.56 16.22
N GLY A 333 -2.11 28.72 15.56
CA GLY A 333 -2.61 28.81 14.20
C GLY A 333 -4.13 28.65 14.14
N MET A 334 -4.60 28.18 12.97
CA MET A 334 -5.99 27.80 12.77
C MET A 334 -6.03 26.31 12.46
N ARG A 335 -7.16 25.68 12.74
CA ARG A 335 -7.36 24.30 12.31
C ARG A 335 -8.84 24.15 11.97
N ALA A 336 -9.12 23.89 10.69
CA ALA A 336 -10.47 23.55 10.27
C ALA A 336 -10.61 22.02 10.32
N SER A 337 -11.35 21.50 11.32
CA SER A 337 -11.76 20.09 11.27
C SER A 337 -13.05 19.97 10.48
N ILE A 338 -13.04 19.08 9.49
CA ILE A 338 -14.08 18.97 8.49
C ILE A 338 -14.45 17.49 8.38
N TYR A 339 -14.96 16.97 9.47
CA TYR A 339 -15.31 15.55 9.58
C TYR A 339 -16.49 15.19 8.68
N ASN A 340 -16.89 13.90 8.73
CA ASN A 340 -17.97 13.41 7.85
C ASN A 340 -19.20 14.31 7.90
N ALA A 341 -19.61 14.68 9.09
CA ALA A 341 -20.88 15.37 9.32
C ALA A 341 -20.80 16.86 9.08
N MET A 342 -19.63 17.41 8.78
CA MET A 342 -19.53 18.85 8.52
C MET A 342 -20.18 19.12 7.18
N PRO A 343 -21.24 19.92 7.11
CA PRO A 343 -21.93 20.10 5.82
C PRO A 343 -21.01 20.75 4.82
N LEU A 344 -21.16 20.35 3.56
CA LEU A 344 -20.47 21.00 2.46
C LEU A 344 -20.62 22.51 2.55
N ALA A 345 -21.83 22.99 2.89
CA ALA A 345 -22.10 24.41 2.94
C ALA A 345 -21.24 25.12 3.98
N GLY A 346 -20.84 24.39 5.02
CA GLY A 346 -19.97 25.01 6.03
C GLY A 346 -18.57 25.22 5.51
N VAL A 347 -18.05 24.25 4.76
CA VAL A 347 -16.74 24.46 4.14
C VAL A 347 -16.83 25.57 3.11
N GLU A 348 -17.91 25.60 2.32
CA GLU A 348 -18.06 26.67 1.35
C GLU A 348 -18.09 28.03 2.04
N LYS A 349 -18.78 28.13 3.19
CA LYS A 349 -18.85 29.42 3.90
C LYS A 349 -17.49 29.82 4.40
N LEU A 350 -16.75 28.86 4.93
CA LEU A 350 -15.37 29.11 5.36
C LEU A 350 -14.51 29.61 4.20
N VAL A 351 -14.54 28.91 3.07
CA VAL A 351 -13.76 29.33 1.90
C VAL A 351 -14.13 30.74 1.46
N ALA A 352 -15.43 31.05 1.39
CA ALA A 352 -15.82 32.40 1.01
C ALA A 352 -15.36 33.43 2.03
N PHE A 353 -15.46 33.09 3.32
CA PHE A 353 -15.00 34.01 4.35
C PHE A 353 -13.50 34.24 4.25
N MET A 354 -12.75 33.17 3.94
CA MET A 354 -11.30 33.34 3.80
C MET A 354 -10.96 34.25 2.64
N LYS A 355 -11.67 34.10 1.53
CA LYS A 355 -11.41 34.97 0.39
C LYS A 355 -11.73 36.42 0.70
N ASP A 356 -12.83 36.65 1.39
CA ASP A 356 -13.17 38.00 1.77
C ASP A 356 -12.16 38.55 2.79
N PHE A 357 -11.79 37.73 3.77
CA PHE A 357 -10.83 38.19 4.77
C PHE A 357 -9.53 38.64 4.12
N GLN A 358 -8.98 37.84 3.21
CA GLN A 358 -7.77 38.24 2.49
C GLN A 358 -7.96 39.55 1.74
N ALA A 359 -9.09 39.68 1.03
CA ALA A 359 -9.33 40.93 0.31
C ALA A 359 -9.30 42.14 1.25
N LYS A 360 -9.80 41.97 2.47
CA LYS A 360 -9.88 43.11 3.37
C LYS A 360 -8.58 43.38 4.09
N HIS A 361 -7.63 42.47 4.06
CA HIS A 361 -6.35 42.62 4.76
C HIS A 361 -5.18 42.43 3.83
N ALA A 362 -5.38 42.78 2.57
CA ALA A 362 -4.36 42.67 1.55
C ALA A 362 -3.12 43.38 2.01
N ALA B 3 -46.89 4.63 27.06
CA ALA B 3 -46.68 5.09 28.43
C ALA B 3 -45.38 4.50 28.96
N ARG B 4 -44.71 5.25 29.84
CA ARG B 4 -43.49 4.73 30.40
C ARG B 4 -43.79 3.72 31.51
N VAL B 5 -42.93 2.72 31.63
CA VAL B 5 -43.10 1.65 32.61
C VAL B 5 -42.40 1.99 33.92
N PHE B 6 -42.68 1.21 34.97
CA PHE B 6 -41.93 1.27 36.22
C PHE B 6 -40.74 0.36 36.08
N ASN B 7 -39.55 0.94 36.14
CA ASN B 7 -38.33 0.27 35.73
C ASN B 7 -37.49 0.01 36.96
N PHE B 8 -37.48 -1.25 37.44
CA PHE B 8 -36.82 -1.63 38.68
C PHE B 8 -35.38 -2.07 38.46
N ALA B 9 -34.80 -1.71 37.32
CA ALA B 9 -33.44 -2.15 37.01
C ALA B 9 -32.45 -1.59 38.02
N ALA B 10 -31.43 -2.39 38.30
CA ALA B 10 -30.35 -2.06 39.23
C ALA B 10 -29.25 -1.17 38.67
N GLY B 11 -29.25 -0.83 37.36
CA GLY B 11 -28.18 -0.01 36.86
C GLY B 11 -27.70 -0.53 35.52
N PRO B 12 -27.88 0.27 34.44
CA PRO B 12 -28.46 1.64 34.41
C PRO B 12 -29.89 1.56 34.89
N ALA B 13 -30.52 2.70 35.19
CA ALA B 13 -31.73 2.66 36.00
C ALA B 13 -32.65 3.82 35.58
N THR B 14 -33.79 3.89 36.25
CA THR B 14 -34.78 4.93 35.97
C THR B 14 -34.28 6.32 36.35
N LEU B 15 -34.69 7.33 35.58
CA LEU B 15 -34.25 8.71 35.69
C LEU B 15 -35.47 9.63 35.81
N PRO B 16 -35.31 10.83 36.35
CA PRO B 16 -36.48 11.66 36.53
C PRO B 16 -37.01 12.14 35.19
N GLU B 17 -38.34 12.19 35.10
CA GLU B 17 -38.97 12.58 33.85
C GLU B 17 -38.66 14.04 33.50
N ASN B 18 -38.58 14.93 34.50
CA ASN B 18 -38.24 16.31 34.16
C ASN B 18 -36.79 16.44 33.67
N VAL B 19 -35.88 15.59 34.16
CA VAL B 19 -34.51 15.57 33.65
C VAL B 19 -34.50 15.11 32.20
N LEU B 20 -35.22 14.00 31.91
CA LEU B 20 -35.24 13.49 30.55
C LEU B 20 -35.84 14.52 29.62
N LEU B 21 -36.87 15.23 30.08
CA LEU B 21 -37.51 16.19 29.20
C LEU B 21 -36.62 17.42 28.96
N LYS B 22 -35.87 17.85 30.00
CA LYS B 22 -34.90 18.91 29.79
C LYS B 22 -33.85 18.51 28.76
N ALA B 23 -33.33 17.28 28.86
CA ALA B 23 -32.34 16.82 27.91
C ALA B 23 -32.92 16.76 26.50
N GLN B 24 -34.19 16.35 26.37
CA GLN B 24 -34.82 16.36 25.05
C GLN B 24 -34.90 17.78 24.52
N ALA B 25 -35.42 18.70 25.36
CA ALA B 25 -35.62 20.10 24.95
C ALA B 25 -34.35 20.71 24.39
N ASP B 26 -33.20 20.36 24.96
CA ASP B 26 -31.94 21.03 24.63
C ASP B 26 -31.02 20.23 23.72
N LEU B 27 -31.47 19.07 23.21
CA LEU B 27 -30.54 18.13 22.62
C LEU B 27 -29.97 18.64 21.29
N TYR B 28 -30.76 19.43 20.53
CA TYR B 28 -30.33 19.94 19.23
C TYR B 28 -29.53 21.23 19.35
N ASN B 29 -29.83 22.05 20.36
CA ASN B 29 -29.22 23.38 20.46
C ASN B 29 -29.26 23.78 21.93
N TRP B 30 -28.17 23.58 22.62
CA TRP B 30 -28.13 23.86 24.06
C TRP B 30 -27.96 25.36 24.31
N ARG B 31 -28.97 25.97 24.94
CA ARG B 31 -28.94 27.40 25.35
C ARG B 31 -28.42 28.35 24.27
N GLY B 32 -28.94 28.18 23.05
CA GLY B 32 -28.58 29.05 21.96
C GLY B 32 -27.11 29.06 21.61
N SER B 33 -26.36 28.06 22.05
CA SER B 33 -24.97 27.89 21.63
C SER B 33 -24.86 27.44 20.18
N GLY B 34 -25.97 27.04 19.56
CA GLY B 34 -25.92 26.54 18.22
C GLY B 34 -25.39 25.13 18.08
N MET B 35 -25.28 24.38 19.17
CA MET B 35 -24.89 22.98 19.02
C MET B 35 -25.42 22.17 20.18
N SER B 36 -25.42 20.84 20.03
CA SER B 36 -25.77 19.93 21.11
C SER B 36 -24.64 19.85 22.12
N VAL B 37 -24.97 19.52 23.38
CA VAL B 37 -23.89 19.12 24.28
C VAL B 37 -23.01 18.05 23.65
N MET B 38 -23.60 17.15 22.85
CA MET B 38 -22.82 16.02 22.32
C MET B 38 -21.79 16.46 21.26
N GLU B 39 -21.82 17.73 20.84
CA GLU B 39 -20.90 18.25 19.83
C GLU B 39 -19.96 19.32 20.36
N MET B 40 -20.06 19.65 21.63
CA MET B 40 -19.27 20.74 22.20
C MET B 40 -17.85 20.27 22.40
N SER B 41 -16.88 21.16 22.11
CA SER B 41 -15.51 20.89 22.50
C SER B 41 -15.39 20.92 24.02
N HIS B 42 -14.68 19.93 24.56
CA HIS B 42 -14.35 19.91 25.97
C HIS B 42 -13.36 21.00 26.35
N ARG B 43 -12.69 21.63 25.37
CA ARG B 43 -11.84 22.79 25.60
C ARG B 43 -12.59 24.11 25.43
N GLY B 44 -13.93 24.09 25.20
CA GLY B 44 -14.70 25.28 24.98
C GLY B 44 -15.50 25.81 26.20
N LYS B 45 -15.97 27.05 26.07
CA LYS B 45 -16.57 27.72 27.22
C LYS B 45 -17.93 27.14 27.63
N GLU B 46 -18.73 26.62 26.69
CA GLU B 46 -20.02 26.08 27.08
C GLU B 46 -19.87 24.83 27.92
N PHE B 47 -19.04 23.88 27.46
CA PHE B 47 -18.88 22.67 28.27
C PHE B 47 -18.22 22.99 29.61
N LEU B 48 -17.25 23.88 29.62
CA LEU B 48 -16.69 24.31 30.89
C LEU B 48 -17.74 24.72 31.87
N SER B 49 -18.71 25.52 31.43
CA SER B 49 -19.75 25.91 32.35
C SER B 49 -20.55 24.73 32.86
N ILE B 50 -20.75 23.72 31.99
CA ILE B 50 -21.54 22.55 32.39
C ILE B 50 -20.79 21.75 33.43
N ILE B 51 -19.52 21.41 33.16
CA ILE B 51 -18.86 20.52 34.10
C ILE B 51 -18.62 21.26 35.41
N GLN B 52 -18.37 22.56 35.35
CA GLN B 52 -18.16 23.30 36.59
C GLN B 52 -19.42 23.37 37.44
N LYS B 53 -20.58 23.55 36.82
CA LYS B 53 -21.83 23.59 37.58
C LYS B 53 -22.24 22.20 38.09
N ALA B 54 -21.90 21.15 37.35
CA ALA B 54 -22.16 19.81 37.87
C ALA B 54 -21.34 19.59 39.13
N GLU B 55 -20.06 19.96 39.10
CA GLU B 55 -19.23 19.83 40.29
C GLU B 55 -19.77 20.68 41.46
N SER B 56 -20.14 21.93 41.21
CA SER B 56 -20.58 22.78 42.33
CA SER B 56 -20.59 22.79 42.30
C SER B 56 -21.92 22.30 42.88
N ASP B 57 -22.84 21.87 42.01
CA ASP B 57 -24.10 21.31 42.51
C ASP B 57 -23.86 20.06 43.33
N LEU B 58 -22.94 19.17 42.86
CA LEU B 58 -22.64 17.96 43.66
C LEU B 58 -22.00 18.31 45.00
N ARG B 59 -21.12 19.31 45.01
CA ARG B 59 -20.56 19.76 46.27
C ARG B 59 -21.63 20.27 47.23
N GLN B 60 -22.59 21.03 46.72
CA GLN B 60 -23.69 21.48 47.57
C GLN B 60 -24.48 20.30 48.13
N LEU B 61 -24.81 19.32 47.27
CA LEU B 61 -25.67 18.21 47.68
C LEU B 61 -25.05 17.43 48.79
N LEU B 62 -23.79 16.99 48.61
CA LEU B 62 -23.14 16.16 49.62
C LEU B 62 -22.41 16.96 50.70
N GLU B 63 -22.49 18.28 50.69
CA GLU B 63 -21.68 19.13 51.55
C GLU B 63 -20.23 18.72 51.52
N ILE B 64 -19.67 18.65 50.30
CA ILE B 64 -18.26 18.19 50.14
C ILE B 64 -17.34 19.31 50.61
N PRO B 65 -16.40 19.05 51.50
CA PRO B 65 -15.51 20.13 51.96
C PRO B 65 -14.55 20.56 50.87
N GLN B 66 -14.04 21.79 51.02
CA GLN B 66 -13.20 22.41 50.01
C GLN B 66 -11.91 21.63 49.80
N GLU B 67 -11.46 20.89 50.83
CA GLU B 67 -10.19 20.16 50.70
C GLU B 67 -10.34 18.78 50.00
N TYR B 68 -11.46 18.55 49.32
CA TYR B 68 -11.67 17.37 48.49
C TYR B 68 -11.73 17.81 47.03
N SER B 69 -11.17 17.01 46.14
CA SER B 69 -11.39 17.15 44.69
C SER B 69 -12.58 16.30 44.27
N VAL B 70 -13.19 16.68 43.15
CA VAL B 70 -14.30 15.94 42.55
C VAL B 70 -13.89 15.64 41.13
N LEU B 71 -13.76 14.33 40.79
CA LEU B 71 -13.30 13.92 39.47
C LEU B 71 -14.46 13.23 38.74
N PHE B 72 -14.66 13.60 37.48
CA PHE B 72 -15.62 12.92 36.62
C PHE B 72 -14.85 12.09 35.62
N LEU B 73 -14.92 10.76 35.72
CA LEU B 73 -14.04 9.89 34.96
C LEU B 73 -14.85 8.88 34.14
N GLN B 74 -14.17 8.22 33.21
CA GLN B 74 -14.70 7.10 32.42
C GLN B 74 -14.26 5.78 33.03
N GLY B 75 -14.89 4.70 32.59
CA GLY B 75 -14.43 3.35 32.91
C GLY B 75 -15.20 2.60 33.97
N GLY B 76 -16.15 3.24 34.64
CA GLY B 76 -17.01 2.54 35.60
C GLY B 76 -16.34 2.45 36.95
N ALA B 77 -17.15 2.06 37.97
CA ALA B 77 -16.54 1.76 39.26
C ALA B 77 -15.52 0.64 39.13
N THR B 78 -15.71 -0.29 38.20
CA THR B 78 -14.74 -1.39 38.05
C THR B 78 -13.33 -0.87 37.69
N THR B 79 -13.23 0.20 36.91
CA THR B 79 -11.90 0.78 36.69
C THR B 79 -11.31 1.33 37.99
N GLN B 80 -12.15 1.84 38.90
CA GLN B 80 -11.62 2.33 40.19
C GLN B 80 -11.13 1.20 41.09
N PHE B 81 -11.60 -0.05 40.87
CA PHE B 81 -11.05 -1.17 41.62
C PHE B 81 -9.56 -1.30 41.37
N ALA B 82 -9.10 -0.94 40.15
CA ALA B 82 -7.67 -0.90 39.87
C ALA B 82 -7.05 0.44 40.24
N ALA B 83 -7.75 1.53 39.98
CA ALA B 83 -7.16 2.85 40.18
C ALA B 83 -6.86 3.13 41.63
N LEU B 84 -7.73 2.68 42.55
CA LEU B 84 -7.52 2.97 43.98
C LEU B 84 -6.17 2.44 44.47
N PRO B 85 -5.88 1.13 44.41
CA PRO B 85 -4.56 0.67 44.89
C PRO B 85 -3.41 1.20 44.05
N LEU B 86 -3.60 1.43 42.75
CA LEU B 86 -2.50 1.91 41.93
C LEU B 86 -2.12 3.31 42.36
N ASN B 87 -3.12 4.14 42.68
CA ASN B 87 -2.83 5.51 43.12
C ASN B 87 -2.39 5.59 44.57
N LEU B 88 -3.02 4.83 45.45
CA LEU B 88 -2.96 5.09 46.89
C LEU B 88 -1.94 4.22 47.58
N CYS B 89 -1.42 3.21 46.90
CA CYS B 89 -0.52 2.24 47.54
C CYS B 89 0.76 2.05 46.75
N LYS B 90 1.82 1.70 47.46
CA LYS B 90 2.97 1.03 46.85
C LYS B 90 2.65 -0.45 46.69
N SER B 91 3.46 -1.13 45.91
CA SER B 91 3.11 -2.52 45.60
C SER B 91 3.18 -3.42 46.82
N ASP B 92 3.95 -3.06 47.86
CA ASP B 92 4.06 -3.85 49.08
C ASP B 92 3.25 -3.29 50.24
N ASP B 93 2.42 -2.28 50.00
CA ASP B 93 1.47 -1.80 51.00
C ASP B 93 0.30 -2.76 51.12
N THR B 94 -0.42 -2.65 52.23
CA THR B 94 -1.56 -3.51 52.50
C THR B 94 -2.82 -2.67 52.59
N VAL B 95 -3.90 -3.23 52.07
CA VAL B 95 -5.24 -2.63 52.08
C VAL B 95 -6.15 -3.59 52.84
N ASP B 96 -6.91 -3.03 53.78
CA ASP B 96 -7.91 -3.81 54.53
C ASP B 96 -9.25 -3.71 53.83
N PHE B 97 -9.92 -4.84 53.71
CA PHE B 97 -11.28 -4.88 53.16
C PHE B 97 -12.27 -5.42 54.17
N VAL B 98 -13.44 -4.80 54.20
CA VAL B 98 -14.62 -5.39 54.83
C VAL B 98 -15.56 -5.78 53.70
N VAL B 99 -15.87 -7.07 53.56
CA VAL B 99 -16.60 -7.55 52.40
C VAL B 99 -18.00 -7.99 52.83
N THR B 100 -19.00 -7.17 52.49
CA THR B 100 -20.39 -7.38 52.81
C THR B 100 -21.24 -7.85 51.62
N GLY B 101 -20.63 -8.06 50.45
CA GLY B 101 -21.32 -8.65 49.31
C GLY B 101 -20.36 -8.83 48.15
N SER B 102 -20.89 -9.16 46.98
CA SER B 102 -19.99 -9.54 45.89
C SER B 102 -19.25 -8.36 45.27
N TRP B 103 -19.75 -7.12 45.40
CA TRP B 103 -19.03 -5.99 44.81
C TRP B 103 -17.75 -5.67 45.59
N GLY B 104 -17.77 -5.84 46.92
CA GLY B 104 -16.53 -5.72 47.68
C GLY B 104 -15.57 -6.84 47.37
N ASP B 105 -16.09 -8.06 47.14
CA ASP B 105 -15.23 -9.16 46.72
C ASP B 105 -14.55 -8.88 45.35
N LYS B 106 -15.29 -8.30 44.42
CA LYS B 106 -14.67 -7.95 43.15
C LYS B 106 -13.56 -6.90 43.34
N ALA B 107 -13.76 -5.97 44.29
CA ALA B 107 -12.73 -4.97 44.57
C ALA B 107 -11.47 -5.62 45.13
N VAL B 108 -11.64 -6.58 46.05
CA VAL B 108 -10.49 -7.33 46.59
C VAL B 108 -9.71 -7.98 45.46
N LYS B 109 -10.40 -8.71 44.59
CA LYS B 109 -9.69 -9.50 43.61
C LYS B 109 -8.92 -8.63 42.64
N GLU B 110 -9.47 -7.48 42.25
CA GLU B 110 -8.70 -6.59 41.37
C GLU B 110 -7.50 -5.98 42.11
N ALA B 111 -7.70 -5.58 43.38
CA ALA B 111 -6.65 -4.92 44.13
C ALA B 111 -5.46 -5.83 44.37
N LYS B 112 -5.67 -7.16 44.32
CA LYS B 112 -4.59 -8.13 44.53
C LYS B 112 -3.50 -8.03 43.48
N LYS B 113 -3.84 -7.51 42.28
CA LYS B 113 -2.87 -7.27 41.25
C LYS B 113 -1.83 -6.23 41.62
N TYR B 114 -2.13 -5.35 42.58
CA TYR B 114 -1.42 -4.09 42.76
C TYR B 114 -0.87 -3.87 44.15
N CYS B 115 -1.34 -4.62 45.15
CA CYS B 115 -0.85 -4.49 46.52
C CYS B 115 -1.29 -5.72 47.30
N LYS B 116 -0.91 -5.77 48.57
CA LYS B 116 -1.37 -6.84 49.45
C LYS B 116 -2.75 -6.50 49.96
N THR B 117 -3.60 -7.49 50.10
CA THR B 117 -4.95 -7.27 50.56
C THR B 117 -5.20 -8.14 51.80
N ASN B 118 -5.93 -7.61 52.76
CA ASN B 118 -6.37 -8.41 53.91
C ASN B 118 -7.86 -8.27 54.03
N VAL B 119 -8.59 -9.37 53.88
CA VAL B 119 -10.04 -9.30 54.09
C VAL B 119 -10.26 -9.49 55.60
N ILE B 120 -10.48 -8.39 56.31
CA ILE B 120 -10.52 -8.51 57.77
C ILE B 120 -11.87 -8.99 58.26
N TRP B 121 -12.88 -8.99 57.39
CA TRP B 121 -14.20 -9.49 57.72
C TRP B 121 -14.93 -9.80 56.43
N SER B 122 -15.60 -10.94 56.39
CA SER B 122 -16.44 -11.28 55.24
C SER B 122 -17.81 -11.75 55.73
N GLY B 123 -18.88 -11.31 55.05
CA GLY B 123 -20.23 -11.76 55.32
C GLY B 123 -20.64 -13.05 54.66
N LYS B 124 -19.70 -13.69 53.98
CA LYS B 124 -20.10 -14.80 53.13
C LYS B 124 -20.62 -15.98 53.95
N SER B 125 -20.10 -16.21 55.16
CA SER B 125 -20.56 -17.39 55.91
C SER B 125 -22.05 -17.32 56.27
N GLU B 126 -22.64 -16.13 56.29
CA GLU B 126 -24.09 -15.99 56.50
C GLU B 126 -24.76 -15.38 55.27
N LYS B 127 -24.20 -15.67 54.09
CA LYS B 127 -24.83 -15.37 52.82
C LYS B 127 -24.97 -13.87 52.60
N TYR B 128 -24.05 -13.09 53.16
CA TYR B 128 -23.99 -11.64 52.94
C TYR B 128 -25.31 -10.99 53.36
N THR B 129 -25.63 -11.16 54.64
CA THR B 129 -26.86 -10.59 55.18
C THR B 129 -26.59 -9.58 56.28
N LYS B 130 -25.34 -9.22 56.55
CA LYS B 130 -25.04 -8.48 57.79
C LYS B 130 -23.86 -7.56 57.54
N VAL B 131 -23.71 -6.58 58.45
CA VAL B 131 -22.58 -5.66 58.55
C VAL B 131 -21.92 -5.96 59.90
N PRO B 132 -20.59 -6.02 59.98
CA PRO B 132 -19.94 -6.31 61.26
C PRO B 132 -20.15 -5.23 62.30
N SER B 133 -20.07 -5.63 63.56
CA SER B 133 -19.85 -4.65 64.61
C SER B 133 -18.46 -4.06 64.44
N PHE B 134 -18.36 -2.72 64.40
CA PHE B 134 -17.08 -2.15 63.94
C PHE B 134 -15.99 -2.26 64.99
N GLU B 135 -16.33 -2.09 66.27
CA GLU B 135 -15.32 -2.12 67.33
C GLU B 135 -14.63 -3.48 67.41
N GLU B 136 -15.37 -4.52 67.07
CA GLU B 136 -14.89 -5.89 66.95
C GLU B 136 -13.96 -6.11 65.75
N LEU B 137 -13.89 -5.18 64.79
CA LEU B 137 -13.06 -5.41 63.62
C LEU B 137 -11.58 -5.39 63.98
N GLU B 138 -10.82 -6.30 63.43
CA GLU B 138 -9.38 -6.37 63.67
C GLU B 138 -8.67 -5.78 62.45
N GLN B 139 -8.33 -4.49 62.52
CA GLN B 139 -7.69 -3.88 61.35
C GLN B 139 -6.18 -4.08 61.43
N THR B 140 -5.56 -4.03 60.28
CA THR B 140 -4.13 -4.32 60.14
C THR B 140 -3.32 -3.10 60.55
N PRO B 141 -2.33 -3.25 61.41
CA PRO B 141 -1.69 -2.07 62.00
C PRO B 141 -1.11 -1.11 60.97
N ASP B 142 -0.67 -1.59 59.80
CA ASP B 142 -0.05 -0.71 58.84
C ASP B 142 -0.88 -0.54 57.56
N ALA B 143 -2.18 -0.82 57.60
CA ALA B 143 -2.98 -0.76 56.37
C ALA B 143 -3.09 0.67 55.86
N LYS B 144 -2.89 0.85 54.55
CA LYS B 144 -2.99 2.19 53.98
C LYS B 144 -4.42 2.71 54.04
N TYR B 145 -5.41 1.87 53.76
CA TYR B 145 -6.80 2.28 53.82
C TYR B 145 -7.62 1.04 54.06
N LEU B 146 -8.88 1.30 54.45
CA LEU B 146 -9.94 0.35 54.78
C LEU B 146 -11.01 0.55 53.72
N HIS B 147 -11.38 -0.51 53.01
CA HIS B 147 -12.30 -0.40 51.87
C HIS B 147 -13.62 -1.06 52.22
N ILE B 148 -14.72 -0.34 51.98
CA ILE B 148 -16.06 -0.88 52.12
C ILE B 148 -16.85 -0.66 50.82
N CYS B 149 -17.88 -1.48 50.64
CA CYS B 149 -18.90 -1.17 49.64
C CYS B 149 -20.13 -0.74 50.43
N ALA B 150 -20.45 0.57 50.40
CA ALA B 150 -21.46 1.07 51.31
C ALA B 150 -22.86 0.50 51.02
N ASN B 151 -23.18 0.15 49.77
CA ASN B 151 -24.48 -0.44 49.46
C ASN B 151 -24.21 -1.58 48.49
N GLU B 152 -24.36 -2.81 48.99
CA GLU B 152 -24.09 -4.00 48.19
C GLU B 152 -25.31 -4.25 47.32
N THR B 153 -25.17 -3.93 46.03
CA THR B 153 -26.34 -3.82 45.15
C THR B 153 -27.08 -5.13 44.93
N ILE B 154 -26.38 -6.27 44.92
CA ILE B 154 -26.99 -7.56 44.67
C ILE B 154 -27.57 -8.14 45.95
N HIS B 155 -26.89 -7.88 47.09
CA HIS B 155 -27.23 -8.55 48.33
C HIS B 155 -28.09 -7.72 49.25
N GLY B 156 -28.23 -6.42 48.94
CA GLY B 156 -29.15 -5.53 49.63
C GLY B 156 -28.71 -5.15 51.02
N VAL B 157 -27.40 -5.12 51.27
CA VAL B 157 -26.81 -4.80 52.56
C VAL B 157 -26.23 -3.40 52.47
N GLU B 158 -26.69 -2.51 53.36
CA GLU B 158 -26.30 -1.11 53.32
C GLU B 158 -25.75 -0.65 54.66
N PHE B 159 -24.58 0.03 54.64
CA PHE B 159 -24.04 0.69 55.82
C PHE B 159 -24.92 1.86 56.22
N LYS B 160 -25.30 1.92 57.50
CA LYS B 160 -26.01 3.07 58.04
C LYS B 160 -25.14 3.92 58.94
N ASP B 161 -23.95 3.43 59.26
CA ASP B 161 -22.90 4.16 59.95
C ASP B 161 -21.62 3.50 59.49
N TYR B 162 -20.48 4.12 59.83
CA TYR B 162 -19.26 3.73 59.15
C TYR B 162 -18.17 3.39 60.13
N PRO B 163 -17.29 2.46 59.77
CA PRO B 163 -16.16 2.11 60.63
C PRO B 163 -15.10 3.19 60.58
N VAL B 164 -14.34 3.28 61.67
CA VAL B 164 -13.25 4.24 61.78
C VAL B 164 -11.95 3.52 61.42
N PRO B 165 -11.27 3.92 60.35
CA PRO B 165 -10.00 3.26 60.04
C PRO B 165 -9.00 3.50 61.15
N LYS B 166 -8.20 2.47 61.42
CA LYS B 166 -7.18 2.59 62.48
C LYS B 166 -5.94 3.31 61.96
N ASN B 167 -5.25 2.73 61.00
CA ASN B 167 -4.00 3.33 60.57
C ASN B 167 -4.16 4.38 59.47
N GLY B 168 -5.09 4.17 58.52
CA GLY B 168 -5.14 4.98 57.32
C GLY B 168 -6.50 5.67 57.17
N PHE B 169 -7.03 5.72 55.95
CA PHE B 169 -8.29 6.41 55.65
C PHE B 169 -9.33 5.41 55.18
N LEU B 170 -10.57 5.90 55.10
CA LEU B 170 -11.69 5.07 54.67
C LEU B 170 -11.99 5.33 53.19
N VAL B 171 -12.22 4.26 52.43
CA VAL B 171 -12.61 4.30 51.00
C VAL B 171 -13.92 3.55 50.87
N ALA B 172 -14.92 4.16 50.21
CA ALA B 172 -16.22 3.50 50.03
C ALA B 172 -16.70 3.58 48.58
N ASP B 173 -17.07 2.43 48.05
CA ASP B 173 -17.84 2.28 46.82
C ASP B 173 -19.29 2.60 47.17
N MET B 174 -19.72 3.81 46.82
CA MET B 174 -21.09 4.25 47.01
C MET B 174 -21.89 4.25 45.70
N SER B 175 -21.52 3.39 44.76
CA SER B 175 -22.17 3.38 43.43
C SER B 175 -23.69 3.34 43.59
N SER B 176 -24.22 2.36 44.34
CA SER B 176 -25.66 2.16 44.27
C SER B 176 -26.44 2.88 45.36
N ASN B 177 -25.80 3.72 46.18
CA ASN B 177 -26.57 4.63 47.05
C ASN B 177 -26.04 6.06 46.95
N PHE B 178 -25.34 6.36 45.86
CA PHE B 178 -24.74 7.68 45.70
C PHE B 178 -25.82 8.76 45.65
N CYS B 179 -25.67 9.82 46.47
CA CYS B 179 -26.64 10.92 46.53
C CYS B 179 -28.06 10.45 46.85
N SER B 180 -28.18 9.38 47.66
CA SER B 180 -29.44 8.96 48.24
C SER B 180 -29.66 9.52 49.63
N LYS B 181 -28.64 10.09 50.24
CA LYS B 181 -28.73 10.55 51.63
C LYS B 181 -27.47 11.35 51.96
N PRO B 182 -27.55 12.17 53.02
CA PRO B 182 -26.34 12.83 53.50
C PRO B 182 -25.25 11.84 53.89
N VAL B 183 -24.01 12.26 53.69
CA VAL B 183 -22.81 11.50 54.07
C VAL B 183 -21.82 12.50 54.63
N ASP B 184 -21.29 12.21 55.83
CA ASP B 184 -20.18 12.97 56.36
C ASP B 184 -18.93 12.69 55.54
N VAL B 185 -18.70 13.48 54.48
CA VAL B 185 -17.60 13.20 53.55
C VAL B 185 -16.27 13.28 54.27
N SER B 186 -16.16 14.12 55.29
CA SER B 186 -14.90 14.30 55.99
C SER B 186 -14.40 13.02 56.63
N LYS B 187 -15.26 12.03 56.81
CA LYS B 187 -14.85 10.77 57.40
C LYS B 187 -14.13 9.86 56.43
N PHE B 188 -14.10 10.23 55.15
CA PHE B 188 -13.62 9.37 54.07
C PHE B 188 -12.39 9.95 53.41
N GLY B 189 -11.47 9.09 53.00
CA GLY B 189 -10.43 9.56 52.11
C GLY B 189 -10.93 9.57 50.67
N VAL B 190 -11.68 8.54 50.30
CA VAL B 190 -12.24 8.46 48.95
C VAL B 190 -13.67 7.93 48.98
N ILE B 191 -14.56 8.58 48.23
CA ILE B 191 -15.88 8.04 47.90
C ILE B 191 -15.89 7.94 46.39
N TYR B 192 -16.36 6.83 45.87
CA TYR B 192 -16.49 6.71 44.44
C TYR B 192 -17.78 5.95 44.09
N GLY B 193 -18.26 6.17 42.87
CA GLY B 193 -19.38 5.39 42.39
C GLY B 193 -19.63 5.59 40.90
N GLY B 194 -20.02 4.54 40.20
CA GLY B 194 -20.51 4.73 38.85
C GLY B 194 -21.80 5.52 38.92
N ALA B 195 -22.02 6.39 37.92
CA ALA B 195 -23.21 7.22 37.94
C ALA B 195 -24.49 6.48 37.67
N GLN B 196 -24.41 5.32 37.02
CA GLN B 196 -25.59 4.77 36.39
C GLN B 196 -26.57 4.14 37.36
N LYS B 197 -26.21 3.91 38.59
CA LYS B 197 -27.18 3.30 39.50
C LYS B 197 -28.19 4.30 39.94
N ASN B 198 -27.69 5.33 40.59
CA ASN B 198 -28.57 6.30 41.18
C ASN B 198 -28.54 7.74 40.63
N VAL B 199 -27.52 8.23 39.86
CA VAL B 199 -27.38 9.65 39.43
C VAL B 199 -27.11 10.03 37.97
N GLY B 200 -27.38 9.15 37.00
CA GLY B 200 -27.14 9.49 35.61
C GLY B 200 -27.13 8.27 34.71
N PRO B 201 -26.67 8.48 33.47
CA PRO B 201 -26.50 7.38 32.54
C PRO B 201 -25.13 6.76 32.74
N SER B 202 -24.98 5.54 32.24
CA SER B 202 -23.68 4.90 32.36
CA SER B 202 -23.69 4.89 32.34
C SER B 202 -22.67 5.61 31.45
N GLY B 203 -21.40 5.54 31.83
CA GLY B 203 -20.34 6.21 31.11
C GLY B 203 -19.59 7.24 31.93
N VAL B 204 -20.11 7.58 33.12
CA VAL B 204 -19.48 8.50 34.09
C VAL B 204 -19.29 7.78 35.43
N THR B 205 -18.11 7.95 36.02
CA THR B 205 -17.79 7.54 37.39
C THR B 205 -17.31 8.75 38.14
N ILE B 206 -17.78 8.90 39.35
CA ILE B 206 -17.43 10.05 40.17
C ILE B 206 -16.47 9.59 41.26
N VAL B 207 -15.39 10.34 41.44
CA VAL B 207 -14.44 10.09 42.50
C VAL B 207 -14.34 11.36 43.36
N ILE B 208 -14.64 11.24 44.64
CA ILE B 208 -14.46 12.34 45.59
C ILE B 208 -13.26 11.96 46.43
N ILE B 209 -12.18 12.74 46.38
CA ILE B 209 -10.93 12.28 46.96
C ILE B 209 -10.24 13.42 47.69
N ARG B 210 -9.83 13.14 48.93
CA ARG B 210 -9.11 14.12 49.73
C ARG B 210 -7.82 14.59 49.01
N LYS B 211 -7.64 15.91 48.90
CA LYS B 211 -6.57 16.43 48.05
C LYS B 211 -5.18 15.94 48.48
N ASP B 212 -4.97 15.74 49.78
CA ASP B 212 -3.64 15.31 50.21
C ASP B 212 -3.38 13.84 49.92
N LEU B 213 -4.38 13.09 49.41
CA LEU B 213 -4.20 11.72 48.97
C LEU B 213 -3.90 11.59 47.46
N ILE B 214 -3.92 12.69 46.70
CA ILE B 214 -3.65 12.67 45.27
C ILE B 214 -2.15 12.77 45.04
N GLY B 215 -1.62 11.98 44.13
CA GLY B 215 -0.19 12.08 43.84
C GLY B 215 0.48 10.74 44.08
N ASN B 216 1.65 10.55 43.53
CA ASN B 216 2.46 9.37 43.85
C ASN B 216 1.75 8.05 43.52
N ALA B 217 1.05 8.00 42.38
CA ALA B 217 0.61 6.71 41.86
C ALA B 217 1.82 5.85 41.49
N GLN B 218 1.59 4.53 41.45
CA GLN B 218 2.64 3.58 41.04
C GLN B 218 3.05 3.84 39.59
N ASP B 219 4.33 3.51 39.28
CA ASP B 219 4.92 3.74 37.96
CA ASP B 219 4.85 3.85 37.96
C ASP B 219 4.09 3.14 36.84
N ILE B 220 3.49 1.98 37.10
CA ILE B 220 2.72 1.27 36.06
C ILE B 220 1.30 1.77 35.89
N THR B 221 0.87 2.77 36.63
CA THR B 221 -0.49 3.28 36.53
C THR B 221 -0.68 3.88 35.14
N PRO B 222 -1.65 3.40 34.34
CA PRO B 222 -1.94 4.09 33.08
C PRO B 222 -2.27 5.55 33.35
N VAL B 223 -1.88 6.42 32.41
CA VAL B 223 -2.15 7.83 32.61
C VAL B 223 -3.65 8.06 32.83
N MET B 224 -4.51 7.27 32.18
CA MET B 224 -5.94 7.47 32.33
C MET B 224 -6.48 6.99 33.67
N LEU B 225 -5.68 6.35 34.49
CA LEU B 225 -6.13 5.99 35.84
C LEU B 225 -5.48 6.84 36.93
N ASP B 226 -4.72 7.85 36.56
CA ASP B 226 -3.87 8.58 37.51
C ASP B 226 -4.64 9.76 38.08
N TYR B 227 -4.87 9.74 39.41
CA TYR B 227 -5.71 10.80 39.97
C TYR B 227 -5.07 12.17 39.83
N LYS B 228 -3.74 12.24 40.01
CA LYS B 228 -3.05 13.53 39.90
C LYS B 228 -3.24 14.11 38.50
N ILE B 229 -3.18 13.27 37.48
CA ILE B 229 -3.36 13.74 36.10
C ILE B 229 -4.76 14.31 35.96
N HIS B 230 -5.76 13.55 36.41
CA HIS B 230 -7.13 14.03 36.30
C HIS B 230 -7.36 15.28 37.12
N ASP B 231 -6.88 15.31 38.37
CA ASP B 231 -7.14 16.45 39.23
C ASP B 231 -6.49 17.72 38.67
N GLU B 232 -5.23 17.63 38.25
CA GLU B 232 -4.58 18.87 37.84
C GLU B 232 -5.13 19.39 36.51
N ASN B 233 -5.84 18.56 35.75
CA ASN B 233 -6.48 18.95 34.50
C ASN B 233 -7.98 19.12 34.66
N SER B 234 -8.47 19.04 35.88
CA SER B 234 -9.88 19.32 36.18
C SER B 234 -10.82 18.42 35.37
N SER B 235 -10.43 17.15 35.27
CA SER B 235 -11.16 16.08 34.59
C SER B 235 -11.19 16.27 33.09
N LEU B 236 -10.35 17.12 32.58
CA LEU B 236 -10.22 17.36 31.15
C LEU B 236 -8.84 16.99 30.63
N TYR B 237 -8.23 15.91 31.14
CA TYR B 237 -6.91 15.57 30.63
C TYR B 237 -7.03 15.05 29.20
N ASN B 238 -7.96 14.12 28.96
CA ASN B 238 -8.32 13.67 27.62
C ASN B 238 -9.77 14.11 27.40
N THR B 239 -10.42 13.55 26.38
CA THR B 239 -11.81 13.94 26.13
C THR B 239 -12.71 13.27 27.18
N PRO B 240 -13.42 14.04 28.01
CA PRO B 240 -14.25 13.45 29.05
C PRO B 240 -15.55 12.96 28.46
N PRO B 241 -16.33 12.20 29.22
CA PRO B 241 -17.69 11.81 28.78
C PRO B 241 -18.64 13.02 28.94
N CYS B 242 -18.61 13.90 27.94
CA CYS B 242 -19.27 15.21 28.04
C CYS B 242 -20.77 15.09 28.26
N PHE B 243 -21.45 14.27 27.43
CA PHE B 243 -22.90 14.17 27.58
C PHE B 243 -23.29 13.54 28.92
N GLY B 244 -22.59 12.49 29.36
CA GLY B 244 -22.93 11.89 30.65
C GLY B 244 -22.71 12.86 31.81
N ILE B 245 -21.65 13.66 31.75
CA ILE B 245 -21.40 14.68 32.79
C ILE B 245 -22.52 15.73 32.78
N TYR B 246 -22.94 16.16 31.60
CA TYR B 246 -24.10 17.02 31.48
C TYR B 246 -25.36 16.40 32.11
N MET B 247 -25.65 15.14 31.77
CA MET B 247 -26.80 14.45 32.36
C MET B 247 -26.69 14.37 33.89
N CYS B 248 -25.49 14.06 34.42
CA CYS B 248 -25.34 14.06 35.87
C CYS B 248 -25.65 15.43 36.44
N GLY B 249 -25.20 16.49 35.76
CA GLY B 249 -25.51 17.83 36.20
C GLY B 249 -27.00 18.12 36.28
N LEU B 250 -27.77 17.63 35.29
CA LEU B 250 -29.22 17.82 35.37
C LEU B 250 -29.78 17.11 36.59
N VAL B 251 -29.32 15.89 36.85
CA VAL B 251 -29.81 15.14 38.00
C VAL B 251 -29.49 15.87 39.31
N PHE B 252 -28.24 16.36 39.46
CA PHE B 252 -27.85 17.07 40.68
C PHE B 252 -28.66 18.34 40.89
N GLU B 253 -28.81 19.15 39.82
CA GLU B 253 -29.62 20.35 39.89
C GLU B 253 -31.05 20.03 40.35
N ASP B 254 -31.61 18.94 39.86
CA ASP B 254 -32.96 18.58 40.22
C ASP B 254 -33.05 18.05 41.65
N LEU B 255 -32.03 17.33 42.12
CA LEU B 255 -31.99 16.91 43.54
C LEU B 255 -31.92 18.10 44.47
N LEU B 256 -31.20 19.16 44.09
CA LEU B 256 -31.21 20.38 44.88
C LEU B 256 -32.59 21.02 44.90
N GLU B 257 -33.27 21.01 43.76
CA GLU B 257 -34.61 21.56 43.68
C GLU B 257 -35.59 20.76 44.52
N GLN B 258 -35.39 19.45 44.63
CA GLN B 258 -36.25 18.64 45.51
C GLN B 258 -36.04 18.97 46.98
N GLY B 259 -35.05 19.78 47.31
CA GLY B 259 -34.79 20.08 48.69
C GLY B 259 -33.52 19.47 49.24
N GLY B 260 -32.71 18.81 48.40
CA GLY B 260 -31.45 18.29 48.88
C GLY B 260 -31.56 16.89 49.45
N LEU B 261 -30.42 16.36 49.88
CA LEU B 261 -30.35 14.92 50.22
C LEU B 261 -31.13 14.54 51.48
N LYS B 262 -31.36 15.48 52.39
CA LYS B 262 -32.23 15.14 53.51
C LYS B 262 -33.63 14.82 53.02
N GLU B 263 -34.09 15.52 51.99
CA GLU B 263 -35.42 15.28 51.45
C GLU B 263 -35.42 14.04 50.59
N VAL B 264 -34.36 13.86 49.81
CA VAL B 264 -34.21 12.61 49.07
C VAL B 264 -34.27 11.42 50.01
N GLU B 265 -33.54 11.47 51.14
CA GLU B 265 -33.52 10.32 52.03
C GLU B 265 -34.90 10.06 52.63
N LYS B 266 -35.64 11.12 52.97
CA LYS B 266 -36.98 10.94 53.49
C LYS B 266 -37.83 10.13 52.53
N LYS B 267 -37.80 10.48 51.24
CA LYS B 267 -38.64 9.78 50.27
C LYS B 267 -38.19 8.33 50.11
N ASN B 268 -36.87 8.12 49.99
CA ASN B 268 -36.35 6.74 49.88
C ASN B 268 -36.77 5.90 51.09
N GLN B 269 -36.62 6.44 52.29
CA GLN B 269 -37.02 5.69 53.47
C GLN B 269 -38.51 5.34 53.41
N ARG B 270 -39.35 6.31 53.06
CA ARG B 270 -40.79 6.06 53.00
CA ARG B 270 -40.78 6.06 53.00
C ARG B 270 -41.12 4.95 52.02
N LYS B 271 -40.59 5.03 50.78
CA LYS B 271 -41.01 4.04 49.80
C LYS B 271 -40.38 2.69 50.09
N ALA B 272 -39.17 2.66 50.63
CA ALA B 272 -38.58 1.38 51.00
C ALA B 272 -39.36 0.72 52.12
N ASP B 273 -39.81 1.51 53.11
CA ASP B 273 -40.63 0.97 54.21
C ASP B 273 -41.88 0.26 53.67
N LEU B 274 -42.47 0.79 52.60
CA LEU B 274 -43.69 0.17 52.08
C LEU B 274 -43.39 -1.25 51.60
N LEU B 275 -42.27 -1.42 50.92
CA LEU B 275 -41.93 -2.71 50.35
C LEU B 275 -41.49 -3.67 51.44
N TYR B 276 -40.59 -3.22 52.31
CA TYR B 276 -40.14 -4.10 53.39
C TYR B 276 -41.28 -4.49 54.29
N ASN B 277 -42.22 -3.57 54.57
CA ASN B 277 -43.37 -3.97 55.39
C ASN B 277 -44.21 -5.02 54.68
N ALA B 278 -44.40 -4.88 53.37
CA ALA B 278 -45.23 -5.86 52.67
C ALA B 278 -44.60 -7.24 52.74
N ILE B 279 -43.28 -7.31 52.58
CA ILE B 279 -42.56 -8.59 52.72
C ILE B 279 -42.77 -9.15 54.12
N GLU B 280 -42.56 -8.30 55.12
CA GLU B 280 -42.59 -8.78 56.49
C GLU B 280 -44.01 -9.19 56.90
N GLU B 281 -45.01 -8.55 56.32
CA GLU B 281 -46.39 -8.87 56.64
C GLU B 281 -46.96 -10.02 55.81
N SER B 282 -46.20 -10.60 54.89
CA SER B 282 -46.73 -11.64 54.02
C SER B 282 -46.75 -13.02 54.69
N ASN B 283 -46.39 -13.14 55.96
CA ASN B 283 -46.39 -14.41 56.69
C ASN B 283 -45.51 -15.46 56.00
N GLY B 284 -44.31 -15.04 55.62
CA GLY B 284 -43.35 -15.92 55.00
C GLY B 284 -43.51 -16.12 53.51
N PHE B 285 -44.60 -15.65 52.88
CA PHE B 285 -44.79 -15.90 51.46
C PHE B 285 -43.65 -15.28 50.64
N PHE B 286 -43.30 -14.04 50.95
CA PHE B 286 -42.13 -13.33 50.45
C PHE B 286 -41.10 -13.24 51.57
N ARG B 287 -39.80 -13.29 51.25
CA ARG B 287 -38.76 -13.32 52.26
C ARG B 287 -37.60 -12.41 51.88
N CYS B 288 -37.11 -11.66 52.85
CA CYS B 288 -35.91 -10.86 52.69
C CYS B 288 -34.86 -11.37 53.68
N PRO B 289 -33.71 -11.87 53.22
CA PRO B 289 -32.75 -12.49 54.14
C PRO B 289 -31.93 -11.53 54.95
N VAL B 290 -31.93 -10.22 54.61
CA VAL B 290 -30.97 -9.28 55.16
C VAL B 290 -31.39 -8.87 56.56
N GLU B 291 -30.39 -8.76 57.44
CA GLU B 291 -30.62 -8.30 58.80
C GLU B 291 -31.28 -6.91 58.79
N LYS B 292 -32.33 -6.78 59.60
CA LYS B 292 -33.22 -5.61 59.57
C LYS B 292 -32.44 -4.29 59.54
N SER B 293 -31.41 -4.15 60.38
CA SER B 293 -30.84 -2.83 60.56
C SER B 293 -29.98 -2.38 59.37
N VAL B 294 -29.60 -3.29 58.47
CA VAL B 294 -28.75 -2.94 57.34
C VAL B 294 -29.49 -3.16 56.01
N ARG B 295 -30.81 -3.29 56.05
CA ARG B 295 -31.58 -3.40 54.81
C ARG B 295 -31.39 -2.16 53.95
N SER B 296 -30.97 -2.35 52.70
CA SER B 296 -30.74 -1.24 51.78
C SER B 296 -32.04 -0.49 51.48
N LEU B 297 -31.95 0.82 51.38
CA LEU B 297 -33.08 1.60 50.85
C LEU B 297 -33.10 1.58 49.32
N MET B 298 -32.07 1.04 48.69
CA MET B 298 -31.90 1.13 47.25
C MET B 298 -32.18 -0.15 46.51
N ASN B 299 -31.72 -1.30 47.03
CA ASN B 299 -31.84 -2.59 46.35
C ASN B 299 -32.44 -3.57 47.33
N VAL B 300 -33.59 -4.11 46.97
CA VAL B 300 -34.36 -4.96 47.87
C VAL B 300 -34.42 -6.34 47.26
N PRO B 301 -33.55 -7.26 47.68
CA PRO B 301 -33.66 -8.65 47.23
C PRO B 301 -34.73 -9.40 48.01
N PHE B 302 -35.55 -10.16 47.30
CA PHE B 302 -36.46 -11.01 48.05
C PHE B 302 -36.74 -12.26 47.23
N THR B 303 -37.14 -13.32 47.93
CA THR B 303 -37.46 -14.60 47.29
C THR B 303 -38.86 -15.00 47.66
N LEU B 304 -39.36 -16.01 46.95
CA LEU B 304 -40.62 -16.64 47.30
C LEU B 304 -40.37 -17.91 48.09
N GLU B 305 -41.23 -18.17 49.07
CA GLU B 305 -41.16 -19.44 49.78
C GLU B 305 -41.36 -20.63 48.83
N LYS B 306 -42.21 -20.44 47.83
CA LYS B 306 -42.37 -21.38 46.72
C LYS B 306 -41.50 -20.86 45.59
N SER B 307 -40.21 -21.25 45.58
CA SER B 307 -39.28 -20.57 44.69
C SER B 307 -39.64 -20.85 43.23
N GLU B 308 -40.26 -21.99 42.95
CA GLU B 308 -40.71 -22.30 41.60
C GLU B 308 -41.72 -21.31 41.04
N LEU B 309 -42.33 -20.46 41.88
CA LEU B 309 -43.26 -19.42 41.43
C LEU B 309 -42.58 -18.14 40.99
N GLU B 310 -41.26 -18.03 41.14
CA GLU B 310 -40.61 -16.74 40.89
C GLU B 310 -40.68 -16.33 39.42
N ALA B 311 -40.52 -17.28 38.50
CA ALA B 311 -40.58 -16.92 37.08
C ALA B 311 -41.96 -16.37 36.71
N GLU B 312 -43.03 -17.01 37.20
CA GLU B 312 -44.37 -16.47 36.95
C GLU B 312 -44.54 -15.07 37.55
N PHE B 313 -44.02 -14.86 38.76
CA PHE B 313 -44.09 -13.56 39.39
C PHE B 313 -43.46 -12.50 38.49
N ILE B 314 -42.26 -12.80 38.01
CA ILE B 314 -41.50 -11.83 37.22
C ILE B 314 -42.22 -11.56 35.91
N LYS B 315 -42.74 -12.60 35.26
CA LYS B 315 -43.39 -12.42 33.97
C LYS B 315 -44.70 -11.63 34.10
N GLU B 316 -45.53 -11.99 35.09
CA GLU B 316 -46.77 -11.26 35.30
C GLU B 316 -46.53 -9.82 35.74
N ALA B 317 -45.52 -9.59 36.60
CA ALA B 317 -45.19 -8.20 36.94
C ALA B 317 -44.82 -7.39 35.69
N ALA B 318 -44.04 -7.98 34.79
CA ALA B 318 -43.71 -7.23 33.57
C ALA B 318 -44.95 -6.95 32.72
N LYS B 319 -45.90 -7.88 32.67
CA LYS B 319 -47.14 -7.58 31.95
C LYS B 319 -47.87 -6.40 32.59
N GLU B 320 -47.70 -6.20 33.88
CA GLU B 320 -48.25 -5.07 34.62
C GLU B 320 -47.34 -3.85 34.58
N LYS B 321 -46.44 -3.78 33.62
CA LYS B 321 -45.59 -2.62 33.42
C LYS B 321 -44.61 -2.40 34.57
N MET B 322 -44.20 -3.47 35.24
CA MET B 322 -43.15 -3.40 36.25
C MET B 322 -42.04 -4.34 35.82
N VAL B 323 -40.92 -3.79 35.36
CA VAL B 323 -39.97 -4.57 34.60
C VAL B 323 -38.64 -4.63 35.34
N GLN B 324 -37.82 -5.61 34.94
CA GLN B 324 -36.46 -5.77 35.46
C GLN B 324 -36.45 -6.07 36.95
N LEU B 325 -37.39 -6.94 37.41
CA LEU B 325 -37.46 -7.38 38.80
C LEU B 325 -36.72 -8.68 39.07
N LYS B 326 -36.22 -9.36 38.05
CA LYS B 326 -35.44 -10.56 38.31
C LYS B 326 -34.16 -10.19 39.06
N GLY B 327 -33.76 -11.05 39.99
CA GLY B 327 -32.51 -10.81 40.69
C GLY B 327 -31.33 -10.77 39.74
N HIS B 328 -30.20 -10.28 40.25
CA HIS B 328 -28.94 -10.48 39.54
C HIS B 328 -28.76 -11.98 39.26
N ARG B 329 -28.17 -12.27 38.09
CA ARG B 329 -28.02 -13.65 37.62
C ARG B 329 -27.23 -14.53 38.60
N SER B 330 -26.31 -13.93 39.35
CA SER B 330 -25.51 -14.70 40.32
C SER B 330 -26.38 -15.32 41.40
N VAL B 331 -27.44 -14.62 41.83
CA VAL B 331 -28.24 -15.07 42.96
C VAL B 331 -29.62 -15.56 42.56
N GLY B 332 -30.17 -15.11 41.42
CA GLY B 332 -31.57 -15.42 41.13
C GLY B 332 -32.54 -14.68 42.06
N GLY B 333 -33.70 -15.30 42.31
CA GLY B 333 -34.81 -14.70 43.09
C GLY B 333 -35.33 -13.43 42.42
N MET B 334 -35.82 -12.48 43.24
CA MET B 334 -36.19 -11.15 42.72
C MET B 334 -35.32 -10.07 43.36
N ARG B 335 -35.22 -8.94 42.67
CA ARG B 335 -34.61 -7.73 43.23
C ARG B 335 -35.36 -6.49 42.77
N ALA B 336 -35.98 -5.77 43.71
CA ALA B 336 -36.59 -4.48 43.41
C ALA B 336 -35.54 -3.41 43.67
N SER B 337 -34.99 -2.81 42.62
CA SER B 337 -34.17 -1.62 42.85
C SER B 337 -35.09 -0.42 42.81
N ILE B 338 -35.00 0.41 43.85
CA ILE B 338 -35.91 1.53 44.09
C ILE B 338 -35.06 2.77 44.38
N TYR B 339 -34.34 3.19 43.37
CA TYR B 339 -33.44 4.33 43.45
C TYR B 339 -34.24 5.62 43.65
N ASN B 340 -33.49 6.73 43.77
CA ASN B 340 -34.07 8.05 44.00
C ASN B 340 -35.24 8.33 43.07
N ALA B 341 -35.02 8.11 41.76
CA ALA B 341 -36.00 8.50 40.73
C ALA B 341 -37.16 7.51 40.56
N MET B 342 -37.14 6.36 41.24
CA MET B 342 -38.28 5.44 41.15
C MET B 342 -39.48 6.14 41.76
N PRO B 343 -40.58 6.38 41.03
CA PRO B 343 -41.74 7.04 41.64
C PRO B 343 -42.33 6.23 42.80
N LEU B 344 -42.81 6.94 43.81
CA LEU B 344 -43.52 6.29 44.90
C LEU B 344 -44.65 5.41 44.38
N ALA B 345 -45.33 5.87 43.33
CA ALA B 345 -46.42 5.11 42.77
C ALA B 345 -45.95 3.79 42.19
N GLY B 346 -44.66 3.68 41.82
CA GLY B 346 -44.18 2.40 41.33
C GLY B 346 -44.02 1.38 42.44
N VAL B 347 -43.47 1.79 43.56
CA VAL B 347 -43.37 0.89 44.71
C VAL B 347 -44.77 0.55 45.22
N GLU B 348 -45.69 1.50 45.19
CA GLU B 348 -47.06 1.14 45.60
C GLU B 348 -47.63 0.10 44.65
N LYS B 349 -47.35 0.22 43.34
CA LYS B 349 -47.91 -0.76 42.42
C LYS B 349 -47.33 -2.13 42.66
N LEU B 350 -46.00 -2.19 42.92
CA LEU B 350 -45.39 -3.47 43.21
C LEU B 350 -45.97 -4.09 44.47
N VAL B 351 -46.21 -3.27 45.49
CA VAL B 351 -46.75 -3.78 46.75
C VAL B 351 -48.15 -4.32 46.55
N ALA B 352 -48.97 -3.61 45.77
CA ALA B 352 -50.31 -4.10 45.51
C ALA B 352 -50.27 -5.36 44.65
N PHE B 353 -49.35 -5.42 43.67
CA PHE B 353 -49.16 -6.64 42.89
C PHE B 353 -48.78 -7.82 43.78
N MET B 354 -47.89 -7.59 44.74
CA MET B 354 -47.43 -8.64 45.62
C MET B 354 -48.58 -9.16 46.48
N LYS B 355 -49.37 -8.24 47.01
CA LYS B 355 -50.52 -8.65 47.81
C LYS B 355 -51.48 -9.48 46.98
N ASP B 356 -51.68 -9.08 45.71
CA ASP B 356 -52.61 -9.82 44.86
C ASP B 356 -52.03 -11.16 44.46
N PHE B 357 -50.72 -11.21 44.16
CA PHE B 357 -50.09 -12.46 43.76
C PHE B 357 -50.17 -13.49 44.88
N GLN B 358 -49.94 -13.06 46.13
CA GLN B 358 -50.00 -13.97 47.26
C GLN B 358 -51.40 -14.53 47.46
N ALA B 359 -52.40 -13.65 47.41
CA ALA B 359 -53.77 -14.10 47.52
C ALA B 359 -54.09 -15.19 46.49
N LYS B 360 -53.53 -15.08 45.29
CA LYS B 360 -53.85 -16.03 44.22
C LYS B 360 -53.00 -17.30 44.27
N HIS B 361 -51.90 -17.32 45.00
CA HIS B 361 -51.05 -18.52 45.04
C HIS B 361 -50.86 -19.04 46.46
N ALA B 362 -51.82 -18.78 47.34
CA ALA B 362 -51.68 -19.28 48.69
C ALA B 362 -52.88 -20.12 49.01
N ALA C 3 4.87 17.09 -42.59
CA ALA C 3 5.01 16.09 -43.66
C ALA C 3 6.23 15.21 -43.40
N ARG C 4 6.25 13.99 -43.95
CA ARG C 4 7.43 13.15 -43.83
C ARG C 4 8.60 13.81 -44.55
N VAL C 5 9.79 13.72 -43.95
CA VAL C 5 10.97 14.27 -44.59
C VAL C 5 11.66 13.20 -45.42
N PHE C 6 12.58 13.59 -46.29
CA PHE C 6 13.53 12.63 -46.85
C PHE C 6 14.63 12.43 -45.83
N ASN C 7 14.77 11.22 -45.35
CA ASN C 7 15.59 10.94 -44.18
C ASN C 7 16.82 10.18 -44.64
N PHE C 8 17.97 10.85 -44.62
CA PHE C 8 19.19 10.27 -45.17
C PHE C 8 20.08 9.63 -44.10
N ALA C 9 19.48 9.24 -42.99
CA ALA C 9 20.23 8.66 -41.90
C ALA C 9 20.85 7.33 -42.31
N ALA C 10 22.01 7.05 -41.72
CA ALA C 10 22.76 5.86 -42.03
C ALA C 10 22.29 4.62 -41.30
N GLY C 11 21.37 4.72 -40.32
CA GLY C 11 20.99 3.56 -39.57
C GLY C 11 20.90 3.89 -38.10
N PRO C 12 19.69 3.76 -37.50
CA PRO C 12 18.43 3.41 -38.18
C PRO C 12 18.11 4.34 -39.34
N ALA C 13 17.20 3.90 -40.20
CA ALA C 13 17.12 4.45 -41.54
C ALA C 13 15.66 4.57 -41.97
N THR C 14 15.45 5.18 -43.14
CA THR C 14 14.09 5.30 -43.69
C THR C 14 13.53 3.92 -44.04
N LEU C 15 12.22 3.76 -43.84
CA LEU C 15 11.50 2.53 -44.11
C LEU C 15 10.38 2.80 -45.11
N PRO C 16 9.92 1.78 -45.82
CA PRO C 16 8.83 2.01 -46.79
C PRO C 16 7.53 2.45 -46.10
N GLU C 17 6.88 3.45 -46.72
CA GLU C 17 5.68 4.03 -46.12
C GLU C 17 4.53 3.02 -46.11
N ASN C 18 4.40 2.20 -47.16
CA ASN C 18 3.37 1.17 -47.12
C ASN C 18 3.62 0.14 -46.01
N VAL C 19 4.87 -0.21 -45.72
CA VAL C 19 5.18 -1.11 -44.61
C VAL C 19 4.84 -0.46 -43.30
N LEU C 20 5.20 0.80 -43.15
CA LEU C 20 4.87 1.50 -41.91
C LEU C 20 3.36 1.52 -41.69
N LEU C 21 2.62 1.74 -42.77
CA LEU C 21 1.18 1.89 -42.60
C LEU C 21 0.52 0.55 -42.35
N LYS C 22 1.10 -0.52 -42.92
CA LYS C 22 0.61 -1.86 -42.62
C LYS C 22 0.78 -2.18 -41.12
N ALA C 23 1.96 -1.86 -40.58
CA ALA C 23 2.21 -2.08 -39.15
C ALA C 23 1.27 -1.24 -38.31
N GLN C 24 0.98 -0.02 -38.75
CA GLN C 24 0.07 0.84 -37.98
C GLN C 24 -1.32 0.22 -37.92
N ALA C 25 -1.83 -0.23 -39.07
CA ALA C 25 -3.16 -0.79 -39.17
C ALA C 25 -3.30 -2.07 -38.35
N ASP C 26 -2.22 -2.83 -38.16
CA ASP C 26 -2.31 -4.06 -37.39
C ASP C 26 -1.84 -3.94 -35.96
N LEU C 27 -1.34 -2.75 -35.56
CA LEU C 27 -0.63 -2.62 -34.28
C LEU C 27 -1.50 -3.00 -33.08
N TYR C 28 -2.76 -2.55 -33.07
CA TYR C 28 -3.64 -2.79 -31.92
C TYR C 28 -4.16 -4.21 -31.86
N ASN C 29 -4.39 -4.82 -33.02
CA ASN C 29 -5.02 -6.13 -33.10
C ASN C 29 -4.61 -6.74 -34.43
N TRP C 30 -3.66 -7.65 -34.40
CA TRP C 30 -3.08 -8.15 -35.65
C TRP C 30 -4.03 -9.16 -36.28
N ARG C 31 -4.54 -8.84 -37.48
CA ARG C 31 -5.41 -9.74 -38.26
C ARG C 31 -6.56 -10.30 -37.42
N GLY C 32 -7.15 -9.45 -36.60
CA GLY C 32 -8.19 -9.92 -35.68
C GLY C 32 -7.83 -11.07 -34.77
N SER C 33 -6.54 -11.30 -34.51
CA SER C 33 -6.16 -12.31 -33.53
C SER C 33 -6.47 -11.88 -32.10
N GLY C 34 -6.93 -10.65 -31.89
CA GLY C 34 -7.23 -10.17 -30.55
C GLY C 34 -6.05 -9.63 -29.76
N MET C 35 -4.87 -9.50 -30.36
CA MET C 35 -3.77 -8.88 -29.66
C MET C 35 -2.78 -8.30 -30.65
N SER C 36 -1.93 -7.44 -30.12
CA SER C 36 -0.83 -6.86 -30.91
C SER C 36 0.27 -7.91 -31.10
N VAL C 37 1.02 -7.80 -32.22
CA VAL C 37 2.27 -8.57 -32.33
C VAL C 37 3.12 -8.33 -31.09
N MET C 38 3.06 -7.12 -30.55
CA MET C 38 3.89 -6.78 -29.40
C MET C 38 3.48 -7.51 -28.13
N GLU C 39 2.33 -8.20 -28.13
CA GLU C 39 1.81 -8.92 -26.99
C GLU C 39 1.77 -10.44 -27.18
N MET C 40 2.21 -10.94 -28.33
CA MET C 40 2.13 -12.36 -28.62
C MET C 40 3.21 -13.14 -27.89
N SER C 41 2.85 -14.29 -27.35
CA SER C 41 3.87 -15.22 -26.89
C SER C 41 4.73 -15.70 -28.06
N HIS C 42 6.05 -15.67 -27.88
CA HIS C 42 6.93 -16.24 -28.89
C HIS C 42 6.72 -17.73 -29.03
N ARG C 43 6.09 -18.37 -28.04
CA ARG C 43 5.78 -19.78 -28.06
C ARG C 43 4.38 -20.08 -28.63
N GLY C 44 3.67 -19.06 -29.14
CA GLY C 44 2.35 -19.24 -29.70
C GLY C 44 2.35 -19.33 -31.23
N LYS C 45 1.20 -19.78 -31.76
CA LYS C 45 1.13 -20.12 -33.19
C LYS C 45 1.17 -18.90 -34.08
N GLU C 46 0.68 -17.76 -33.59
CA GLU C 46 0.69 -16.58 -34.42
C GLU C 46 2.09 -16.08 -34.63
N PHE C 47 2.87 -15.94 -33.55
CA PHE C 47 4.23 -15.46 -33.77
C PHE C 47 5.05 -16.48 -34.56
N LEU C 48 4.82 -17.78 -34.33
CA LEU C 48 5.54 -18.80 -35.10
C LEU C 48 5.29 -18.62 -36.59
N SER C 49 4.04 -18.35 -36.99
CA SER C 49 3.76 -18.12 -38.39
C SER C 49 4.53 -16.91 -38.91
N ILE C 50 4.73 -15.91 -38.04
CA ILE C 50 5.39 -14.67 -38.47
C ILE C 50 6.88 -14.90 -38.65
N ILE C 51 7.53 -15.51 -37.68
CA ILE C 51 8.97 -15.72 -37.85
C ILE C 51 9.24 -16.73 -38.97
N GLN C 52 8.37 -17.73 -39.12
CA GLN C 52 8.61 -18.70 -40.19
C GLN C 52 8.44 -18.06 -41.57
N LYS C 53 7.48 -17.15 -41.72
CA LYS C 53 7.37 -16.52 -43.01
C LYS C 53 8.47 -15.49 -43.26
N ALA C 54 8.92 -14.78 -42.23
CA ALA C 54 10.03 -13.86 -42.43
C ALA C 54 11.28 -14.63 -42.88
N GLU C 55 11.51 -15.81 -42.30
CA GLU C 55 12.65 -16.63 -42.72
C GLU C 55 12.49 -17.12 -44.16
N SER C 56 11.33 -17.63 -44.51
CA SER C 56 11.17 -18.16 -45.84
CA SER C 56 11.11 -18.15 -45.84
C SER C 56 11.18 -17.05 -46.89
N ASP C 57 10.65 -15.86 -46.57
CA ASP C 57 10.72 -14.77 -47.55
C ASP C 57 12.18 -14.33 -47.77
N LEU C 58 12.95 -14.22 -46.69
CA LEU C 58 14.37 -13.87 -46.82
C LEU C 58 15.13 -14.92 -47.61
N ARG C 59 14.84 -16.20 -47.35
CA ARG C 59 15.42 -17.28 -48.15
C ARG C 59 15.08 -17.14 -49.64
N GLN C 60 13.84 -16.75 -49.97
CA GLN C 60 13.49 -16.51 -51.37
C GLN C 60 14.26 -15.32 -51.93
N LEU C 61 14.35 -14.23 -51.16
CA LEU C 61 14.93 -12.99 -51.68
C LEU C 61 16.39 -13.20 -52.02
N LEU C 62 17.16 -13.77 -51.11
CA LEU C 62 18.57 -13.95 -51.34
C LEU C 62 18.93 -15.29 -51.94
N GLU C 63 17.96 -16.11 -52.30
CA GLU C 63 18.20 -17.47 -52.79
C GLU C 63 19.16 -18.22 -51.88
N ILE C 64 18.80 -18.26 -50.60
CA ILE C 64 19.63 -18.93 -49.60
C ILE C 64 19.52 -20.44 -49.79
N PRO C 65 20.63 -21.18 -49.92
CA PRO C 65 20.53 -22.63 -50.09
C PRO C 65 20.05 -23.31 -48.81
N GLN C 66 19.53 -24.52 -48.99
CA GLN C 66 18.98 -25.25 -47.87
C GLN C 66 20.02 -25.57 -46.81
N GLU C 67 21.30 -25.64 -47.17
CA GLU C 67 22.27 -26.07 -46.18
C GLU C 67 22.82 -24.89 -45.35
N TYR C 68 22.15 -23.74 -45.37
CA TYR C 68 22.45 -22.61 -44.48
C TYR C 68 21.30 -22.43 -43.51
N SER C 69 21.63 -22.05 -42.26
CA SER C 69 20.66 -21.58 -41.29
C SER C 69 20.50 -20.07 -41.37
N VAL C 70 19.30 -19.62 -41.05
CA VAL C 70 18.97 -18.20 -40.89
C VAL C 70 18.58 -17.96 -39.42
N LEU C 71 19.31 -17.07 -38.73
CA LEU C 71 19.10 -16.83 -37.30
C LEU C 71 18.70 -15.37 -37.16
N PHE C 72 17.67 -15.11 -36.39
CA PHE C 72 17.21 -13.75 -36.07
C PHE C 72 17.61 -13.48 -34.62
N LEU C 73 18.55 -12.55 -34.40
CA LEU C 73 19.16 -12.38 -33.09
C LEU C 73 19.09 -10.93 -32.61
N GLN C 74 19.36 -10.77 -31.31
CA GLN C 74 19.53 -9.49 -30.64
C GLN C 74 20.99 -9.14 -30.55
N GLY C 75 21.28 -7.89 -30.24
CA GLY C 75 22.60 -7.48 -29.83
C GLY C 75 23.33 -6.67 -30.88
N GLY C 76 22.80 -6.54 -32.09
CA GLY C 76 23.42 -5.78 -33.14
C GLY C 76 24.53 -6.55 -33.84
N ALA C 77 25.01 -5.98 -34.95
CA ALA C 77 26.24 -6.49 -35.58
C ALA C 77 27.44 -6.41 -34.64
N THR C 78 27.51 -5.41 -33.76
CA THR C 78 28.66 -5.36 -32.85
C THR C 78 28.74 -6.62 -31.98
N THR C 79 27.60 -7.18 -31.58
CA THR C 79 27.63 -8.44 -30.83
C THR C 79 28.22 -9.57 -31.68
N GLN C 80 27.98 -9.56 -32.98
CA GLN C 80 28.55 -10.59 -33.84
C GLN C 80 30.07 -10.44 -33.99
N PHE C 81 30.63 -9.25 -33.76
CA PHE C 81 32.07 -9.09 -33.79
C PHE C 81 32.72 -9.99 -32.75
N ALA C 82 32.01 -10.26 -31.62
CA ALA C 82 32.45 -11.24 -30.63
C ALA C 82 32.00 -12.66 -30.98
N ALA C 83 30.73 -12.81 -31.36
CA ALA C 83 30.20 -14.15 -31.53
C ALA C 83 30.90 -14.91 -32.65
N LEU C 84 31.33 -14.23 -33.73
CA LEU C 84 31.98 -14.93 -34.84
C LEU C 84 33.23 -15.69 -34.40
N PRO C 85 34.27 -15.06 -33.86
CA PRO C 85 35.41 -15.85 -33.41
C PRO C 85 35.09 -16.78 -32.24
N LEU C 86 34.18 -16.41 -31.33
CA LEU C 86 33.85 -17.31 -30.22
C LEU C 86 33.25 -18.62 -30.74
N ASN C 87 32.41 -18.54 -31.77
CA ASN C 87 31.81 -19.76 -32.31
C ASN C 87 32.75 -20.49 -33.25
N LEU C 88 33.46 -19.77 -34.11
CA LEU C 88 34.08 -20.36 -35.29
C LEU C 88 35.52 -20.73 -35.07
N CYS C 89 36.11 -20.23 -33.99
CA CYS C 89 37.54 -20.37 -33.75
C CYS C 89 37.85 -20.95 -32.37
N LYS C 90 38.98 -21.63 -32.27
CA LYS C 90 39.62 -21.89 -31.00
C LYS C 90 40.48 -20.69 -30.63
N SER C 91 40.88 -20.61 -29.36
CA SER C 91 41.59 -19.40 -28.97
C SER C 91 42.95 -19.30 -29.63
N ASP C 92 43.48 -20.40 -30.17
CA ASP C 92 44.77 -20.35 -30.84
C ASP C 92 44.63 -20.44 -32.36
N ASP C 93 43.42 -20.19 -32.89
CA ASP C 93 43.22 -20.08 -34.33
C ASP C 93 43.51 -18.66 -34.81
N THR C 94 43.70 -18.49 -36.11
CA THR C 94 43.91 -17.18 -36.69
C THR C 94 42.78 -16.82 -37.65
N VAL C 95 42.37 -15.54 -37.64
CA VAL C 95 41.39 -14.98 -38.57
C VAL C 95 42.08 -13.93 -39.46
N ASP C 96 41.86 -14.00 -40.77
CA ASP C 96 42.38 -12.97 -41.66
C ASP C 96 41.34 -11.88 -41.85
N PHE C 97 41.79 -10.61 -41.85
CA PHE C 97 40.89 -9.50 -42.12
C PHE C 97 41.37 -8.67 -43.32
N VAL C 98 40.44 -8.26 -44.15
CA VAL C 98 40.66 -7.23 -45.16
C VAL C 98 39.89 -6.03 -44.65
N VAL C 99 40.58 -4.93 -44.36
CA VAL C 99 39.96 -3.79 -43.68
C VAL C 99 39.81 -2.67 -44.69
N THR C 100 38.57 -2.38 -45.12
CA THR C 100 38.34 -1.35 -46.10
C THR C 100 37.64 -0.11 -45.51
N GLY C 101 37.41 -0.11 -44.20
CA GLY C 101 36.92 1.08 -43.52
C GLY C 101 36.88 0.82 -42.04
N SER C 102 36.26 1.72 -41.30
CA SER C 102 36.37 1.60 -39.84
C SER C 102 35.47 0.52 -39.26
N TRP C 103 34.48 -0.01 -39.99
CA TRP C 103 33.68 -1.09 -39.39
C TRP C 103 34.46 -2.39 -39.38
N GLY C 104 35.25 -2.64 -40.41
CA GLY C 104 36.17 -3.74 -40.38
C GLY C 104 37.21 -3.59 -39.27
N ASP C 105 37.67 -2.37 -39.05
CA ASP C 105 38.62 -2.15 -37.97
C ASP C 105 37.98 -2.44 -36.59
N LYS C 106 36.69 -2.14 -36.41
CA LYS C 106 36.03 -2.47 -35.16
C LYS C 106 35.90 -3.99 -34.99
N ALA C 107 35.67 -4.70 -36.08
CA ALA C 107 35.58 -6.16 -36.00
C ALA C 107 36.92 -6.79 -35.63
N VAL C 108 38.03 -6.26 -36.17
CA VAL C 108 39.35 -6.77 -35.79
C VAL C 108 39.56 -6.68 -34.28
N LYS C 109 39.32 -5.50 -33.70
CA LYS C 109 39.68 -5.29 -32.30
C LYS C 109 38.89 -6.20 -31.38
N GLU C 110 37.60 -6.38 -31.66
CA GLU C 110 36.84 -7.31 -30.84
C GLU C 110 37.34 -8.74 -31.00
N ALA C 111 37.64 -9.16 -32.26
CA ALA C 111 38.07 -10.53 -32.50
C ALA C 111 39.37 -10.85 -31.76
N LYS C 112 40.22 -9.84 -31.57
CA LYS C 112 41.51 -10.07 -30.93
C LYS C 112 41.37 -10.55 -29.48
N LYS C 113 40.21 -10.34 -28.87
CA LYS C 113 39.97 -10.86 -27.53
C LYS C 113 39.86 -12.38 -27.53
N TYR C 114 39.52 -12.97 -28.66
CA TYR C 114 39.10 -14.36 -28.69
C TYR C 114 39.96 -15.27 -29.55
N CYS C 115 40.79 -14.74 -30.43
CA CYS C 115 41.73 -15.56 -31.18
C CYS C 115 42.80 -14.61 -31.75
N LYS C 116 43.65 -15.12 -32.62
CA LYS C 116 44.64 -14.31 -33.32
C LYS C 116 44.06 -13.69 -34.58
N THR C 117 44.53 -12.48 -34.90
CA THR C 117 44.05 -11.77 -36.07
C THR C 117 45.22 -11.29 -36.91
N ASN C 118 45.05 -11.38 -38.23
CA ASN C 118 46.00 -10.84 -39.21
C ASN C 118 45.23 -9.91 -40.14
N VAL C 119 45.64 -8.65 -40.19
CA VAL C 119 45.05 -7.71 -41.12
C VAL C 119 45.90 -7.82 -42.38
N ILE C 120 45.42 -8.60 -43.33
CA ILE C 120 46.31 -8.85 -44.47
C ILE C 120 46.28 -7.71 -45.45
N TRP C 121 45.30 -6.81 -45.35
CA TRP C 121 45.30 -5.62 -46.20
C TRP C 121 44.44 -4.58 -45.52
N SER C 122 44.89 -3.31 -45.58
CA SER C 122 44.13 -2.21 -45.01
C SER C 122 44.18 -1.01 -45.95
N GLY C 123 43.01 -0.37 -46.20
CA GLY C 123 42.98 0.81 -47.04
C GLY C 123 43.22 2.12 -46.29
N LYS C 124 43.58 2.05 -45.02
CA LYS C 124 43.78 3.25 -44.21
C LYS C 124 44.79 4.21 -44.86
N SER C 125 45.85 3.68 -45.46
CA SER C 125 46.92 4.54 -45.94
C SER C 125 46.46 5.46 -47.08
N GLU C 126 45.34 5.12 -47.74
CA GLU C 126 44.73 5.95 -48.78
C GLU C 126 43.31 6.35 -48.38
N LYS C 127 43.10 6.47 -47.06
CA LYS C 127 41.91 7.04 -46.45
C LYS C 127 40.68 6.21 -46.77
N TYR C 128 40.89 4.90 -46.93
CA TYR C 128 39.80 3.93 -47.08
C TYR C 128 38.97 4.28 -48.30
N THR C 129 39.63 4.24 -49.44
CA THR C 129 39.01 4.67 -50.66
C THR C 129 38.99 3.56 -51.68
N LYS C 130 39.55 2.39 -51.35
CA LYS C 130 39.80 1.37 -52.39
C LYS C 130 39.50 0.00 -51.85
N VAL C 131 39.36 -0.96 -52.77
CA VAL C 131 39.23 -2.38 -52.45
C VAL C 131 40.45 -3.06 -53.07
N PRO C 132 41.09 -4.00 -52.37
CA PRO C 132 42.32 -4.61 -52.94
C PRO C 132 42.05 -5.49 -54.15
N SER C 133 43.12 -5.77 -54.92
CA SER C 133 43.07 -6.84 -55.92
C SER C 133 43.16 -8.18 -55.19
N PHE C 134 42.15 -9.05 -55.38
CA PHE C 134 42.02 -10.20 -54.48
C PHE C 134 43.15 -11.21 -54.65
N GLU C 135 43.62 -11.44 -55.88
CA GLU C 135 44.60 -12.50 -56.08
C GLU C 135 46.00 -12.06 -55.66
N GLU C 136 46.11 -10.80 -55.26
CA GLU C 136 47.33 -10.27 -54.69
C GLU C 136 47.29 -10.38 -53.16
N LEU C 137 46.14 -10.71 -52.58
CA LEU C 137 46.06 -10.80 -51.13
C LEU C 137 46.99 -11.89 -50.62
N GLU C 138 47.72 -11.57 -49.55
CA GLU C 138 48.61 -12.53 -48.90
C GLU C 138 47.82 -13.16 -47.75
N GLN C 139 47.10 -14.24 -48.04
CA GLN C 139 46.25 -14.88 -47.04
C GLN C 139 47.05 -15.86 -46.18
N THR C 140 46.68 -15.94 -44.90
CA THR C 140 47.48 -16.78 -44.01
C THR C 140 47.16 -18.26 -44.22
N PRO C 141 48.17 -19.12 -44.26
CA PRO C 141 47.95 -20.52 -44.65
C PRO C 141 46.99 -21.29 -43.77
N ASP C 142 46.90 -20.98 -42.49
CA ASP C 142 45.98 -21.70 -41.63
C ASP C 142 44.82 -20.84 -41.15
N ALA C 143 44.56 -19.69 -41.80
CA ALA C 143 43.49 -18.82 -41.33
C ALA C 143 42.15 -19.55 -41.40
N LYS C 144 41.42 -19.52 -40.29
CA LYS C 144 40.13 -20.20 -40.19
C LYS C 144 39.09 -19.59 -41.13
N TYR C 145 39.08 -18.28 -41.24
CA TYR C 145 38.19 -17.57 -42.15
C TYR C 145 38.80 -16.21 -42.46
N LEU C 146 38.24 -15.61 -43.50
CA LEU C 146 38.62 -14.31 -44.05
C LEU C 146 37.42 -13.41 -43.87
N HIS C 147 37.60 -12.29 -43.19
CA HIS C 147 36.50 -11.40 -42.82
C HIS C 147 36.55 -10.15 -43.69
N ILE C 148 35.40 -9.76 -44.26
CA ILE C 148 35.28 -8.47 -44.94
C ILE C 148 34.07 -7.71 -44.40
N CYS C 149 34.07 -6.39 -44.56
CA CYS C 149 32.87 -5.58 -44.41
C CYS C 149 32.46 -5.22 -45.82
N ALA C 150 31.37 -5.82 -46.29
CA ALA C 150 31.04 -5.73 -47.70
C ALA C 150 30.64 -4.32 -48.10
N ASN C 151 30.13 -3.51 -47.18
CA ASN C 151 29.77 -2.13 -47.48
C ASN C 151 30.19 -1.32 -46.26
N GLU C 152 31.23 -0.49 -46.41
CA GLU C 152 31.78 0.29 -45.29
C GLU C 152 30.99 1.59 -45.21
N THR C 153 30.10 1.62 -44.23
CA THR C 153 28.99 2.58 -44.20
C THR C 153 29.47 4.01 -44.05
N ILE C 154 30.58 4.22 -43.35
CA ILE C 154 31.09 5.55 -43.10
C ILE C 154 31.95 6.02 -44.26
N HIS C 155 32.65 5.10 -44.94
CA HIS C 155 33.63 5.43 -45.96
C HIS C 155 33.12 5.26 -47.39
N GLY C 156 31.94 4.64 -47.60
CA GLY C 156 31.35 4.56 -48.93
C GLY C 156 31.98 3.55 -49.86
N VAL C 157 32.74 2.59 -49.32
CA VAL C 157 33.45 1.60 -50.09
C VAL C 157 32.67 0.30 -50.07
N GLU C 158 32.32 -0.21 -51.26
CA GLU C 158 31.46 -1.38 -51.38
C GLU C 158 32.13 -2.41 -52.27
N PHE C 159 32.20 -3.66 -51.78
CA PHE C 159 32.61 -4.79 -52.61
C PHE C 159 31.57 -5.07 -53.68
N LYS C 160 32.03 -5.25 -54.93
CA LYS C 160 31.16 -5.65 -56.03
C LYS C 160 31.35 -7.09 -56.44
N ASP C 161 32.45 -7.70 -56.05
CA ASP C 161 32.66 -9.14 -56.16
C ASP C 161 33.49 -9.49 -54.95
N TYR C 162 33.83 -10.76 -54.79
CA TYR C 162 34.27 -11.14 -53.46
C TYR C 162 35.56 -11.94 -53.55
N PRO C 163 36.45 -11.78 -52.57
CA PRO C 163 37.68 -12.59 -52.55
C PRO C 163 37.34 -14.01 -52.21
N VAL C 164 38.25 -14.92 -52.56
CA VAL C 164 38.11 -16.36 -52.33
C VAL C 164 39.05 -16.76 -51.21
N PRO C 165 38.55 -17.23 -50.06
CA PRO C 165 39.46 -17.57 -48.95
C PRO C 165 40.32 -18.74 -49.33
N LYS C 166 41.59 -18.61 -49.00
CA LYS C 166 42.55 -19.66 -49.33
C LYS C 166 42.30 -20.89 -48.49
N ASN C 167 42.43 -20.78 -47.18
CA ASN C 167 42.31 -21.95 -46.34
C ASN C 167 40.91 -22.23 -45.85
N GLY C 168 40.17 -21.18 -45.46
CA GLY C 168 38.90 -21.36 -44.78
C GLY C 168 37.73 -20.87 -45.62
N PHE C 169 36.80 -20.20 -44.95
CA PHE C 169 35.59 -19.68 -45.57
C PHE C 169 35.54 -18.17 -45.45
N LEU C 170 34.55 -17.58 -46.09
CA LEU C 170 34.40 -16.12 -46.16
C LEU C 170 33.29 -15.65 -45.23
N VAL C 171 33.57 -14.62 -44.42
CA VAL C 171 32.59 -13.98 -43.53
C VAL C 171 32.47 -12.53 -43.95
N ALA C 172 31.23 -12.04 -44.08
CA ALA C 172 30.97 -10.68 -44.54
C ALA C 172 29.93 -10.00 -43.67
N ASP C 173 30.30 -8.85 -43.12
CA ASP C 173 29.39 -7.90 -42.50
C ASP C 173 28.71 -7.18 -43.64
N MET C 174 27.46 -7.56 -43.91
CA MET C 174 26.66 -6.90 -44.92
C MET C 174 25.59 -6.02 -44.32
N SER C 175 25.80 -5.55 -43.06
CA SER C 175 24.86 -4.66 -42.39
C SER C 175 24.26 -3.60 -43.31
N SER C 176 25.08 -2.80 -44.00
CA SER C 176 24.52 -1.63 -44.66
C SER C 176 24.25 -1.85 -46.13
N ASN C 177 24.39 -3.08 -46.65
CA ASN C 177 23.88 -3.32 -48.02
C ASN C 177 23.06 -4.60 -48.06
N PHE C 178 22.57 -5.04 -46.90
CA PHE C 178 21.80 -6.29 -46.81
C PHE C 178 20.49 -6.21 -47.63
N CYS C 179 20.26 -7.20 -48.50
CA CYS C 179 19.08 -7.25 -49.37
C CYS C 179 18.99 -6.03 -50.28
N SER C 180 20.13 -5.46 -50.66
CA SER C 180 20.19 -4.45 -51.70
C SER C 180 20.41 -5.03 -53.10
N LYS C 181 20.74 -6.31 -53.21
CA LYS C 181 21.17 -6.89 -54.47
C LYS C 181 21.33 -8.37 -54.27
N PRO C 182 21.28 -9.16 -55.35
CA PRO C 182 21.59 -10.58 -55.18
C PRO C 182 23.01 -10.80 -54.67
N VAL C 183 23.16 -11.92 -53.96
CA VAL C 183 24.44 -12.37 -53.41
C VAL C 183 24.49 -13.88 -53.58
N ASP C 184 25.62 -14.40 -54.08
CA ASP C 184 25.79 -15.85 -54.16
C ASP C 184 26.20 -16.34 -52.77
N VAL C 185 25.18 -16.74 -51.99
CA VAL C 185 25.41 -17.09 -50.59
C VAL C 185 26.39 -18.25 -50.49
N SER C 186 26.41 -19.13 -51.50
CA SER C 186 27.25 -20.31 -51.40
C SER C 186 28.72 -19.95 -51.38
N LYS C 187 29.07 -18.71 -51.71
CA LYS C 187 30.47 -18.30 -51.63
C LYS C 187 30.91 -17.96 -50.21
N PHE C 188 29.99 -17.99 -49.26
CA PHE C 188 30.24 -17.49 -47.91
C PHE C 188 30.03 -18.60 -46.88
N GLY C 189 30.81 -18.56 -45.79
CA GLY C 189 30.40 -19.36 -44.64
C GLY C 189 29.39 -18.66 -43.73
N VAL C 190 29.58 -17.35 -43.54
CA VAL C 190 28.65 -16.55 -42.76
C VAL C 190 28.44 -15.21 -43.43
N ILE C 191 27.18 -14.80 -43.53
CA ILE C 191 26.80 -13.42 -43.82
C ILE C 191 26.01 -12.90 -42.61
N TYR C 192 26.32 -11.68 -42.16
CA TYR C 192 25.53 -11.10 -41.08
C TYR C 192 25.30 -9.60 -41.27
N GLY C 193 24.28 -9.10 -40.59
CA GLY C 193 24.05 -7.66 -40.53
C GLY C 193 22.95 -7.21 -39.59
N GLY C 194 23.14 -6.05 -38.97
CA GLY C 194 22.04 -5.42 -38.28
C GLY C 194 20.94 -5.11 -39.26
N ALA C 195 19.70 -5.29 -38.83
CA ALA C 195 18.60 -5.02 -39.74
C ALA C 195 18.40 -3.54 -40.02
N GLN C 196 18.90 -2.67 -39.14
CA GLN C 196 18.41 -1.30 -39.08
C GLN C 196 18.97 -0.41 -40.20
N LYS C 197 19.98 -0.87 -40.90
CA LYS C 197 20.48 -0.05 -42.00
C LYS C 197 19.55 -0.14 -43.16
N ASN C 198 19.35 -1.34 -43.71
CA ASN C 198 18.61 -1.48 -44.95
C ASN C 198 17.27 -2.28 -44.87
N VAL C 199 17.01 -3.06 -43.81
CA VAL C 199 15.83 -3.94 -43.81
C VAL C 199 14.89 -3.94 -42.60
N GLY C 200 14.96 -2.96 -41.69
CA GLY C 200 14.04 -3.01 -40.56
C GLY C 200 14.36 -2.04 -39.47
N PRO C 201 13.74 -2.19 -38.31
CA PRO C 201 14.08 -1.34 -37.18
C PRO C 201 15.29 -1.94 -36.47
N SER C 202 15.91 -1.14 -35.61
CA SER C 202 17.01 -1.68 -34.81
CA SER C 202 17.01 -1.67 -34.80
C SER C 202 16.45 -2.61 -33.74
N GLY C 203 17.29 -3.56 -33.33
CA GLY C 203 16.94 -4.60 -32.36
C GLY C 203 16.98 -6.00 -32.91
N VAL C 204 17.10 -6.16 -34.24
CA VAL C 204 17.30 -7.46 -34.91
C VAL C 204 18.61 -7.46 -35.69
N THR C 205 19.36 -8.59 -35.58
CA THR C 205 20.55 -8.88 -36.38
C THR C 205 20.31 -10.22 -37.07
N ILE C 206 20.57 -10.29 -38.34
CA ILE C 206 20.38 -11.52 -39.12
C ILE C 206 21.72 -12.19 -39.29
N VAL C 207 21.78 -13.50 -39.09
CA VAL C 207 23.00 -14.27 -39.34
C VAL C 207 22.63 -15.43 -40.25
N ILE C 208 23.28 -15.51 -41.41
CA ILE C 208 23.10 -16.61 -42.36
C ILE C 208 24.37 -17.40 -42.29
N ILE C 209 24.30 -18.67 -41.86
CA ILE C 209 25.53 -19.42 -41.53
C ILE C 209 25.45 -20.83 -42.09
N ARG C 210 26.54 -21.29 -42.71
CA ARG C 210 26.53 -22.62 -43.28
C ARG C 210 26.36 -23.64 -42.16
N LYS C 211 25.46 -24.63 -42.36
CA LYS C 211 25.09 -25.49 -41.24
C LYS C 211 26.27 -26.31 -40.71
N ASP C 212 27.25 -26.61 -41.56
CA ASP C 212 28.38 -27.40 -41.10
C ASP C 212 29.39 -26.58 -40.30
N LEU C 213 29.19 -25.29 -40.17
CA LEU C 213 30.00 -24.40 -39.32
C LEU C 213 29.41 -24.19 -37.94
N ILE C 214 28.19 -24.67 -37.68
CA ILE C 214 27.52 -24.44 -36.41
C ILE C 214 28.00 -25.46 -35.40
N GLY C 215 28.20 -25.01 -34.16
CA GLY C 215 28.59 -25.86 -33.03
C GLY C 215 30.04 -25.66 -32.63
N ASN C 216 30.38 -26.23 -31.47
CA ASN C 216 31.76 -26.23 -30.99
C ASN C 216 32.30 -24.82 -30.71
N ALA C 217 31.44 -23.94 -30.18
CA ALA C 217 31.89 -22.63 -29.72
C ALA C 217 32.83 -22.79 -28.53
N GLN C 218 33.61 -21.74 -28.26
CA GLN C 218 34.52 -21.73 -27.12
C GLN C 218 33.74 -21.85 -25.81
N ASP C 219 34.39 -22.45 -24.81
CA ASP C 219 33.80 -22.65 -23.49
CA ASP C 219 33.70 -22.67 -23.55
C ASP C 219 33.22 -21.35 -22.93
N ILE C 220 33.92 -20.24 -23.17
CA ILE C 220 33.53 -18.95 -22.59
C ILE C 220 32.41 -18.26 -23.35
N THR C 221 31.89 -18.85 -24.43
CA THR C 221 30.86 -18.19 -25.20
C THR C 221 29.60 -18.05 -24.34
N PRO C 222 29.09 -16.84 -24.11
CA PRO C 222 27.75 -16.71 -23.52
C PRO C 222 26.71 -17.51 -24.30
N VAL C 223 25.78 -18.11 -23.55
CA VAL C 223 24.78 -18.93 -24.22
C VAL C 223 24.06 -18.10 -25.26
N MET C 224 23.87 -16.80 -24.98
CA MET C 224 23.16 -15.94 -25.91
C MET C 224 23.97 -15.59 -27.16
N LEU C 225 25.27 -15.93 -27.20
CA LEU C 225 26.03 -15.73 -28.44
C LEU C 225 26.31 -17.04 -29.19
N ASP C 226 25.73 -18.14 -28.77
CA ASP C 226 26.09 -19.46 -29.26
C ASP C 226 25.23 -19.83 -30.47
N TYR C 227 25.86 -20.05 -31.63
CA TYR C 227 25.05 -20.29 -32.83
C TYR C 227 24.29 -21.60 -32.74
N LYS C 228 24.89 -22.66 -32.21
CA LYS C 228 24.16 -23.93 -32.09
C LYS C 228 22.91 -23.76 -31.23
N ILE C 229 23.02 -22.98 -30.15
CA ILE C 229 21.86 -22.81 -29.28
C ILE C 229 20.75 -22.15 -30.05
N HIS C 230 21.08 -21.08 -30.74
CA HIS C 230 20.08 -20.37 -31.52
C HIS C 230 19.53 -21.23 -32.64
N ASP C 231 20.41 -21.98 -33.32
CA ASP C 231 19.98 -22.79 -34.46
C ASP C 231 19.06 -23.91 -34.01
N GLU C 232 19.42 -24.61 -32.92
CA GLU C 232 18.60 -25.75 -32.56
C GLU C 232 17.26 -25.32 -31.96
N ASN C 233 17.14 -24.07 -31.50
CA ASN C 233 15.90 -23.54 -30.97
C ASN C 233 15.20 -22.60 -31.94
N SER C 234 15.68 -22.55 -33.20
CA SER C 234 15.05 -21.79 -34.30
C SER C 234 14.86 -20.34 -33.92
N SER C 235 15.91 -19.77 -33.31
CA SER C 235 15.93 -18.39 -32.82
C SER C 235 14.94 -18.13 -31.70
N LEU C 236 14.44 -19.18 -31.04
CA LEU C 236 13.52 -19.03 -29.93
C LEU C 236 14.11 -19.58 -28.64
N TYR C 237 15.44 -19.54 -28.48
CA TYR C 237 16.02 -20.03 -27.23
C TYR C 237 15.53 -19.20 -26.04
N ASN C 238 15.69 -17.88 -26.11
CA ASN C 238 15.10 -17.00 -25.12
C ASN C 238 13.97 -16.21 -25.79
N THR C 239 13.61 -15.09 -25.23
CA THR C 239 12.56 -14.27 -25.87
C THR C 239 13.15 -13.46 -27.02
N PRO C 240 12.69 -13.68 -28.25
CA PRO C 240 13.30 -13.02 -29.40
C PRO C 240 12.78 -11.60 -29.50
N PRO C 241 13.38 -10.77 -30.38
CA PRO C 241 12.86 -9.42 -30.65
C PRO C 241 11.64 -9.54 -31.57
N CYS C 242 10.49 -9.90 -30.97
CA CYS C 242 9.32 -10.32 -31.78
C CYS C 242 8.90 -9.23 -32.74
N PHE C 243 8.73 -8.01 -32.24
CA PHE C 243 8.20 -6.96 -33.12
C PHE C 243 9.19 -6.60 -34.21
N GLY C 244 10.49 -6.55 -33.90
CA GLY C 244 11.47 -6.31 -34.95
C GLY C 244 11.45 -7.38 -36.02
N ILE C 245 11.31 -8.65 -35.61
CA ILE C 245 11.27 -9.73 -36.59
C ILE C 245 10.02 -9.61 -37.47
N TYR C 246 8.89 -9.27 -36.84
CA TYR C 246 7.67 -8.98 -37.59
C TYR C 246 7.89 -7.87 -38.61
N MET C 247 8.54 -6.78 -38.19
CA MET C 247 8.82 -5.67 -39.11
C MET C 247 9.75 -6.10 -40.25
N CYS C 248 10.82 -6.82 -39.93
CA CYS C 248 11.66 -7.38 -40.98
C CYS C 248 10.84 -8.19 -41.96
N GLY C 249 9.92 -8.99 -41.44
CA GLY C 249 9.10 -9.80 -42.30
C GLY C 249 8.24 -8.98 -43.23
N LEU C 250 7.71 -7.85 -42.76
CA LEU C 250 6.96 -6.97 -43.67
C LEU C 250 7.87 -6.42 -44.76
N VAL C 251 9.06 -5.97 -44.39
CA VAL C 251 10.01 -5.48 -45.38
C VAL C 251 10.30 -6.57 -46.44
N PHE C 252 10.60 -7.80 -45.99
CA PHE C 252 10.95 -8.86 -46.92
C PHE C 252 9.78 -9.16 -47.85
N GLU C 253 8.56 -9.26 -47.31
CA GLU C 253 7.37 -9.47 -48.14
C GLU C 253 7.25 -8.41 -49.23
N ASP C 254 7.48 -7.16 -48.85
CA ASP C 254 7.37 -6.06 -49.81
C ASP C 254 8.50 -6.06 -50.82
N LEU C 255 9.73 -6.46 -50.43
CA LEU C 255 10.78 -6.56 -51.44
C LEU C 255 10.45 -7.64 -52.47
N LEU C 256 9.78 -8.72 -52.05
CA LEU C 256 9.35 -9.69 -53.03
C LEU C 256 8.29 -9.12 -53.95
N GLU C 257 7.37 -8.30 -53.40
CA GLU C 257 6.33 -7.67 -54.21
C GLU C 257 6.93 -6.68 -55.22
N GLN C 258 8.03 -6.03 -54.86
CA GLN C 258 8.80 -5.21 -55.80
C GLN C 258 9.45 -6.01 -56.92
N GLY C 259 9.47 -7.33 -56.85
CA GLY C 259 10.08 -8.15 -57.89
C GLY C 259 11.39 -8.78 -57.51
N GLY C 260 11.79 -8.68 -56.24
CA GLY C 260 13.01 -9.34 -55.77
C GLY C 260 14.24 -8.50 -55.96
N LEU C 261 15.38 -9.09 -55.58
CA LEU C 261 16.59 -8.28 -55.44
C LEU C 261 17.24 -7.89 -56.77
N LYS C 262 16.95 -8.56 -57.88
CA LYS C 262 17.43 -8.03 -59.15
C LYS C 262 16.82 -6.67 -59.44
N GLU C 263 15.55 -6.49 -59.08
CA GLU C 263 14.86 -5.22 -59.37
C GLU C 263 15.23 -4.18 -58.35
N VAL C 264 15.36 -4.60 -57.09
CA VAL C 264 15.86 -3.72 -56.05
C VAL C 264 17.22 -3.13 -56.46
N GLU C 265 18.12 -3.97 -56.96
CA GLU C 265 19.45 -3.49 -57.31
C GLU C 265 19.39 -2.51 -58.46
N LYS C 266 18.54 -2.78 -59.46
CA LYS C 266 18.41 -1.86 -60.58
C LYS C 266 17.98 -0.49 -60.08
N LYS C 267 17.04 -0.45 -59.15
CA LYS C 267 16.56 0.83 -58.64
C LYS C 267 17.63 1.54 -57.82
N ASN C 268 18.39 0.78 -57.00
CA ASN C 268 19.50 1.39 -56.25
C ASN C 268 20.57 1.97 -57.17
N GLN C 269 20.94 1.23 -58.19
CA GLN C 269 21.96 1.70 -59.12
C GLN C 269 21.49 2.95 -59.85
N ARG C 270 20.23 2.97 -60.25
CA ARG C 270 19.66 4.15 -60.89
CA ARG C 270 19.66 4.15 -60.89
C ARG C 270 19.79 5.38 -60.01
N LYS C 271 19.35 5.28 -58.75
CA LYS C 271 19.32 6.49 -57.94
C LYS C 271 20.71 6.86 -57.44
N ALA C 272 21.59 5.90 -57.19
CA ALA C 272 22.96 6.26 -56.85
C ALA C 272 23.63 6.98 -58.01
N ASP C 273 23.42 6.48 -59.22
CA ASP C 273 24.02 7.13 -60.38
C ASP C 273 23.64 8.61 -60.43
N LEU C 274 22.39 8.95 -60.12
CA LEU C 274 22.00 10.37 -60.17
C LEU C 274 22.88 11.22 -59.26
N LEU C 275 23.08 10.74 -58.03
CA LEU C 275 23.89 11.50 -57.06
C LEU C 275 25.38 11.46 -57.42
N TYR C 276 25.91 10.30 -57.80
CA TYR C 276 27.33 10.27 -58.13
C TYR C 276 27.62 11.13 -59.35
N ASN C 277 26.72 11.10 -60.34
CA ASN C 277 26.93 11.91 -61.52
C ASN C 277 26.86 13.40 -61.21
N ALA C 278 25.97 13.79 -60.30
CA ALA C 278 25.87 15.18 -59.94
C ALA C 278 27.15 15.65 -59.26
N ILE C 279 27.68 14.85 -58.35
CA ILE C 279 29.00 15.12 -57.76
C ILE C 279 30.05 15.27 -58.85
N GLU C 280 30.15 14.26 -59.72
CA GLU C 280 31.24 14.27 -60.71
C GLU C 280 31.11 15.45 -61.66
N GLU C 281 29.88 15.93 -61.88
CA GLU C 281 29.64 17.03 -62.81
C GLU C 281 29.75 18.40 -62.16
N SER C 282 30.06 18.47 -60.87
CA SER C 282 30.09 19.74 -60.16
C SER C 282 31.42 20.45 -60.29
N ASN C 283 32.33 19.94 -61.13
CA ASN C 283 33.60 20.61 -61.36
C ASN C 283 34.36 20.85 -60.05
N GLY C 284 34.33 19.86 -59.16
CA GLY C 284 35.08 19.93 -57.93
C GLY C 284 34.36 20.55 -56.76
N PHE C 285 33.18 21.16 -56.97
CA PHE C 285 32.50 21.83 -55.87
C PHE C 285 32.14 20.82 -54.78
N PHE C 286 31.63 19.66 -55.19
CA PHE C 286 31.41 18.49 -54.34
C PHE C 286 32.42 17.43 -54.75
N ARG C 287 32.96 16.68 -53.79
CA ARG C 287 33.78 15.57 -54.24
C ARG C 287 33.55 14.33 -53.41
N CYS C 288 33.80 13.18 -54.05
CA CYS C 288 33.66 11.85 -53.46
C CYS C 288 35.00 11.17 -53.60
N PRO C 289 35.68 10.82 -52.51
CA PRO C 289 37.07 10.35 -52.59
C PRO C 289 37.20 8.90 -53.00
N VAL C 290 36.12 8.16 -53.04
CA VAL C 290 36.16 6.72 -53.20
C VAL C 290 36.42 6.37 -54.66
N GLU C 291 37.24 5.37 -54.87
CA GLU C 291 37.57 4.95 -56.22
C GLU C 291 36.30 4.52 -56.95
N LYS C 292 36.19 4.89 -58.24
CA LYS C 292 34.87 4.81 -58.91
C LYS C 292 34.29 3.40 -58.88
N SER C 293 35.11 2.37 -59.06
CA SER C 293 34.52 1.05 -59.25
C SER C 293 33.98 0.44 -57.97
N VAL C 294 34.30 1.01 -56.82
CA VAL C 294 33.82 0.48 -55.55
C VAL C 294 32.95 1.49 -54.81
N ARG C 295 32.36 2.46 -55.52
CA ARG C 295 31.46 3.40 -54.85
C ARG C 295 30.19 2.70 -54.40
N SER C 296 29.87 2.86 -53.11
CA SER C 296 28.73 2.18 -52.53
C SER C 296 27.44 2.73 -53.15
N LEU C 297 26.49 1.83 -53.42
CA LEU C 297 25.13 2.26 -53.76
C LEU C 297 24.30 2.71 -52.55
N MET C 298 24.72 2.39 -51.36
CA MET C 298 23.96 2.67 -50.15
C MET C 298 24.42 3.92 -49.40
N ASN C 299 25.72 4.19 -49.29
CA ASN C 299 26.20 5.30 -48.46
C ASN C 299 27.13 6.15 -49.28
N VAL C 300 26.79 7.44 -49.45
CA VAL C 300 27.55 8.29 -50.37
C VAL C 300 28.19 9.41 -49.55
N PRO C 301 29.43 9.26 -49.11
CA PRO C 301 30.08 10.37 -48.41
C PRO C 301 30.60 11.33 -49.42
N PHE C 302 30.46 12.62 -49.12
CA PHE C 302 31.04 13.62 -50.00
C PHE C 302 31.36 14.83 -49.14
N THR C 303 32.26 15.67 -49.66
CA THR C 303 32.69 16.88 -48.98
C THR C 303 32.52 18.06 -49.91
N LEU C 304 32.63 19.25 -49.35
CA LEU C 304 32.65 20.46 -50.16
C LEU C 304 34.08 20.94 -50.26
N GLU C 305 34.43 21.45 -51.44
CA GLU C 305 35.69 22.14 -51.61
C GLU C 305 35.81 23.30 -50.62
N LYS C 306 34.75 24.05 -50.44
CA LYS C 306 34.73 25.10 -49.45
C LYS C 306 34.14 24.46 -48.21
N SER C 307 35.01 23.82 -47.42
CA SER C 307 34.54 23.01 -46.31
C SER C 307 33.77 23.85 -45.29
N GLU C 308 34.09 25.14 -45.16
CA GLU C 308 33.38 26.02 -44.23
C GLU C 308 31.90 26.15 -44.54
N LEU C 309 31.44 25.69 -45.71
CA LEU C 309 30.05 25.78 -46.11
C LEU C 309 29.24 24.57 -45.66
N GLU C 310 29.89 23.54 -45.13
CA GLU C 310 29.16 22.31 -44.87
C GLU C 310 28.05 22.52 -43.84
N ALA C 311 28.28 23.33 -42.81
CA ALA C 311 27.21 23.61 -41.84
C ALA C 311 26.00 24.26 -42.50
N GLU C 312 26.23 25.24 -43.37
CA GLU C 312 25.12 25.87 -44.08
C GLU C 312 24.45 24.89 -45.03
N PHE C 313 25.24 24.02 -45.68
CA PHE C 313 24.64 23.06 -46.58
C PHE C 313 23.64 22.18 -45.83
N ILE C 314 24.04 21.70 -44.66
CA ILE C 314 23.21 20.76 -43.92
C ILE C 314 21.98 21.46 -43.38
N LYS C 315 22.16 22.70 -42.91
CA LYS C 315 21.05 23.46 -42.35
C LYS C 315 19.99 23.73 -43.40
N GLU C 316 20.42 24.25 -44.55
CA GLU C 316 19.49 24.57 -45.61
C GLU C 316 18.83 23.31 -46.16
N ALA C 317 19.59 22.21 -46.30
CA ALA C 317 18.97 20.97 -46.73
C ALA C 317 17.88 20.55 -45.76
N ALA C 318 18.17 20.61 -44.45
CA ALA C 318 17.15 20.32 -43.46
C ALA C 318 15.93 21.24 -43.61
N LYS C 319 16.16 22.53 -43.87
CA LYS C 319 15.02 23.42 -44.10
C LYS C 319 14.17 22.95 -45.26
N GLU C 320 14.79 22.30 -46.24
CA GLU C 320 14.11 21.74 -47.40
C GLU C 320 13.65 20.31 -47.19
N LYS C 321 13.54 19.87 -45.93
CA LYS C 321 12.99 18.56 -45.59
C LYS C 321 13.88 17.41 -46.04
N MET C 322 15.19 17.63 -46.08
CA MET C 322 16.18 16.57 -46.30
C MET C 322 17.10 16.57 -45.09
N VAL C 323 17.00 15.52 -44.27
CA VAL C 323 17.59 15.55 -42.94
C VAL C 323 18.66 14.46 -42.83
N GLN C 324 19.44 14.57 -41.76
CA GLN C 324 20.50 13.60 -41.37
C GLN C 324 21.53 13.39 -42.49
N LEU C 325 21.96 14.49 -43.11
CA LEU C 325 22.98 14.46 -44.15
C LEU C 325 24.39 14.71 -43.61
N LYS C 326 24.56 14.99 -42.32
CA LYS C 326 25.91 15.21 -41.82
C LYS C 326 26.67 13.89 -41.87
N GLY C 327 27.96 13.94 -42.19
CA GLY C 327 28.77 12.74 -42.15
C GLY C 327 28.88 12.18 -40.73
N HIS C 328 29.21 10.89 -40.65
CA HIS C 328 29.52 10.29 -39.36
C HIS C 328 30.54 11.14 -38.61
N ARG C 329 30.34 11.24 -37.29
CA ARG C 329 31.08 12.20 -36.47
C ARG C 329 32.58 11.95 -36.52
N SER C 330 32.99 10.72 -36.80
CA SER C 330 34.41 10.36 -36.91
C SER C 330 35.09 10.94 -38.15
N VAL C 331 34.34 11.30 -39.18
CA VAL C 331 34.92 11.84 -40.40
C VAL C 331 34.41 13.23 -40.74
N GLY C 332 33.23 13.63 -40.29
CA GLY C 332 32.70 14.91 -40.74
C GLY C 332 32.23 14.82 -42.18
N GLY C 333 32.23 15.97 -42.86
CA GLY C 333 31.72 16.06 -44.22
C GLY C 333 30.20 15.84 -44.25
N MET C 334 29.70 15.38 -45.41
CA MET C 334 28.32 14.96 -45.62
C MET C 334 28.26 13.47 -45.93
N ARG C 335 27.10 12.86 -45.66
CA ARG C 335 26.90 11.47 -46.07
C ARG C 335 25.43 11.29 -46.42
N ALA C 336 25.15 11.03 -47.70
CA ALA C 336 23.78 10.71 -48.12
C ALA C 336 23.63 9.20 -48.08
N SER C 337 22.95 8.67 -47.06
CA SER C 337 22.55 7.26 -47.12
C SER C 337 21.27 7.16 -47.93
N ILE C 338 21.27 6.28 -48.92
CA ILE C 338 20.22 6.16 -49.93
C ILE C 338 19.86 4.69 -50.05
N TYR C 339 19.30 4.17 -48.98
CA TYR C 339 19.01 2.76 -48.87
C TYR C 339 17.84 2.38 -49.78
N ASN C 340 17.49 1.08 -49.79
CA ASN C 340 16.42 0.57 -50.64
C ASN C 340 15.18 1.45 -50.61
N ALA C 341 14.76 1.81 -49.40
CA ALA C 341 13.49 2.49 -49.14
C ALA C 341 13.57 4.01 -49.33
N MET C 342 14.74 4.56 -49.62
CA MET C 342 14.82 5.99 -49.88
C MET C 342 14.15 6.22 -51.23
N PRO C 343 13.09 7.03 -51.33
CA PRO C 343 12.44 7.23 -52.62
C PRO C 343 13.36 7.90 -53.62
N LEU C 344 13.22 7.49 -54.87
CA LEU C 344 13.92 8.13 -55.96
C LEU C 344 13.76 9.65 -55.89
N ALA C 345 12.55 10.13 -55.56
CA ALA C 345 12.29 11.57 -55.51
C ALA C 345 13.13 12.25 -54.43
N GLY C 346 13.48 11.52 -53.37
CA GLY C 346 14.39 12.05 -52.37
C GLY C 346 15.77 12.33 -52.92
N VAL C 347 16.31 11.37 -53.68
CA VAL C 347 17.61 11.59 -54.30
C VAL C 347 17.52 12.71 -55.34
N GLU C 348 16.40 12.76 -56.06
CA GLU C 348 16.34 13.82 -57.07
C GLU C 348 16.27 15.19 -56.38
N LYS C 349 15.60 15.26 -55.23
CA LYS C 349 15.54 16.55 -54.54
C LYS C 349 16.90 16.95 -54.02
N LEU C 350 17.65 15.99 -53.47
CA LEU C 350 19.05 16.25 -53.07
C LEU C 350 19.86 16.75 -54.26
N VAL C 351 19.84 16.02 -55.39
CA VAL C 351 20.57 16.47 -56.58
C VAL C 351 20.19 17.89 -56.96
N ALA C 352 18.89 18.19 -56.93
CA ALA C 352 18.50 19.51 -57.38
C ALA C 352 18.95 20.58 -56.39
N PHE C 353 18.88 20.27 -55.10
CA PHE C 353 19.38 21.17 -54.06
C PHE C 353 20.87 21.41 -54.22
N MET C 354 21.62 20.34 -54.54
CA MET C 354 23.06 20.49 -54.69
C MET C 354 23.39 21.40 -55.85
N LYS C 355 22.70 21.25 -56.98
CA LYS C 355 22.98 22.12 -58.12
C LYS C 355 22.64 23.57 -57.79
N ASP C 356 21.53 23.80 -57.11
CA ASP C 356 21.16 25.15 -56.75
C ASP C 356 22.13 25.74 -55.73
N PHE C 357 22.52 24.93 -54.73
CA PHE C 357 23.46 25.39 -53.71
C PHE C 357 24.78 25.82 -54.34
N GLN C 358 25.30 25.02 -55.27
CA GLN C 358 26.54 25.39 -55.96
C GLN C 358 26.36 26.69 -56.74
N ALA C 359 25.24 26.82 -57.45
CA ALA C 359 24.99 28.06 -58.19
C ALA C 359 25.04 29.26 -57.27
N LYS C 360 24.58 29.09 -56.04
CA LYS C 360 24.47 30.22 -55.13
C LYS C 360 25.76 30.50 -54.38
N HIS C 361 26.72 29.59 -54.44
CA HIS C 361 27.98 29.70 -53.73
C HIS C 361 29.17 29.48 -54.64
N ALA C 362 29.00 29.70 -55.93
CA ALA C 362 30.12 29.80 -56.84
C ALA C 362 30.79 31.12 -56.52
N ALA D 3 -12.68 -8.50 -31.26
CA ALA D 3 -12.40 -7.88 -29.96
C ALA D 3 -11.04 -8.37 -29.48
N ARG D 4 -10.40 -7.57 -28.65
CA ARG D 4 -9.17 -8.04 -28.02
C ARG D 4 -9.50 -9.07 -26.94
N VAL D 5 -8.59 -10.03 -26.79
CA VAL D 5 -8.78 -11.15 -25.89
C VAL D 5 -8.08 -10.85 -24.57
N PHE D 6 -8.35 -11.68 -23.56
CA PHE D 6 -7.60 -11.64 -22.31
C PHE D 6 -6.40 -12.56 -22.41
N ASN D 7 -5.22 -11.99 -22.29
CA ASN D 7 -3.99 -12.63 -22.73
C ASN D 7 -3.11 -12.89 -21.50
N PHE D 8 -3.10 -14.15 -21.02
CA PHE D 8 -2.42 -14.51 -19.77
C PHE D 8 -0.98 -14.98 -19.98
N ALA D 9 -0.41 -14.68 -21.13
CA ALA D 9 0.95 -15.09 -21.42
C ALA D 9 1.92 -14.48 -20.43
N ALA D 10 2.97 -15.26 -20.10
CA ALA D 10 4.04 -14.93 -19.17
C ALA D 10 5.12 -14.00 -19.72
N GLY D 11 5.12 -13.67 -21.01
CA GLY D 11 6.18 -12.84 -21.52
C GLY D 11 6.66 -13.34 -22.86
N PRO D 12 6.56 -12.50 -23.91
CA PRO D 12 5.94 -11.16 -23.97
C PRO D 12 4.50 -11.27 -23.48
N ALA D 13 3.85 -10.14 -23.21
CA ALA D 13 2.62 -10.20 -22.48
C ALA D 13 1.76 -8.98 -22.83
N THR D 14 0.62 -8.91 -22.19
CA THR D 14 -0.39 -7.89 -22.48
C THR D 14 0.10 -6.48 -22.11
N LEU D 15 -0.32 -5.49 -22.90
CA LEU D 15 0.10 -4.11 -22.76
C LEU D 15 -1.11 -3.21 -22.64
N PRO D 16 -0.96 -2.03 -22.03
CA PRO D 16 -2.12 -1.15 -21.85
C PRO D 16 -2.68 -0.70 -23.20
N GLU D 17 -4.02 -0.63 -23.28
CA GLU D 17 -4.66 -0.23 -24.53
C GLU D 17 -4.35 1.22 -24.90
N ASN D 18 -4.18 2.11 -23.91
CA ASN D 18 -3.86 3.48 -24.26
C ASN D 18 -2.42 3.64 -24.71
N VAL D 19 -1.54 2.73 -24.27
CA VAL D 19 -0.17 2.66 -24.79
C VAL D 19 -0.17 2.21 -26.25
N LEU D 20 -0.89 1.12 -26.54
CA LEU D 20 -0.91 0.60 -27.90
C LEU D 20 -1.52 1.62 -28.84
N LEU D 21 -2.56 2.33 -28.38
CA LEU D 21 -3.18 3.32 -29.24
C LEU D 21 -2.30 4.55 -29.45
N LYS D 22 -1.54 4.97 -28.42
CA LYS D 22 -0.57 6.05 -28.60
C LYS D 22 0.49 5.65 -29.62
N ALA D 23 0.98 4.43 -29.54
CA ALA D 23 1.99 3.97 -30.48
C ALA D 23 1.43 3.89 -31.90
N GLN D 24 0.15 3.52 -32.03
CA GLN D 24 -0.48 3.50 -33.33
C GLN D 24 -0.56 4.91 -33.90
N ALA D 25 -1.05 5.84 -33.07
CA ALA D 25 -1.25 7.21 -33.52
C ALA D 25 0.03 7.84 -34.04
N ASP D 26 1.17 7.49 -33.46
CA ASP D 26 2.41 8.17 -33.79
C ASP D 26 3.33 7.37 -34.70
N LEU D 27 2.85 6.23 -35.24
CA LEU D 27 3.78 5.27 -35.83
C LEU D 27 4.35 5.77 -37.15
N TYR D 28 3.58 6.56 -37.90
CA TYR D 28 3.98 7.06 -39.20
C TYR D 28 4.79 8.34 -39.11
N ASN D 29 4.55 9.16 -38.08
CA ASN D 29 5.18 10.49 -37.98
C ASN D 29 5.10 10.88 -36.51
N TRP D 30 6.18 10.70 -35.78
CA TRP D 30 6.17 11.01 -34.37
C TRP D 30 6.35 12.52 -34.15
N ARG D 31 5.32 13.16 -33.55
CA ARG D 31 5.37 14.56 -33.11
C ARG D 31 5.94 15.51 -34.17
N GLY D 32 5.43 15.39 -35.39
CA GLY D 32 5.80 16.31 -36.45
C GLY D 32 7.26 16.25 -36.83
N SER D 33 7.97 15.20 -36.41
CA SER D 33 9.36 15.04 -36.81
C SER D 33 9.48 14.61 -38.28
N GLY D 34 8.40 14.14 -38.88
CA GLY D 34 8.47 13.68 -40.23
C GLY D 34 8.98 12.26 -40.37
N MET D 35 9.09 11.52 -39.28
CA MET D 35 9.47 10.11 -39.41
C MET D 35 8.91 9.32 -38.24
N SER D 36 8.94 8.00 -38.40
CA SER D 36 8.58 7.07 -37.33
C SER D 36 9.71 6.99 -36.32
N VAL D 37 9.36 6.65 -35.06
CA VAL D 37 10.45 6.29 -34.15
C VAL D 37 11.32 5.20 -34.77
N MET D 38 10.76 4.31 -35.59
CA MET D 38 11.54 3.19 -36.10
C MET D 38 12.56 3.63 -37.16
N GLU D 39 12.53 4.89 -37.57
CA GLU D 39 13.42 5.44 -38.59
C GLU D 39 14.40 6.47 -38.07
N MET D 40 14.32 6.79 -36.79
CA MET D 40 15.09 7.90 -36.24
C MET D 40 16.52 7.46 -36.01
N SER D 41 17.47 8.33 -36.35
CA SER D 41 18.84 8.10 -35.90
C SER D 41 18.93 8.10 -34.38
N HIS D 42 19.65 7.11 -33.83
CA HIS D 42 19.99 7.11 -32.41
C HIS D 42 20.98 8.21 -32.04
N ARG D 43 21.63 8.86 -33.02
CA ARG D 43 22.46 10.03 -32.77
C ARG D 43 21.68 11.33 -32.95
N GLY D 44 20.33 11.26 -33.18
CA GLY D 44 19.50 12.43 -33.42
C GLY D 44 18.76 13.00 -32.21
N LYS D 45 18.27 14.24 -32.33
CA LYS D 45 17.70 14.89 -31.14
C LYS D 45 16.35 14.28 -30.75
N GLU D 46 15.58 13.79 -31.71
CA GLU D 46 14.29 13.23 -31.36
C GLU D 46 14.44 11.97 -30.51
N PHE D 47 15.25 11.01 -30.96
CA PHE D 47 15.43 9.81 -30.16
C PHE D 47 16.06 10.12 -28.82
N LEU D 48 17.05 11.02 -28.81
CA LEU D 48 17.62 11.44 -27.53
C LEU D 48 16.55 11.86 -26.55
N SER D 49 15.62 12.71 -27.00
CA SER D 49 14.56 13.10 -26.10
C SER D 49 13.79 11.90 -25.60
N ILE D 50 13.61 10.88 -26.45
CA ILE D 50 12.82 9.71 -26.03
C ILE D 50 13.56 8.87 -24.98
N ILE D 51 14.83 8.53 -25.25
CA ILE D 51 15.52 7.67 -24.29
C ILE D 51 15.73 8.40 -22.96
N GLN D 52 16.00 9.71 -23.02
CA GLN D 52 16.15 10.45 -21.78
C GLN D 52 14.87 10.50 -20.97
N LYS D 53 13.73 10.66 -21.63
CA LYS D 53 12.48 10.71 -20.89
C LYS D 53 12.10 9.33 -20.34
N ALA D 54 12.40 8.25 -21.07
CA ALA D 54 12.13 6.93 -20.53
C ALA D 54 12.95 6.71 -19.27
N GLU D 55 14.21 7.14 -19.28
CA GLU D 55 15.04 7.01 -18.09
C GLU D 55 14.49 7.85 -16.93
N SER D 56 14.13 9.11 -17.17
CA SER D 56 13.70 9.90 -16.01
C SER D 56 12.36 9.38 -15.47
N ASP D 57 11.45 9.00 -16.36
CA ASP D 57 10.19 8.43 -15.91
C ASP D 57 10.41 7.16 -15.08
N LEU D 58 11.34 6.28 -15.51
CA LEU D 58 11.63 5.08 -14.73
C LEU D 58 12.29 5.43 -13.39
N ARG D 59 13.19 6.42 -13.40
CA ARG D 59 13.74 6.87 -12.12
C ARG D 59 12.62 7.34 -11.18
N GLN D 60 11.63 8.07 -11.71
CA GLN D 60 10.53 8.55 -10.87
C GLN D 60 9.72 7.40 -10.30
N LEU D 61 9.43 6.40 -11.12
CA LEU D 61 8.56 5.31 -10.70
C LEU D 61 9.15 4.53 -9.55
N LEU D 62 10.43 4.14 -9.69
CA LEU D 62 11.14 3.33 -8.73
C LEU D 62 11.88 4.14 -7.68
N GLU D 63 11.80 5.46 -7.75
CA GLU D 63 12.57 6.35 -6.89
C GLU D 63 14.04 5.94 -6.90
N ILE D 64 14.60 5.87 -8.11
CA ILE D 64 16.00 5.39 -8.26
C ILE D 64 16.95 6.48 -7.76
N PRO D 65 17.90 6.19 -6.85
CA PRO D 65 18.82 7.23 -6.39
C PRO D 65 19.75 7.68 -7.50
N GLN D 66 20.26 8.91 -7.32
CA GLN D 66 21.11 9.51 -8.34
C GLN D 66 22.38 8.70 -8.57
N GLU D 67 22.86 8.02 -7.53
CA GLU D 67 24.12 7.31 -7.68
C GLU D 67 23.96 5.96 -8.39
N TYR D 68 22.83 5.72 -9.07
CA TYR D 68 22.62 4.52 -9.88
C TYR D 68 22.54 4.94 -11.34
N SER D 69 23.07 4.09 -12.22
CA SER D 69 22.87 4.23 -13.65
C SER D 69 21.70 3.36 -14.09
N VAL D 70 21.10 3.73 -15.22
CA VAL D 70 19.99 3.03 -15.84
C VAL D 70 20.42 2.75 -17.27
N LEU D 71 20.53 1.47 -17.61
CA LEU D 71 20.97 1.07 -18.93
C LEU D 71 19.83 0.37 -19.66
N PHE D 72 19.62 0.73 -20.93
CA PHE D 72 18.66 0.05 -21.80
C PHE D 72 19.48 -0.74 -22.81
N LEU D 73 19.41 -2.07 -22.73
CA LEU D 73 20.31 -2.95 -23.47
C LEU D 73 19.52 -3.97 -24.28
N GLN D 74 20.21 -4.64 -25.19
CA GLN D 74 19.68 -5.75 -25.98
C GLN D 74 20.11 -7.05 -25.36
N GLY D 75 19.47 -8.12 -25.80
CA GLY D 75 19.92 -9.48 -25.50
C GLY D 75 19.14 -10.23 -24.44
N GLY D 76 18.15 -9.64 -23.81
CA GLY D 76 17.31 -10.34 -22.85
C GLY D 76 17.96 -10.45 -21.48
N ALA D 77 17.16 -10.86 -20.49
CA ALA D 77 17.75 -11.11 -19.20
C ALA D 77 18.80 -12.21 -19.29
N THR D 78 18.65 -13.13 -20.24
CA THR D 78 19.62 -14.23 -20.31
C THR D 78 21.01 -13.73 -20.69
N THR D 79 21.10 -12.65 -21.45
CA THR D 79 22.44 -12.08 -21.68
C THR D 79 23.01 -11.54 -20.38
N GLN D 80 22.17 -11.05 -19.48
CA GLN D 80 22.65 -10.56 -18.19
C GLN D 80 23.19 -11.69 -17.30
N PHE D 81 22.72 -12.92 -17.52
CA PHE D 81 23.28 -14.06 -16.78
C PHE D 81 24.76 -14.16 -17.02
N ALA D 82 25.26 -13.73 -18.20
CA ALA D 82 26.70 -13.72 -18.49
C ALA D 82 27.33 -12.37 -18.15
N ALA D 83 26.64 -11.28 -18.44
CA ALA D 83 27.21 -9.95 -18.20
C ALA D 83 27.47 -9.69 -16.72
N LEU D 84 26.63 -10.22 -15.84
CA LEU D 84 26.81 -9.90 -14.41
C LEU D 84 28.16 -10.40 -13.91
N PRO D 85 28.51 -11.68 -14.03
CA PRO D 85 29.80 -12.12 -13.50
C PRO D 85 30.96 -11.62 -14.34
N LEU D 86 30.76 -11.45 -15.66
CA LEU D 86 31.84 -10.89 -16.47
C LEU D 86 32.21 -9.50 -15.98
N ASN D 87 31.22 -8.66 -15.71
CA ASN D 87 31.50 -7.28 -15.29
C ASN D 87 31.96 -7.22 -13.83
N LEU D 88 31.34 -8.02 -12.97
CA LEU D 88 31.39 -7.77 -11.54
C LEU D 88 32.38 -8.65 -10.80
N CYS D 89 32.87 -9.69 -11.44
CA CYS D 89 33.79 -10.65 -10.82
C CYS D 89 35.07 -10.78 -11.62
N LYS D 90 36.16 -11.05 -10.92
CA LYS D 90 37.27 -11.72 -11.57
C LYS D 90 36.94 -13.21 -11.67
N SER D 91 37.76 -13.93 -12.42
CA SER D 91 37.42 -15.30 -12.77
C SER D 91 37.51 -16.26 -11.61
N ASP D 92 38.28 -15.93 -10.56
CA ASP D 92 38.36 -16.73 -9.35
C ASP D 92 37.55 -16.15 -8.19
N ASP D 93 36.71 -15.16 -8.44
CA ASP D 93 35.78 -14.67 -7.44
C ASP D 93 34.60 -15.63 -7.30
N THR D 94 33.87 -15.50 -6.18
CA THR D 94 32.73 -16.34 -5.85
C THR D 94 31.44 -15.51 -5.78
N VAL D 95 30.36 -16.05 -6.32
CA VAL D 95 29.02 -15.48 -6.30
C VAL D 95 28.11 -16.47 -5.55
N ASP D 96 27.35 -15.97 -4.57
CA ASP D 96 26.31 -16.75 -3.87
C ASP D 96 24.98 -16.62 -4.59
N PHE D 97 24.25 -17.72 -4.64
CA PHE D 97 22.94 -17.79 -5.29
C PHE D 97 21.93 -18.37 -4.32
N VAL D 98 20.80 -17.70 -4.18
CA VAL D 98 19.62 -18.27 -3.56
C VAL D 98 18.69 -18.65 -4.69
N VAL D 99 18.45 -19.95 -4.88
CA VAL D 99 17.71 -20.45 -6.04
C VAL D 99 16.30 -20.85 -5.60
N THR D 100 15.29 -20.03 -5.96
CA THR D 100 13.90 -20.27 -5.62
C THR D 100 13.09 -20.77 -6.81
N GLY D 101 13.72 -21.00 -7.95
CA GLY D 101 13.03 -21.53 -9.11
C GLY D 101 13.99 -21.71 -10.27
N SER D 102 13.44 -22.00 -11.44
CA SER D 102 14.33 -22.39 -12.52
C SER D 102 15.06 -21.22 -13.15
N TRP D 103 14.57 -19.98 -13.01
CA TRP D 103 15.30 -18.86 -13.60
C TRP D 103 16.58 -18.57 -12.84
N GLY D 104 16.53 -18.69 -11.52
CA GLY D 104 17.75 -18.57 -10.74
C GLY D 104 18.73 -19.67 -11.08
N ASP D 105 18.22 -20.87 -11.33
CA ASP D 105 19.08 -21.98 -11.71
C ASP D 105 19.75 -21.70 -13.04
N LYS D 106 19.01 -21.17 -13.99
CA LYS D 106 19.61 -20.79 -15.27
C LYS D 106 20.72 -19.76 -15.06
N ALA D 107 20.53 -18.82 -14.10
CA ALA D 107 21.57 -17.82 -13.84
C ALA D 107 22.81 -18.44 -13.25
N VAL D 108 22.64 -19.46 -12.40
CA VAL D 108 23.81 -20.14 -11.83
C VAL D 108 24.62 -20.78 -12.93
N LYS D 109 23.94 -21.54 -13.78
CA LYS D 109 24.65 -22.35 -14.75
C LYS D 109 25.43 -21.48 -15.73
N GLU D 110 24.88 -20.34 -16.11
CA GLU D 110 25.64 -19.46 -17.00
C GLU D 110 26.81 -18.81 -16.26
N ALA D 111 26.60 -18.44 -14.99
CA ALA D 111 27.67 -17.80 -14.22
C ALA D 111 28.87 -18.71 -14.05
N LYS D 112 28.67 -20.02 -14.06
CA LYS D 112 29.76 -20.98 -13.87
C LYS D 112 30.85 -20.87 -14.93
N LYS D 113 30.52 -20.34 -16.11
CA LYS D 113 31.52 -20.12 -17.15
C LYS D 113 32.54 -19.07 -16.77
N TYR D 114 32.23 -18.19 -15.82
CA TYR D 114 32.94 -16.93 -15.64
C TYR D 114 33.46 -16.69 -14.24
N CYS D 115 32.95 -17.39 -13.23
CA CYS D 115 33.45 -17.27 -11.86
C CYS D 115 33.04 -18.52 -11.10
N LYS D 116 33.38 -18.55 -9.80
CA LYS D 116 32.93 -19.62 -8.93
C LYS D 116 31.54 -19.27 -8.41
N THR D 117 30.73 -20.29 -8.19
CA THR D 117 29.36 -20.10 -7.77
C THR D 117 29.11 -21.02 -6.59
N ASN D 118 28.37 -20.52 -5.62
CA ASN D 118 27.88 -21.30 -4.50
C ASN D 118 26.39 -21.13 -4.42
N VAL D 119 25.66 -22.23 -4.53
CA VAL D 119 24.21 -22.22 -4.34
C VAL D 119 23.98 -22.39 -2.83
N ILE D 120 23.79 -21.28 -2.12
CA ILE D 120 23.71 -21.38 -0.67
C ILE D 120 22.37 -21.88 -0.19
N TRP D 121 21.37 -21.89 -1.07
CA TRP D 121 20.05 -22.41 -0.73
C TRP D 121 19.31 -22.74 -2.01
N SER D 122 18.65 -23.88 -2.06
CA SER D 122 17.85 -24.22 -3.22
C SER D 122 16.48 -24.68 -2.76
N GLY D 123 15.44 -24.21 -3.44
CA GLY D 123 14.11 -24.65 -3.08
C GLY D 123 13.65 -25.90 -3.79
N LYS D 124 14.56 -26.56 -4.51
CA LYS D 124 14.16 -27.65 -5.38
C LYS D 124 13.62 -28.83 -4.60
N SER D 125 14.11 -29.08 -3.38
CA SER D 125 13.67 -30.27 -2.64
C SER D 125 12.20 -30.20 -2.23
N GLU D 126 11.62 -29.02 -2.20
CA GLU D 126 10.17 -28.91 -1.98
C GLU D 126 9.48 -28.32 -3.21
N LYS D 127 10.04 -28.60 -4.40
CA LYS D 127 9.42 -28.24 -5.67
C LYS D 127 9.30 -26.73 -5.86
N TYR D 128 10.26 -25.98 -5.31
CA TYR D 128 10.32 -24.54 -5.54
C TYR D 128 9.00 -23.87 -5.13
N THR D 129 8.70 -23.96 -3.83
CA THR D 129 7.47 -23.42 -3.31
C THR D 129 7.71 -22.44 -2.18
N LYS D 130 8.97 -22.14 -1.84
CA LYS D 130 9.26 -21.38 -0.64
C LYS D 130 10.43 -20.45 -0.88
N VAL D 131 10.55 -19.48 0.03
CA VAL D 131 11.68 -18.58 0.15
C VAL D 131 12.37 -18.92 1.48
N PRO D 132 13.70 -18.93 1.55
CA PRO D 132 14.36 -19.23 2.85
C PRO D 132 14.16 -18.12 3.87
N SER D 133 14.22 -18.50 5.14
CA SER D 133 14.41 -17.51 6.19
C SER D 133 15.80 -16.93 6.06
N PHE D 134 15.90 -15.59 6.02
CA PHE D 134 17.15 -14.98 5.58
C PHE D 134 18.28 -15.09 6.60
N GLU D 135 17.93 -15.18 7.88
CA GLU D 135 18.95 -15.21 8.92
C GLU D 135 19.69 -16.54 8.94
N GLU D 136 18.99 -17.63 8.61
CA GLU D 136 19.53 -18.97 8.49
C GLU D 136 20.36 -19.19 7.22
N LEU D 137 20.36 -18.25 6.28
CA LEU D 137 21.18 -18.35 5.09
C LEU D 137 22.65 -18.25 5.44
N GLU D 138 23.44 -19.21 5.00
CA GLU D 138 24.87 -19.25 5.27
C GLU D 138 25.60 -18.68 4.05
N GLN D 139 25.88 -17.38 4.08
CA GLN D 139 26.54 -16.78 2.94
C GLN D 139 28.04 -16.99 3.02
N THR D 140 28.68 -16.93 1.90
CA THR D 140 30.11 -17.22 1.74
C THR D 140 30.90 -15.99 2.14
N PRO D 141 31.90 -16.13 3.01
CA PRO D 141 32.54 -14.95 3.60
C PRO D 141 33.14 -13.99 2.58
N ASP D 142 33.61 -14.46 1.42
CA ASP D 142 34.22 -13.56 0.46
C ASP D 142 33.38 -13.38 -0.80
N ALA D 143 32.09 -13.72 -0.75
CA ALA D 143 31.24 -13.60 -1.94
C ALA D 143 31.14 -12.16 -2.44
N LYS D 144 31.36 -11.98 -3.75
CA LYS D 144 31.27 -10.66 -4.36
C LYS D 144 29.85 -10.11 -4.33
N TYR D 145 28.88 -10.97 -4.64
CA TYR D 145 27.49 -10.58 -4.53
C TYR D 145 26.64 -11.81 -4.28
N LEU D 146 25.39 -11.55 -3.94
CA LEU D 146 24.32 -12.50 -3.66
C LEU D 146 23.27 -12.27 -4.75
N HIS D 147 22.94 -13.32 -5.48
CA HIS D 147 22.00 -13.23 -6.60
C HIS D 147 20.69 -13.90 -6.20
N ILE D 148 19.57 -13.21 -6.43
CA ILE D 148 18.23 -13.78 -6.25
C ILE D 148 17.46 -13.57 -7.54
N CYS D 149 16.43 -14.38 -7.73
CA CYS D 149 15.42 -14.07 -8.75
C CYS D 149 14.16 -13.65 -7.99
N ALA D 150 13.81 -12.36 -8.06
CA ALA D 150 12.86 -11.79 -7.13
C ALA D 150 11.47 -12.35 -7.36
N ASN D 151 11.14 -12.69 -8.60
CA ASN D 151 9.87 -13.31 -8.94
C ASN D 151 10.13 -14.46 -9.90
N GLU D 152 9.92 -15.68 -9.44
CA GLU D 152 10.18 -16.84 -10.27
C GLU D 152 8.95 -17.13 -11.12
N THR D 153 9.07 -16.79 -12.42
CA THR D 153 7.97 -16.68 -13.34
C THR D 153 7.25 -18.02 -13.56
N ILE D 154 7.98 -19.14 -13.54
CA ILE D 154 7.36 -20.44 -13.77
C ILE D 154 6.80 -21.01 -12.48
N HIS D 155 7.44 -20.74 -11.34
CA HIS D 155 7.08 -21.44 -10.12
C HIS D 155 6.21 -20.61 -9.19
N GLY D 156 6.05 -19.31 -9.47
CA GLY D 156 5.12 -18.48 -8.75
C GLY D 156 5.57 -18.06 -7.38
N VAL D 157 6.88 -18.02 -7.15
CA VAL D 157 7.49 -17.68 -5.87
C VAL D 157 8.05 -16.27 -5.96
N GLU D 158 7.60 -15.37 -5.08
CA GLU D 158 8.02 -13.98 -5.13
C GLU D 158 8.57 -13.53 -3.77
N PHE D 159 9.74 -12.90 -3.76
CA PHE D 159 10.27 -12.26 -2.57
C PHE D 159 9.39 -11.08 -2.18
N LYS D 160 8.97 -11.04 -0.91
CA LYS D 160 8.28 -9.85 -0.42
C LYS D 160 9.21 -8.92 0.36
N ASP D 161 10.31 -9.43 0.91
CA ASP D 161 11.38 -8.64 1.50
C ASP D 161 12.68 -9.30 1.05
N TYR D 162 13.79 -8.67 1.38
CA TYR D 162 14.99 -9.11 0.70
C TYR D 162 16.08 -9.47 1.69
N PRO D 163 16.89 -10.47 1.35
CA PRO D 163 18.04 -10.80 2.19
C PRO D 163 19.10 -9.70 2.15
N VAL D 164 19.89 -9.67 3.22
CA VAL D 164 20.94 -8.67 3.34
C VAL D 164 22.27 -9.36 3.01
N PRO D 165 22.95 -8.98 1.94
CA PRO D 165 24.21 -9.62 1.62
C PRO D 165 25.23 -9.36 2.72
N LYS D 166 26.03 -10.38 3.00
CA LYS D 166 27.02 -10.29 4.07
C LYS D 166 28.24 -9.52 3.59
N ASN D 167 28.99 -10.10 2.65
CA ASN D 167 30.24 -9.50 2.21
C ASN D 167 30.08 -8.47 1.11
N GLY D 168 29.14 -8.70 0.19
CA GLY D 168 29.08 -7.89 -1.01
C GLY D 168 27.74 -7.19 -1.17
N PHE D 169 27.23 -7.12 -2.41
CA PHE D 169 25.99 -6.44 -2.72
C PHE D 169 24.97 -7.46 -3.23
N LEU D 170 23.73 -7.01 -3.32
CA LEU D 170 22.60 -7.83 -3.76
C LEU D 170 22.29 -7.54 -5.23
N VAL D 171 22.09 -8.61 -5.99
CA VAL D 171 21.67 -8.57 -7.39
C VAL D 171 20.35 -9.30 -7.47
N ALA D 172 19.34 -8.66 -8.07
CA ALA D 172 18.00 -9.27 -8.24
C ALA D 172 17.58 -9.27 -9.71
N ASP D 173 17.25 -10.44 -10.23
CA ASP D 173 16.53 -10.58 -11.49
C ASP D 173 15.08 -10.26 -11.22
N MET D 174 14.64 -9.08 -11.64
CA MET D 174 13.26 -8.63 -11.42
C MET D 174 12.41 -8.67 -12.70
N SER D 175 12.81 -9.49 -13.69
CA SER D 175 12.12 -9.49 -14.99
C SER D 175 10.60 -9.55 -14.84
N SER D 176 10.06 -10.54 -14.12
CA SER D 176 8.61 -10.75 -14.16
C SER D 176 7.83 -10.03 -13.03
N ASN D 177 8.48 -9.19 -12.23
CA ASN D 177 7.71 -8.28 -11.36
C ASN D 177 8.26 -6.85 -11.44
N PHE D 178 8.95 -6.51 -12.53
CA PHE D 178 9.59 -5.20 -12.65
C PHE D 178 8.52 -4.09 -12.70
N CYS D 179 8.68 -3.06 -11.87
CA CYS D 179 7.69 -1.95 -11.75
C CYS D 179 6.26 -2.45 -11.43
N SER D 180 6.16 -3.53 -10.66
CA SER D 180 4.89 -3.94 -10.09
C SER D 180 4.64 -3.36 -8.68
N LYS D 181 5.66 -2.78 -8.05
CA LYS D 181 5.53 -2.31 -6.68
C LYS D 181 6.77 -1.52 -6.35
N PRO D 182 6.73 -0.72 -5.29
CA PRO D 182 7.94 0.00 -4.89
C PRO D 182 9.06 -0.93 -4.48
N VAL D 183 10.28 -0.47 -4.69
CA VAL D 183 11.49 -1.21 -4.36
C VAL D 183 12.47 -0.22 -3.76
N ASP D 184 13.05 -0.57 -2.60
CA ASP D 184 14.13 0.22 -2.06
C ASP D 184 15.38 -0.06 -2.86
N VAL D 185 15.59 0.69 -3.96
CA VAL D 185 16.70 0.38 -4.86
C VAL D 185 18.04 0.46 -4.14
N SER D 186 18.16 1.31 -3.13
CA SER D 186 19.43 1.46 -2.41
C SER D 186 19.88 0.15 -1.74
N LYS D 187 18.96 -0.80 -1.53
CA LYS D 187 19.35 -2.08 -0.97
C LYS D 187 20.09 -2.98 -1.97
N PHE D 188 20.14 -2.61 -3.25
CA PHE D 188 20.63 -3.46 -4.31
C PHE D 188 21.88 -2.87 -4.96
N GLY D 189 22.80 -3.75 -5.33
CA GLY D 189 23.84 -3.33 -6.26
C GLY D 189 23.34 -3.28 -7.69
N VAL D 190 22.53 -4.26 -8.08
CA VAL D 190 22.01 -4.35 -9.44
C VAL D 190 20.59 -4.88 -9.38
N ILE D 191 19.70 -4.23 -10.11
CA ILE D 191 18.40 -4.78 -10.48
C ILE D 191 18.38 -4.88 -11.99
N TYR D 192 17.93 -6.02 -12.51
CA TYR D 192 17.79 -6.16 -13.94
C TYR D 192 16.50 -6.88 -14.31
N GLY D 193 16.07 -6.68 -15.57
CA GLY D 193 14.87 -7.36 -16.01
C GLY D 193 14.67 -7.20 -17.50
N GLY D 194 14.29 -8.28 -18.19
CA GLY D 194 13.81 -8.13 -19.54
C GLY D 194 12.48 -7.38 -19.50
N ALA D 195 12.28 -6.48 -20.48
CA ALA D 195 11.12 -5.61 -20.42
C ALA D 195 9.83 -6.34 -20.77
N GLN D 196 9.92 -7.48 -21.43
CA GLN D 196 8.71 -8.06 -22.02
C GLN D 196 7.75 -8.73 -21.02
N LYS D 197 8.15 -9.00 -19.80
CA LYS D 197 7.14 -9.57 -18.92
C LYS D 197 6.19 -8.51 -18.45
N ASN D 198 6.73 -7.47 -17.81
CA ASN D 198 5.83 -6.51 -17.21
C ASN D 198 5.84 -5.08 -17.79
N VAL D 199 6.83 -4.61 -18.56
CA VAL D 199 6.96 -3.19 -18.93
C VAL D 199 7.23 -2.76 -20.39
N GLY D 200 7.00 -3.63 -21.37
CA GLY D 200 7.21 -3.27 -22.76
C GLY D 200 7.23 -4.47 -23.67
N PRO D 201 7.70 -4.29 -24.89
CA PRO D 201 7.79 -5.40 -25.84
C PRO D 201 9.16 -6.04 -25.60
N SER D 202 9.37 -7.16 -26.25
CA SER D 202 10.65 -7.81 -26.12
CA SER D 202 10.66 -7.82 -26.11
C SER D 202 11.67 -7.13 -27.02
N GLY D 203 12.93 -7.24 -26.64
CA GLY D 203 14.02 -6.56 -27.33
C GLY D 203 14.78 -5.58 -26.48
N VAL D 204 14.26 -5.29 -25.29
CA VAL D 204 14.88 -4.39 -24.31
C VAL D 204 15.04 -5.10 -22.96
N THR D 205 16.24 -4.94 -22.35
CA THR D 205 16.53 -5.35 -20.99
C THR D 205 17.00 -4.12 -20.23
N ILE D 206 16.48 -3.95 -19.03
CA ILE D 206 16.85 -2.81 -18.18
C ILE D 206 17.80 -3.25 -17.08
N VAL D 207 18.92 -2.53 -16.93
CA VAL D 207 19.88 -2.76 -15.86
C VAL D 207 19.98 -1.47 -15.02
N ILE D 208 19.69 -1.60 -13.74
CA ILE D 208 19.82 -0.49 -12.79
C ILE D 208 21.01 -0.86 -11.93
N ILE D 209 22.12 -0.12 -12.02
CA ILE D 209 23.38 -0.56 -11.43
C ILE D 209 24.01 0.61 -10.67
N ARG D 210 24.42 0.35 -9.43
CA ARG D 210 25.12 1.34 -8.62
C ARG D 210 26.40 1.77 -9.34
N LYS D 211 26.62 3.07 -9.45
CA LYS D 211 27.69 3.55 -10.35
C LYS D 211 29.07 3.06 -9.92
N ASP D 212 29.30 2.86 -8.62
CA ASP D 212 30.62 2.44 -8.17
C ASP D 212 30.89 0.97 -8.45
N LEU D 213 29.93 0.24 -8.99
CA LEU D 213 30.14 -1.14 -9.42
C LEU D 213 30.44 -1.26 -10.92
N ILE D 214 30.38 -0.16 -11.66
CA ILE D 214 30.65 -0.18 -13.10
C ILE D 214 32.14 -0.09 -13.35
N GLY D 215 32.64 -0.91 -14.25
CA GLY D 215 34.05 -0.87 -14.54
C GLY D 215 34.73 -2.17 -14.21
N ASN D 216 35.89 -2.38 -14.80
CA ASN D 216 36.73 -3.54 -14.52
C ASN D 216 36.03 -4.85 -14.85
N ALA D 217 35.38 -4.89 -16.00
CA ALA D 217 34.92 -6.17 -16.50
C ALA D 217 36.13 -7.03 -16.90
N GLN D 218 35.92 -8.34 -16.93
CA GLN D 218 36.96 -9.26 -17.36
C GLN D 218 37.39 -8.98 -18.81
N ASP D 219 38.66 -9.33 -19.11
CA ASP D 219 39.26 -9.10 -20.42
CA ASP D 219 39.19 -8.99 -20.42
C ASP D 219 38.44 -9.69 -21.55
N ILE D 220 37.84 -10.87 -21.30
CA ILE D 220 37.07 -11.58 -22.32
C ILE D 220 35.64 -11.08 -22.48
N THR D 221 35.21 -10.10 -21.70
CA THR D 221 33.87 -9.52 -21.86
C THR D 221 33.68 -8.94 -23.27
N PRO D 222 32.72 -9.43 -24.05
CA PRO D 222 32.39 -8.74 -25.31
C PRO D 222 32.06 -7.27 -25.05
N VAL D 223 32.47 -6.40 -25.97
CA VAL D 223 32.20 -4.98 -25.77
C VAL D 223 30.70 -4.74 -25.56
N MET D 224 29.83 -5.53 -26.20
CA MET D 224 28.39 -5.37 -26.07
C MET D 224 27.82 -5.90 -24.76
N LEU D 225 28.62 -6.55 -23.92
CA LEU D 225 28.18 -6.86 -22.57
C LEU D 225 28.85 -6.00 -21.50
N ASP D 226 29.67 -5.02 -21.88
CA ASP D 226 30.48 -4.25 -20.94
C ASP D 226 29.71 -3.07 -20.37
N TYR D 227 29.46 -3.06 -19.06
CA TYR D 227 28.59 -2.02 -18.49
C TYR D 227 29.22 -0.63 -18.62
N LYS D 228 30.54 -0.55 -18.44
CA LYS D 228 31.18 0.76 -18.53
C LYS D 228 31.09 1.31 -19.95
N ILE D 229 31.16 0.44 -20.95
CA ILE D 229 30.93 0.89 -22.31
C ILE D 229 29.52 1.47 -22.42
N HIS D 230 28.55 0.72 -21.94
CA HIS D 230 27.17 1.16 -22.07
C HIS D 230 26.93 2.40 -21.25
N ASP D 231 27.43 2.43 -20.00
CA ASP D 231 27.19 3.59 -19.15
C ASP D 231 27.82 4.86 -19.73
N GLU D 232 29.08 4.77 -20.14
CA GLU D 232 29.70 6.02 -20.56
C GLU D 232 29.13 6.55 -21.88
N ASN D 233 28.47 5.69 -22.67
CA ASN D 233 27.81 6.09 -23.91
C ASN D 233 26.30 6.24 -23.76
N SER D 234 25.81 6.19 -22.53
CA SER D 234 24.40 6.44 -22.23
C SER D 234 23.49 5.52 -23.03
N SER D 235 23.92 4.27 -23.16
CA SER D 235 23.23 3.19 -23.86
C SER D 235 23.18 3.42 -25.37
N LEU D 236 24.00 4.30 -25.87
CA LEU D 236 24.12 4.56 -27.31
C LEU D 236 25.50 4.19 -27.81
N TYR D 237 26.12 3.15 -27.27
CA TYR D 237 27.41 2.75 -27.79
C TYR D 237 27.28 2.27 -29.24
N ASN D 238 26.40 1.31 -29.48
CA ASN D 238 26.03 0.89 -30.81
C ASN D 238 24.57 1.31 -31.01
N THR D 239 23.93 0.75 -32.03
CA THR D 239 22.53 1.10 -32.28
C THR D 239 21.63 0.46 -31.22
N PRO D 240 20.92 1.24 -30.42
CA PRO D 240 20.10 0.67 -29.34
C PRO D 240 18.79 0.14 -29.91
N PRO D 241 18.04 -0.67 -29.17
CA PRO D 241 16.71 -1.05 -29.65
C PRO D 241 15.74 0.12 -29.54
N CYS D 242 15.78 1.03 -30.52
CA CYS D 242 15.09 2.32 -30.37
C CYS D 242 13.60 2.15 -30.16
N PHE D 243 12.93 1.37 -31.03
CA PHE D 243 11.48 1.28 -30.89
C PHE D 243 11.07 0.64 -29.56
N GLY D 244 11.82 -0.34 -29.06
CA GLY D 244 11.46 -0.94 -27.78
C GLY D 244 11.65 0.01 -26.60
N ILE D 245 12.72 0.83 -26.65
CA ILE D 245 12.92 1.84 -25.60
C ILE D 245 11.77 2.83 -25.59
N TYR D 246 11.36 3.27 -26.77
CA TYR D 246 10.19 4.16 -26.92
C TYR D 246 8.95 3.54 -26.30
N MET D 247 8.69 2.24 -26.58
CA MET D 247 7.53 1.56 -26.00
C MET D 247 7.62 1.48 -24.48
N CYS D 248 8.81 1.18 -23.96
CA CYS D 248 9.01 1.19 -22.52
C CYS D 248 8.69 2.57 -21.96
N GLY D 249 9.16 3.63 -22.63
CA GLY D 249 8.81 4.97 -22.24
C GLY D 249 7.32 5.22 -22.15
N LEU D 250 6.57 4.76 -23.16
CA LEU D 250 5.12 4.94 -23.09
C LEU D 250 4.53 4.25 -21.86
N VAL D 251 4.99 3.04 -21.57
CA VAL D 251 4.49 2.27 -20.40
C VAL D 251 4.82 3.01 -19.09
N PHE D 252 6.07 3.48 -18.95
CA PHE D 252 6.48 4.20 -17.75
C PHE D 252 5.67 5.47 -17.54
N GLU D 253 5.52 6.27 -18.60
CA GLU D 253 4.70 7.47 -18.54
C GLU D 253 3.31 7.13 -18.03
N ASP D 254 2.74 6.03 -18.53
CA ASP D 254 1.37 5.69 -18.17
C ASP D 254 1.27 5.14 -16.76
N LEU D 255 2.28 4.43 -16.28
CA LEU D 255 2.30 4.01 -14.88
C LEU D 255 2.35 5.21 -13.94
N LEU D 256 3.07 6.27 -14.33
CA LEU D 256 3.07 7.50 -13.54
C LEU D 256 1.68 8.14 -13.51
N GLU D 257 0.97 8.04 -14.63
CA GLU D 257 -0.37 8.59 -14.75
C GLU D 257 -1.37 7.78 -13.95
N GLN D 258 -1.14 6.48 -13.80
CA GLN D 258 -1.98 5.69 -12.93
C GLN D 258 -1.77 6.02 -11.44
N GLY D 259 -0.80 6.86 -11.10
CA GLY D 259 -0.50 7.16 -9.71
C GLY D 259 0.77 6.54 -9.15
N GLY D 260 1.63 5.95 -9.98
CA GLY D 260 2.87 5.40 -9.47
C GLY D 260 2.73 4.00 -8.91
N LEU D 261 3.89 3.44 -8.53
CA LEU D 261 3.91 2.02 -8.18
C LEU D 261 3.11 1.67 -6.93
N LYS D 262 2.82 2.62 -6.06
CA LYS D 262 1.92 2.26 -4.94
C LYS D 262 0.52 1.94 -5.43
N GLU D 263 0.03 2.69 -6.43
CA GLU D 263 -1.28 2.36 -7.01
C GLU D 263 -1.22 1.11 -7.82
N VAL D 264 -0.13 0.93 -8.57
CA VAL D 264 0.01 -0.28 -9.36
C VAL D 264 -0.03 -1.49 -8.44
N GLU D 265 0.68 -1.41 -7.33
CA GLU D 265 0.73 -2.51 -6.37
C GLU D 265 -0.64 -2.83 -5.79
N LYS D 266 -1.41 -1.81 -5.42
CA LYS D 266 -2.76 -2.06 -4.91
C LYS D 266 -3.61 -2.84 -5.91
N LYS D 267 -3.55 -2.45 -7.19
CA LYS D 267 -4.37 -3.11 -8.20
C LYS D 267 -3.92 -4.55 -8.36
N ASN D 268 -2.59 -4.76 -8.40
CA ASN D 268 -2.04 -6.11 -8.53
C ASN D 268 -2.50 -6.98 -7.37
N GLN D 269 -2.40 -6.47 -6.16
CA GLN D 269 -2.82 -7.24 -4.98
C GLN D 269 -4.31 -7.57 -5.03
N ARG D 270 -5.14 -6.60 -5.36
CA ARG D 270 -6.57 -6.87 -5.44
C ARG D 270 -6.89 -7.96 -6.45
N LYS D 271 -6.37 -7.85 -7.69
CA LYS D 271 -6.72 -8.84 -8.70
C LYS D 271 -6.05 -10.18 -8.41
N ALA D 272 -4.82 -10.19 -7.89
CA ALA D 272 -4.23 -11.47 -7.48
C ALA D 272 -5.07 -12.14 -6.42
N ASP D 273 -5.55 -11.38 -5.46
CA ASP D 273 -6.35 -11.94 -4.37
C ASP D 273 -7.61 -12.65 -4.90
N LEU D 274 -8.20 -12.13 -5.97
CA LEU D 274 -9.42 -12.76 -6.50
C LEU D 274 -9.13 -14.17 -6.94
N LEU D 275 -7.99 -14.36 -7.59
CA LEU D 275 -7.65 -15.64 -8.19
C LEU D 275 -7.22 -16.62 -7.12
N TYR D 276 -6.33 -16.19 -6.21
CA TYR D 276 -5.89 -17.08 -5.14
C TYR D 276 -7.06 -17.49 -4.25
N ASN D 277 -7.99 -16.56 -3.99
CA ASN D 277 -9.14 -16.89 -3.17
C ASN D 277 -10.04 -17.91 -3.88
N ALA D 278 -10.26 -17.75 -5.18
CA ALA D 278 -11.02 -18.75 -5.93
C ALA D 278 -10.37 -20.11 -5.82
N ILE D 279 -9.04 -20.16 -5.89
CA ILE D 279 -8.36 -21.45 -5.77
C ILE D 279 -8.55 -22.01 -4.38
N GLU D 280 -8.38 -21.15 -3.37
CA GLU D 280 -8.48 -21.66 -2.01
C GLU D 280 -9.90 -22.08 -1.66
N GLU D 281 -10.89 -21.42 -2.23
CA GLU D 281 -12.28 -21.74 -1.97
C GLU D 281 -12.83 -22.90 -2.80
N SER D 282 -12.04 -23.48 -3.71
CA SER D 282 -12.47 -24.57 -4.60
C SER D 282 -12.50 -25.96 -3.91
N ASN D 283 -12.23 -26.06 -2.62
CA ASN D 283 -12.26 -27.34 -1.90
C ASN D 283 -11.26 -28.32 -2.52
N GLY D 284 -10.11 -27.82 -2.95
CA GLY D 284 -9.09 -28.66 -3.53
C GLY D 284 -9.24 -29.01 -5.00
N PHE D 285 -10.31 -28.54 -5.66
CA PHE D 285 -10.48 -28.82 -7.08
C PHE D 285 -9.36 -28.18 -7.89
N PHE D 286 -9.03 -26.93 -7.57
CA PHE D 286 -7.84 -26.25 -8.06
C PHE D 286 -6.85 -26.17 -6.93
N ARG D 287 -5.55 -26.26 -7.24
CA ARG D 287 -4.51 -26.23 -6.22
C ARG D 287 -3.38 -25.30 -6.62
N CYS D 288 -2.90 -24.53 -5.65
CA CYS D 288 -1.66 -23.77 -5.74
C CYS D 288 -0.64 -24.35 -4.78
N PRO D 289 0.53 -24.80 -5.25
CA PRO D 289 1.53 -25.40 -4.35
C PRO D 289 2.36 -24.40 -3.53
N VAL D 290 2.33 -23.12 -3.86
CA VAL D 290 3.30 -22.18 -3.30
C VAL D 290 2.89 -21.79 -1.89
N GLU D 291 3.87 -21.74 -1.01
CA GLU D 291 3.66 -21.27 0.36
C GLU D 291 3.02 -19.89 0.35
N LYS D 292 1.99 -19.74 1.18
CA LYS D 292 1.07 -18.60 1.08
C LYS D 292 1.80 -17.25 1.10
N SER D 293 2.81 -17.09 1.96
CA SER D 293 3.38 -15.75 2.15
C SER D 293 4.24 -15.31 0.97
N VAL D 294 4.64 -16.22 0.09
CA VAL D 294 5.49 -15.87 -1.03
C VAL D 294 4.80 -16.10 -2.37
N ARG D 295 3.48 -16.15 -2.37
CA ARG D 295 2.77 -16.31 -3.64
C ARG D 295 2.95 -15.07 -4.50
N SER D 296 3.34 -15.28 -5.75
CA SER D 296 3.55 -14.19 -6.68
C SER D 296 2.25 -13.44 -6.96
N LEU D 297 2.32 -12.12 -6.99
CA LEU D 297 1.21 -11.36 -7.57
C LEU D 297 1.21 -11.39 -9.10
N MET D 298 2.25 -11.90 -9.72
CA MET D 298 2.43 -11.74 -11.16
C MET D 298 2.14 -13.01 -11.95
N ASN D 299 2.57 -14.15 -11.42
CA ASN D 299 2.47 -15.44 -12.11
C ASN D 299 1.88 -16.43 -11.14
N VAL D 300 0.69 -16.92 -11.47
CA VAL D 300 -0.05 -17.82 -10.61
C VAL D 300 -0.10 -19.21 -11.21
N PRO D 301 0.78 -20.12 -10.83
CA PRO D 301 0.64 -21.51 -11.28
C PRO D 301 -0.38 -22.29 -10.44
N PHE D 302 -1.17 -23.11 -11.11
CA PHE D 302 -2.15 -23.89 -10.40
C PHE D 302 -2.47 -25.14 -11.22
N THR D 303 -2.94 -26.18 -10.53
CA THR D 303 -3.24 -27.46 -11.15
C THR D 303 -4.64 -27.88 -10.74
N LEU D 304 -5.16 -28.89 -11.43
CA LEU D 304 -6.41 -29.54 -11.09
C LEU D 304 -6.14 -30.81 -10.31
N GLU D 305 -7.05 -31.11 -9.37
CA GLU D 305 -7.02 -32.40 -8.68
C GLU D 305 -7.13 -33.57 -9.65
N LYS D 306 -8.02 -33.47 -10.63
CA LYS D 306 -8.06 -34.41 -11.76
C LYS D 306 -7.18 -33.85 -12.86
N SER D 307 -5.90 -34.20 -12.85
CA SER D 307 -4.98 -33.49 -13.73
C SER D 307 -5.28 -33.80 -15.19
N GLU D 308 -5.90 -34.94 -15.47
CA GLU D 308 -6.27 -35.28 -16.84
C GLU D 308 -7.29 -34.30 -17.42
N LEU D 309 -7.91 -33.42 -16.60
CA LEU D 309 -8.83 -32.40 -17.11
C LEU D 309 -8.14 -31.10 -17.52
N GLU D 310 -6.82 -31.00 -17.32
CA GLU D 310 -6.13 -29.76 -17.59
C GLU D 310 -6.19 -29.38 -19.07
N ALA D 311 -6.08 -30.35 -19.98
CA ALA D 311 -6.11 -30.00 -21.41
C ALA D 311 -7.46 -29.40 -21.80
N GLU D 312 -8.55 -29.97 -21.30
CA GLU D 312 -9.88 -29.45 -21.61
C GLU D 312 -10.07 -28.06 -21.02
N PHE D 313 -9.62 -27.87 -19.77
CA PHE D 313 -9.69 -26.56 -19.15
C PHE D 313 -9.08 -25.49 -20.02
N ILE D 314 -7.84 -25.72 -20.46
CA ILE D 314 -7.11 -24.73 -21.25
C ILE D 314 -7.80 -24.48 -22.57
N LYS D 315 -8.25 -25.55 -23.24
CA LYS D 315 -8.89 -25.39 -24.55
C LYS D 315 -10.19 -24.59 -24.42
N GLU D 316 -11.00 -24.90 -23.41
CA GLU D 316 -12.27 -24.20 -23.21
C GLU D 316 -12.09 -22.76 -22.74
N ALA D 317 -11.06 -22.47 -21.94
CA ALA D 317 -10.75 -21.08 -21.61
C ALA D 317 -10.42 -20.30 -22.88
N ALA D 318 -9.64 -20.92 -23.76
CA ALA D 318 -9.26 -20.26 -25.01
C ALA D 318 -10.48 -19.94 -25.86
N LYS D 319 -11.44 -20.87 -25.94
CA LYS D 319 -12.67 -20.58 -26.67
C LYS D 319 -13.40 -19.39 -26.09
N GLU D 320 -13.29 -19.18 -24.79
CA GLU D 320 -13.85 -18.02 -24.09
C GLU D 320 -12.91 -16.81 -24.07
N LYS D 321 -11.96 -16.75 -25.01
CA LYS D 321 -11.10 -15.57 -25.18
C LYS D 321 -10.19 -15.35 -23.98
N MET D 322 -9.77 -16.44 -23.32
CA MET D 322 -8.77 -16.40 -22.26
C MET D 322 -7.64 -17.33 -22.67
N VAL D 323 -6.54 -16.76 -23.16
CA VAL D 323 -5.55 -17.52 -23.89
C VAL D 323 -4.22 -17.50 -23.16
N GLN D 324 -3.38 -18.48 -23.52
CA GLN D 324 -2.04 -18.68 -23.00
C GLN D 324 -2.05 -18.98 -21.49
N LEU D 325 -3.00 -19.82 -21.05
CA LEU D 325 -3.07 -20.28 -19.66
C LEU D 325 -2.35 -21.60 -19.41
N LYS D 326 -1.84 -22.27 -20.43
CA LYS D 326 -1.06 -23.49 -20.17
C LYS D 326 0.19 -23.15 -19.37
N GLY D 327 0.56 -24.06 -18.47
CA GLY D 327 1.81 -23.88 -17.76
C GLY D 327 2.98 -23.78 -18.72
N HIS D 328 4.08 -23.18 -18.23
CA HIS D 328 5.34 -23.31 -18.93
C HIS D 328 5.61 -24.78 -19.21
N ARG D 329 6.17 -25.06 -20.41
CA ARG D 329 6.36 -26.42 -20.87
C ARG D 329 7.15 -27.26 -19.87
N SER D 330 8.01 -26.62 -19.06
CA SER D 330 8.86 -27.36 -18.12
C SER D 330 8.08 -27.92 -16.94
N VAL D 331 6.91 -27.37 -16.65
CA VAL D 331 6.12 -27.84 -15.51
C VAL D 331 4.72 -28.32 -15.91
N GLY D 332 4.19 -27.93 -17.06
CA GLY D 332 2.79 -28.28 -17.29
C GLY D 332 1.81 -27.51 -16.42
N GLY D 333 0.66 -28.14 -16.13
CA GLY D 333 -0.48 -27.53 -15.44
C GLY D 333 -0.94 -26.24 -16.11
N MET D 334 -1.52 -25.34 -15.32
CA MET D 334 -1.92 -24.01 -15.76
C MET D 334 -1.04 -22.92 -15.14
N ARG D 335 -0.98 -21.77 -15.79
CA ARG D 335 -0.32 -20.60 -15.18
C ARG D 335 -1.05 -19.36 -15.63
N ALA D 336 -1.66 -18.65 -14.70
CA ALA D 336 -2.26 -17.36 -15.01
C ALA D 336 -1.21 -16.28 -14.77
N SER D 337 -0.69 -15.69 -15.83
CA SER D 337 0.15 -14.52 -15.62
C SER D 337 -0.76 -13.30 -15.64
N ILE D 338 -0.63 -12.47 -14.60
CA ILE D 338 -1.54 -11.36 -14.39
C ILE D 338 -0.72 -10.11 -14.10
N TYR D 339 0.03 -9.68 -15.11
CA TYR D 339 0.93 -8.55 -15.01
C TYR D 339 0.16 -7.24 -14.77
N ASN D 340 0.91 -6.12 -14.65
CA ASN D 340 0.29 -4.81 -14.42
C ASN D 340 -0.88 -4.58 -15.36
N ALA D 341 -0.69 -4.84 -16.65
CA ALA D 341 -1.67 -4.41 -17.66
C ALA D 341 -2.81 -5.40 -17.89
N MET D 342 -2.84 -6.51 -17.19
CA MET D 342 -3.96 -7.45 -17.27
C MET D 342 -5.17 -6.77 -16.67
N PRO D 343 -6.24 -6.51 -17.44
CA PRO D 343 -7.44 -5.88 -16.87
C PRO D 343 -8.01 -6.65 -15.69
N LEU D 344 -8.51 -5.91 -14.70
CA LEU D 344 -9.27 -6.57 -13.63
C LEU D 344 -10.37 -7.46 -14.20
N ALA D 345 -11.01 -7.02 -15.28
CA ALA D 345 -12.09 -7.81 -15.87
C ALA D 345 -11.60 -9.15 -16.38
N GLY D 346 -10.32 -9.24 -16.78
CA GLY D 346 -9.80 -10.52 -17.24
C GLY D 346 -9.63 -11.50 -16.10
N VAL D 347 -9.18 -11.02 -14.95
CA VAL D 347 -9.08 -11.94 -13.81
C VAL D 347 -10.45 -12.36 -13.36
N GLU D 348 -11.39 -11.42 -13.31
CA GLU D 348 -12.76 -11.77 -12.95
C GLU D 348 -13.34 -12.80 -13.92
N LYS D 349 -13.08 -12.65 -15.22
CA LYS D 349 -13.62 -13.64 -16.17
C LYS D 349 -13.01 -15.01 -15.92
N LEU D 350 -11.70 -15.05 -15.65
CA LEU D 350 -11.05 -16.33 -15.36
C LEU D 350 -11.68 -16.98 -14.13
N VAL D 351 -11.90 -16.18 -13.07
CA VAL D 351 -12.44 -16.71 -11.82
C VAL D 351 -13.84 -17.26 -12.02
N ALA D 352 -14.71 -16.50 -12.67
CA ALA D 352 -16.04 -17.01 -13.02
C ALA D 352 -15.93 -18.28 -13.87
N PHE D 353 -14.98 -18.31 -14.82
CA PHE D 353 -14.83 -19.49 -15.66
C PHE D 353 -14.44 -20.69 -14.81
N MET D 354 -13.57 -20.47 -13.82
CA MET D 354 -13.12 -21.57 -12.97
C MET D 354 -14.28 -22.13 -12.15
N LYS D 355 -15.16 -21.28 -11.62
CA LYS D 355 -16.30 -21.80 -10.88
C LYS D 355 -17.23 -22.58 -11.80
N ASP D 356 -17.39 -22.10 -13.03
CA ASP D 356 -18.27 -22.81 -13.96
C ASP D 356 -17.70 -24.16 -14.30
N PHE D 357 -16.40 -24.21 -14.59
CA PHE D 357 -15.74 -25.48 -14.92
C PHE D 357 -15.85 -26.48 -13.79
N GLN D 358 -15.64 -26.05 -12.54
CA GLN D 358 -15.73 -26.97 -11.41
C GLN D 358 -17.13 -27.54 -11.27
N ALA D 359 -18.14 -26.67 -11.35
CA ALA D 359 -19.51 -27.13 -11.24
C ALA D 359 -19.84 -28.21 -12.26
N LYS D 360 -19.20 -28.15 -13.43
CA LYS D 360 -19.48 -29.04 -14.55
C LYS D 360 -18.67 -30.33 -14.51
N HIS D 361 -17.66 -30.42 -13.66
CA HIS D 361 -16.86 -31.63 -13.52
C HIS D 361 -16.82 -32.06 -12.08
N ALA D 362 -17.94 -31.89 -11.40
CA ALA D 362 -18.12 -32.39 -10.05
C ALA D 362 -18.06 -33.91 -10.02
#